data_1G5G
#
_entry.id   1G5G
#
_cell.length_a   134.39
_cell.length_b   308.33
_cell.length_c   243.00
_cell.angle_alpha   90.0
_cell.angle_beta   90.0
_cell.angle_gamma   90.0
#
_symmetry.space_group_name_H-M   'C 2 2 21'
#
loop_
_entity.id
_entity.type
_entity.pdbx_description
1 polymer 'Fusion glycoprotein F0'
2 branched 2-acetamido-2-deoxy-beta-D-glucopyranose-(1-4)-2-acetamido-2-deoxy-beta-D-glucopyranose
3 branched beta-D-mannopyranose-(1-4)-2-acetamido-2-deoxy-beta-D-glucopyranose-(1-4)-2-acetamido-2-deoxy-beta-D-glucopyranose
4 non-polymer 2-acetamido-2-deoxy-beta-D-glucopyranose
#
_entity_poly.entity_id   1
_entity_poly.type   'polypeptide(L)'
_entity_poly.pdbx_seq_one_letter_code
;LDGRPLAAAGIVVTGDKAVNIYTSSQTGSIIIKLLPNMPKDKEACAKAPLEAYNRTLTTLLTPLGDSIRRIQESVTTSGG
GKQGRLIGAIIGGVALGVATAAQITAASALIQANQNAANILRLKESIAATNEAVHEVTNGLSQLAVAVGKMQQFVNDQFN
KTAQELDCIKITQQVGVELNLYLTELTTVFGPQITSPALTQLTIQALYNLAGGNMDYLLTKLGVGNNQLSSLISSGLITG
NPILYDSQTQLLGIQVTLPSVGNLNNMRATYLETLSVSTTKGFASALVPKVVTQVGSVIEELDTSYCIETDLDLYCTRIV
TFPMSPGIYSCLSGNTSACMYSKTEGALTTPYMTLKGSVIANCKMTTCRCADPPGIISQNYGEAVSLIDRQSCNILSLDG
ITLRLSGEFDATYQKNISIQDSQVIVTGNLDISTELGNVNNSISNALDKLEESNSKLDKVNVKLTSTSSREQKLISEEDL
N
;
_entity_poly.pdbx_strand_id   A,B,C,D,E,F
#
loop_
_chem_comp.id
_chem_comp.type
_chem_comp.name
_chem_comp.formula
BMA D-saccharide, beta linking beta-D-mannopyranose 'C6 H12 O6'
NAG D-saccharide, beta linking 2-acetamido-2-deoxy-beta-D-glucopyranose 'C8 H15 N O6'
#
# COMPACT_ATOMS: atom_id res chain seq x y z
N ASP A 2 9.74 18.30 52.74
CA ASP A 2 10.42 17.11 53.20
C ASP A 2 11.79 17.40 53.84
N GLY A 3 12.43 18.49 53.43
CA GLY A 3 13.74 18.83 53.96
C GLY A 3 14.80 17.90 53.38
N ARG A 4 16.01 17.92 53.94
CA ARG A 4 17.06 17.05 53.42
C ARG A 4 17.84 16.22 54.43
N PRO A 5 17.17 15.71 55.49
CA PRO A 5 17.92 14.90 56.42
C PRO A 5 18.08 13.61 55.65
N LEU A 6 17.11 13.35 54.77
CA LEU A 6 17.12 12.16 53.93
C LEU A 6 18.21 12.24 52.87
N ALA A 7 18.91 13.37 52.83
CA ALA A 7 20.02 13.55 51.89
C ALA A 7 21.06 12.52 52.32
N ALA A 8 21.24 12.40 53.62
CA ALA A 8 22.18 11.46 54.19
C ALA A 8 21.75 10.02 53.89
N ALA A 9 20.49 9.84 53.52
CA ALA A 9 20.00 8.51 53.20
C ALA A 9 20.17 8.19 51.72
N GLY A 10 20.67 9.16 50.95
CA GLY A 10 20.86 8.95 49.52
C GLY A 10 19.70 9.50 48.68
N ILE A 11 18.72 10.07 49.37
CA ILE A 11 17.57 10.66 48.69
C ILE A 11 17.84 12.14 48.45
N VAL A 12 17.98 12.51 47.18
CA VAL A 12 18.24 13.91 46.82
C VAL A 12 16.96 14.52 46.26
N VAL A 13 16.60 15.70 46.74
CA VAL A 13 15.37 16.37 46.26
C VAL A 13 15.66 17.26 45.04
N THR A 14 15.30 16.79 43.85
CA THR A 14 15.55 17.57 42.63
C THR A 14 14.61 18.75 42.50
N GLY A 15 13.37 18.58 42.92
CA GLY A 15 12.47 19.70 42.80
C GLY A 15 11.16 19.63 43.56
N ASP A 16 10.67 20.80 43.91
CA ASP A 16 9.43 20.93 44.66
C ASP A 16 8.57 21.87 43.85
N LYS A 17 7.30 21.52 43.64
CA LYS A 17 6.42 22.37 42.83
C LYS A 17 4.98 22.42 43.32
N ALA A 18 4.27 23.49 42.94
CA ALA A 18 2.86 23.66 43.30
C ALA A 18 1.99 22.82 42.35
N VAL A 19 0.72 22.63 42.65
CA VAL A 19 -0.14 21.85 41.76
C VAL A 19 -1.46 22.57 41.48
N ASN A 20 -1.94 22.50 40.24
CA ASN A 20 -3.21 23.16 39.89
C ASN A 20 -3.98 22.33 38.88
N ILE A 21 -5.32 22.44 38.93
CA ILE A 21 -6.19 21.78 37.96
C ILE A 21 -6.56 22.90 36.98
N TYR A 22 -6.73 22.57 35.72
CA TYR A 22 -7.05 23.59 34.73
C TYR A 22 -8.00 23.02 33.69
N THR A 23 -8.56 23.93 32.90
CA THR A 23 -9.46 23.57 31.80
C THR A 23 -9.35 24.59 30.69
N SER A 24 -9.26 24.09 29.46
CA SER A 24 -9.15 24.98 28.31
C SER A 24 -10.56 25.34 27.85
N SER A 25 -11.28 26.00 28.75
CA SER A 25 -12.66 26.41 28.52
C SER A 25 -12.81 27.84 28.02
N GLN A 26 -12.19 28.80 28.69
CA GLN A 26 -12.31 30.19 28.26
C GLN A 26 -11.89 30.29 26.81
N THR A 27 -12.14 31.45 26.20
CA THR A 27 -11.80 31.65 24.79
C THR A 27 -11.84 33.13 24.44
N GLY A 28 -11.35 33.48 23.26
CA GLY A 28 -11.35 34.86 22.84
C GLY A 28 -10.95 35.01 21.38
N SER A 29 -11.11 36.20 20.83
CA SER A 29 -10.74 36.44 19.44
C SER A 29 -10.06 37.77 19.25
N ILE A 30 -9.04 37.75 18.42
CA ILE A 30 -8.26 38.92 18.11
C ILE A 30 -8.43 39.12 16.60
N ILE A 31 -8.94 40.29 16.23
CA ILE A 31 -9.15 40.62 14.83
C ILE A 31 -8.17 41.71 14.41
N ILE A 32 -7.21 41.29 13.60
CA ILE A 32 -6.15 42.16 13.11
C ILE A 32 -6.56 42.93 11.86
N LYS A 33 -6.19 44.21 11.83
CA LYS A 33 -6.46 45.10 10.71
C LYS A 33 -5.13 45.40 9.98
N LEU A 34 -4.81 44.54 9.01
CA LEU A 34 -3.57 44.62 8.23
C LEU A 34 -3.21 45.93 7.53
N LEU A 35 -4.21 46.65 7.00
CA LEU A 35 -3.95 47.95 6.36
C LEU A 35 -4.22 48.98 7.45
N PRO A 36 -3.20 49.75 7.85
CA PRO A 36 -3.40 50.75 8.91
C PRO A 36 -4.39 51.84 8.52
N ASN A 37 -4.92 52.54 9.53
CA ASN A 37 -5.89 53.60 9.30
C ASN A 37 -5.17 54.89 8.83
N MET A 38 -5.27 55.15 7.53
CA MET A 38 -4.66 56.30 6.88
C MET A 38 -5.43 57.62 7.05
N PRO A 39 -4.73 58.75 6.91
CA PRO A 39 -5.35 60.07 7.03
C PRO A 39 -6.24 60.35 5.80
N LYS A 40 -7.16 61.30 5.92
CA LYS A 40 -8.07 61.66 4.83
C LYS A 40 -7.41 62.36 3.64
N ASP A 41 -7.53 61.74 2.47
CA ASP A 41 -7.05 62.26 1.20
C ASP A 41 -5.63 62.69 0.95
N LYS A 42 -4.67 62.64 1.85
CA LYS A 42 -3.36 63.06 1.41
C LYS A 42 -2.64 61.82 0.88
N GLU A 43 -3.47 61.03 0.20
CA GLU A 43 -3.11 59.75 -0.41
C GLU A 43 -2.43 59.70 -1.76
N ALA A 44 -2.75 60.63 -2.65
CA ALA A 44 -2.14 60.64 -3.99
C ALA A 44 -0.66 60.28 -3.82
N CYS A 45 -0.04 60.86 -2.79
CA CYS A 45 1.37 60.60 -2.50
C CYS A 45 1.57 59.22 -1.87
N ALA A 46 0.77 58.94 -0.84
CA ALA A 46 0.82 57.66 -0.11
C ALA A 46 0.45 56.42 -0.92
N LYS A 47 -0.23 56.62 -2.04
CA LYS A 47 -0.64 55.50 -2.88
C LYS A 47 0.53 54.63 -3.33
N ALA A 48 1.67 55.26 -3.59
CA ALA A 48 2.85 54.51 -4.05
C ALA A 48 3.33 53.39 -3.12
N PRO A 49 3.74 53.71 -1.88
CA PRO A 49 4.21 52.70 -0.92
C PRO A 49 3.10 51.75 -0.51
N LEU A 50 1.93 52.31 -0.22
CA LEU A 50 0.80 51.49 0.19
C LEU A 50 0.60 50.34 -0.78
N GLU A 51 0.75 50.60 -2.07
CA GLU A 51 0.60 49.56 -3.08
C GLU A 51 1.62 48.44 -2.82
N ALA A 52 2.89 48.80 -2.74
CA ALA A 52 3.97 47.84 -2.50
C ALA A 52 3.64 47.00 -1.27
N TYR A 53 3.23 47.69 -0.20
CA TYR A 53 2.87 47.07 1.08
C TYR A 53 1.67 46.13 0.92
N ASN A 54 0.56 46.67 0.47
CA ASN A 54 -0.64 45.89 0.29
C ASN A 54 -0.40 44.72 -0.67
N ARG A 55 0.71 44.75 -1.37
CA ARG A 55 1.03 43.68 -2.29
C ARG A 55 1.69 42.52 -1.53
N THR A 56 2.83 42.81 -0.87
CA THR A 56 3.55 41.80 -0.11
C THR A 56 2.54 41.22 0.87
N LEU A 57 1.71 42.10 1.42
CA LEU A 57 0.72 41.64 2.37
C LEU A 57 0.02 40.42 1.81
N THR A 58 -0.58 40.53 0.62
CA THR A 58 -1.27 39.35 0.08
C THR A 58 -0.29 38.29 -0.41
N THR A 59 0.93 38.70 -0.74
CA THR A 59 1.92 37.70 -1.18
C THR A 59 2.22 36.79 0.02
N LEU A 60 2.16 37.39 1.20
CA LEU A 60 2.41 36.70 2.45
C LEU A 60 1.23 35.85 2.88
N LEU A 61 0.15 36.51 3.30
CA LEU A 61 -1.04 35.84 3.81
C LEU A 61 -1.83 34.90 2.89
N THR A 62 -1.76 35.08 1.59
CA THR A 62 -2.53 34.21 0.69
C THR A 62 -2.48 32.73 1.05
N PRO A 63 -1.28 32.12 1.11
CA PRO A 63 -1.24 30.70 1.46
C PRO A 63 -1.93 30.41 2.80
N LEU A 64 -1.58 31.19 3.82
CA LEU A 64 -2.18 31.00 5.14
C LEU A 64 -3.68 30.99 5.00
N GLY A 65 -4.19 31.87 4.16
CA GLY A 65 -5.62 31.90 3.95
C GLY A 65 -6.10 30.58 3.37
N ASP A 66 -5.56 30.23 2.19
CA ASP A 66 -5.92 28.99 1.50
C ASP A 66 -6.01 27.80 2.46
N SER A 67 -4.93 27.54 3.20
CA SER A 67 -4.93 26.45 4.15
C SER A 67 -6.16 26.59 5.05
N ILE A 68 -6.33 27.75 5.67
CA ILE A 68 -7.46 27.96 6.54
C ILE A 68 -8.75 27.44 5.91
N ARG A 69 -8.86 27.62 4.61
CA ARG A 69 -10.04 27.17 3.88
C ARG A 69 -10.08 25.64 3.86
N ARG A 70 -9.03 25.05 3.30
CA ARG A 70 -8.91 23.59 3.20
C ARG A 70 -9.20 22.87 4.51
N ILE A 71 -8.72 23.41 5.61
CA ILE A 71 -8.95 22.80 6.90
C ILE A 71 -10.43 22.93 7.26
N GLN A 72 -10.95 24.15 7.19
CA GLN A 72 -12.34 24.43 7.53
C GLN A 72 -13.38 23.66 6.72
N GLU A 73 -13.04 23.29 5.49
CA GLU A 73 -13.93 22.52 4.63
C GLU A 73 -14.24 21.17 5.26
N SER A 74 -13.24 20.60 5.93
CA SER A 74 -13.37 19.30 6.60
C SER A 74 -14.17 19.33 7.90
N GLY A 140 14.94 96.77 -26.95
CA GLY A 140 13.55 97.19 -26.89
C GLY A 140 13.03 97.16 -25.48
N LEU A 141 13.23 98.25 -24.74
CA LEU A 141 12.78 98.33 -23.36
C LEU A 141 11.33 97.86 -23.17
N SER A 142 10.44 98.27 -24.07
CA SER A 142 9.05 97.83 -23.98
C SER A 142 8.95 96.34 -24.31
N GLN A 143 9.60 95.95 -25.41
CA GLN A 143 9.63 94.57 -25.87
C GLN A 143 10.28 93.64 -24.83
N LEU A 144 11.53 93.94 -24.48
CA LEU A 144 12.29 93.15 -23.50
C LEU A 144 11.63 93.13 -22.12
N ALA A 145 10.95 94.20 -21.75
CA ALA A 145 10.26 94.26 -20.46
C ALA A 145 9.31 93.06 -20.39
N VAL A 146 8.88 92.59 -21.55
CA VAL A 146 7.98 91.44 -21.66
C VAL A 146 8.70 90.22 -21.08
N ALA A 147 10.02 90.18 -21.30
CA ALA A 147 10.82 89.07 -20.79
C ALA A 147 10.60 88.98 -19.28
N VAL A 148 10.93 90.04 -18.56
CA VAL A 148 10.75 90.07 -17.12
C VAL A 148 9.32 89.68 -16.75
N GLY A 149 8.39 90.00 -17.63
CA GLY A 149 7.01 89.65 -17.37
C GLY A 149 6.83 88.14 -17.32
N LYS A 150 7.20 87.47 -18.41
CA LYS A 150 7.12 86.01 -18.52
C LYS A 150 8.11 85.31 -17.60
N MET A 151 9.41 85.51 -17.87
CA MET A 151 10.44 84.89 -17.05
C MET A 151 10.04 84.92 -15.57
N GLN A 152 9.65 86.08 -15.05
CA GLN A 152 9.25 86.18 -13.64
C GLN A 152 8.05 85.29 -13.27
N GLN A 153 6.93 85.43 -13.96
CA GLN A 153 5.75 84.63 -13.66
C GLN A 153 6.11 83.15 -13.78
N PHE A 154 6.93 82.85 -14.78
CA PHE A 154 7.36 81.49 -15.05
C PHE A 154 8.05 80.83 -13.86
N VAL A 155 9.17 81.40 -13.42
CA VAL A 155 9.88 80.80 -12.29
C VAL A 155 8.94 80.59 -11.12
N ASN A 156 8.01 81.53 -10.93
CA ASN A 156 7.06 81.38 -9.84
C ASN A 156 6.28 80.07 -10.00
N ASP A 157 5.73 79.84 -11.19
CA ASP A 157 4.99 78.62 -11.47
C ASP A 157 5.90 77.39 -11.26
N GLN A 158 7.09 77.45 -11.86
CA GLN A 158 8.04 76.35 -11.74
C GLN A 158 8.36 76.05 -10.28
N PHE A 159 8.88 77.06 -9.57
CA PHE A 159 9.22 76.89 -8.15
C PHE A 159 8.04 76.37 -7.37
N ASN A 160 6.83 76.75 -7.77
CA ASN A 160 5.64 76.28 -7.08
C ASN A 160 5.42 74.80 -7.34
N LYS A 161 5.64 74.38 -8.59
CA LYS A 161 5.51 72.98 -8.92
C LYS A 161 6.48 72.28 -7.97
N THR A 162 7.75 72.67 -8.06
CA THR A 162 8.81 72.12 -7.24
C THR A 162 8.42 72.27 -5.77
N ALA A 163 7.71 73.33 -5.45
CA ALA A 163 7.29 73.56 -4.08
C ALA A 163 6.56 72.34 -3.56
N GLN A 164 5.41 72.04 -4.16
CA GLN A 164 4.63 70.90 -3.72
C GLN A 164 5.22 69.57 -4.20
N GLU A 165 6.07 69.60 -5.23
CA GLU A 165 6.69 68.37 -5.70
C GLU A 165 7.59 67.82 -4.63
N LEU A 166 8.01 68.68 -3.70
CA LEU A 166 8.87 68.30 -2.60
C LEU A 166 8.04 67.84 -1.42
N ASP A 167 6.75 68.15 -1.46
CA ASP A 167 5.87 67.74 -0.38
C ASP A 167 5.48 66.28 -0.50
N CYS A 168 4.98 65.87 -1.66
CA CYS A 168 4.60 64.48 -1.90
C CYS A 168 5.74 63.58 -1.43
N ILE A 169 6.92 63.83 -1.98
CA ILE A 169 8.11 63.07 -1.63
C ILE A 169 8.25 63.06 -0.11
N LYS A 170 8.31 64.24 0.47
CA LYS A 170 8.44 64.35 1.90
C LYS A 170 7.37 63.54 2.63
N ILE A 171 6.17 63.49 2.07
CA ILE A 171 5.08 62.77 2.72
C ILE A 171 5.10 61.26 2.48
N THR A 172 5.38 60.82 1.24
CA THR A 172 5.43 59.38 0.95
C THR A 172 6.60 58.78 1.73
N GLN A 173 7.65 59.59 1.87
CA GLN A 173 8.85 59.20 2.58
C GLN A 173 8.48 58.67 3.94
N GLN A 174 7.63 59.41 4.64
CA GLN A 174 7.17 59.07 5.98
C GLN A 174 6.13 57.95 6.03
N VAL A 175 5.19 57.94 5.09
CA VAL A 175 4.16 56.91 5.05
C VAL A 175 4.76 55.52 4.82
N GLY A 176 5.76 55.45 3.93
CA GLY A 176 6.41 54.19 3.66
C GLY A 176 7.09 53.63 4.90
N VAL A 177 7.91 54.45 5.55
CA VAL A 177 8.60 54.02 6.74
C VAL A 177 7.59 53.53 7.78
N GLU A 178 6.57 54.33 8.04
CA GLU A 178 5.56 53.94 9.03
C GLU A 178 4.87 52.66 8.56
N LEU A 179 4.60 52.58 7.27
CA LEU A 179 3.96 51.42 6.69
C LEU A 179 4.84 50.19 6.89
N ASN A 180 6.15 50.35 6.68
CA ASN A 180 7.12 49.27 6.83
C ASN A 180 7.27 48.83 8.26
N LEU A 181 7.34 49.77 9.18
CA LEU A 181 7.47 49.44 10.59
C LEU A 181 6.32 48.52 10.99
N TYR A 182 5.10 48.89 10.59
CA TYR A 182 3.92 48.10 10.92
C TYR A 182 4.02 46.62 10.51
N LEU A 183 4.47 46.32 9.29
CA LEU A 183 4.60 44.94 8.85
C LEU A 183 5.51 44.10 9.75
N THR A 184 6.71 44.59 10.04
CA THR A 184 7.60 43.85 10.91
C THR A 184 6.99 43.81 12.32
N GLU A 185 6.33 44.88 12.73
CA GLU A 185 5.69 44.87 14.06
C GLU A 185 4.67 43.73 14.04
N LEU A 186 3.87 43.73 12.99
CA LEU A 186 2.80 42.77 12.81
C LEU A 186 3.34 41.35 12.81
N THR A 187 4.30 41.07 11.95
CA THR A 187 4.85 39.72 11.91
C THR A 187 5.49 39.36 13.26
N THR A 188 6.14 40.31 13.92
CA THR A 188 6.75 40.01 15.21
C THR A 188 5.71 39.53 16.21
N VAL A 189 4.61 40.26 16.29
CA VAL A 189 3.54 39.93 17.24
C VAL A 189 2.70 38.67 16.93
N PHE A 190 2.15 38.56 15.72
CA PHE A 190 1.34 37.40 15.38
C PHE A 190 2.09 36.44 14.46
N GLY A 191 3.42 36.40 14.61
CA GLY A 191 4.22 35.55 13.76
C GLY A 191 3.71 34.12 13.67
N PRO A 192 3.57 33.45 14.81
CA PRO A 192 3.10 32.07 14.88
C PRO A 192 1.84 31.87 14.06
N GLN A 193 0.83 32.66 14.40
CA GLN A 193 -0.44 32.57 13.70
C GLN A 193 -0.30 32.88 12.20
N ILE A 194 0.39 33.96 11.86
CA ILE A 194 0.55 34.31 10.45
C ILE A 194 1.18 33.16 9.69
N THR A 195 2.09 32.46 10.37
CA THR A 195 2.83 31.39 9.74
C THR A 195 2.32 29.91 9.71
N SER A 196 1.27 29.59 10.49
CA SER A 196 0.69 28.24 10.51
C SER A 196 -0.77 28.18 11.00
N PRO A 197 -1.59 27.32 10.35
CA PRO A 197 -3.03 27.08 10.59
C PRO A 197 -3.39 26.43 11.89
N ALA A 198 -2.46 25.67 12.46
CA ALA A 198 -2.70 24.98 13.73
C ALA A 198 -2.60 25.88 14.95
N LEU A 199 -2.71 25.27 16.11
CA LEU A 199 -2.60 26.06 17.34
C LEU A 199 -1.14 26.47 17.49
N THR A 200 -0.90 27.53 18.26
CA THR A 200 0.45 28.00 18.46
C THR A 200 0.50 28.85 19.69
N GLN A 201 1.67 28.94 20.30
CA GLN A 201 1.81 29.74 21.51
C GLN A 201 1.49 31.17 21.12
N LEU A 202 1.02 31.96 22.07
CA LEU A 202 0.69 33.37 21.80
C LEU A 202 1.81 34.22 22.34
N THR A 203 2.24 35.21 21.55
CA THR A 203 3.33 36.08 21.98
C THR A 203 2.86 36.89 23.17
N ILE A 204 3.80 37.31 24.00
CA ILE A 204 3.42 38.07 25.18
C ILE A 204 2.70 39.31 24.73
N GLN A 205 3.05 39.82 23.55
CA GLN A 205 2.37 41.00 23.05
C GLN A 205 0.91 40.68 22.80
N ALA A 206 0.65 39.65 21.99
CA ALA A 206 -0.72 39.26 21.67
C ALA A 206 -1.63 39.17 22.89
N LEU A 207 -1.23 38.37 23.87
CA LEU A 207 -2.04 38.22 25.08
C LEU A 207 -2.37 39.62 25.60
N TYR A 208 -1.34 40.39 25.94
CA TYR A 208 -1.52 41.74 26.47
C TYR A 208 -2.61 42.51 25.71
N ASN A 209 -2.42 42.69 24.40
CA ASN A 209 -3.41 43.38 23.56
C ASN A 209 -4.78 42.79 23.88
N LEU A 210 -4.87 41.47 23.83
CA LEU A 210 -6.11 40.76 24.10
C LEU A 210 -6.68 41.19 25.45
N ALA A 211 -5.84 41.39 26.44
CA ALA A 211 -6.33 41.82 27.75
C ALA A 211 -6.35 43.35 27.81
N GLY A 212 -6.49 43.97 26.66
CA GLY A 212 -6.54 45.42 26.61
C GLY A 212 -5.62 46.09 27.60
N GLY A 213 -4.34 45.72 27.59
CA GLY A 213 -3.40 46.34 28.50
C GLY A 213 -3.66 46.12 29.98
N ASN A 214 -4.87 45.69 30.32
CA ASN A 214 -5.19 45.44 31.70
C ASN A 214 -4.92 43.98 32.06
N MET A 215 -3.65 43.65 32.23
CA MET A 215 -3.23 42.29 32.57
C MET A 215 -3.82 41.81 33.90
N ASP A 216 -3.84 42.69 34.89
CA ASP A 216 -4.39 42.30 36.18
C ASP A 216 -5.75 41.69 36.05
N TYR A 217 -6.55 42.27 35.16
CA TYR A 217 -7.88 41.77 34.93
C TYR A 217 -7.87 40.34 34.37
N LEU A 218 -7.21 40.17 33.23
CA LEU A 218 -7.14 38.87 32.55
C LEU A 218 -6.76 37.69 33.44
N LEU A 219 -5.59 37.76 34.08
CA LEU A 219 -5.14 36.68 34.95
C LEU A 219 -6.23 36.32 35.98
N THR A 220 -6.76 37.35 36.63
CA THR A 220 -7.78 37.11 37.63
C THR A 220 -8.88 36.23 37.01
N LYS A 221 -9.20 36.51 35.74
CA LYS A 221 -10.22 35.73 35.04
C LYS A 221 -9.67 34.34 34.76
N LEU A 222 -8.37 34.28 34.46
CA LEU A 222 -7.72 33.02 34.15
C LEU A 222 -7.54 32.15 35.39
N GLY A 223 -7.32 32.79 36.54
CA GLY A 223 -7.18 32.01 37.75
C GLY A 223 -5.86 32.14 38.46
N VAL A 224 -4.79 32.33 37.70
CA VAL A 224 -3.46 32.47 38.29
C VAL A 224 -3.18 33.89 38.76
N GLY A 225 -2.14 34.03 39.58
CA GLY A 225 -1.73 35.34 40.06
C GLY A 225 -0.46 35.70 39.29
N ASN A 226 0.13 36.85 39.55
CA ASN A 226 1.35 37.23 38.84
C ASN A 226 2.42 36.15 38.98
N ASN A 227 2.58 35.64 40.20
CA ASN A 227 3.56 34.61 40.48
C ASN A 227 3.26 33.31 39.73
N GLN A 228 2.59 33.42 38.60
CA GLN A 228 2.25 32.24 37.81
C GLN A 228 2.14 32.63 36.34
N LEU A 229 2.56 33.85 36.04
CA LEU A 229 2.49 34.34 34.67
C LEU A 229 3.47 33.62 33.75
N SER A 230 4.78 33.72 34.04
CA SER A 230 5.80 33.07 33.23
C SER A 230 5.47 31.59 33.17
N SER A 231 5.25 31.02 34.35
CA SER A 231 4.89 29.62 34.47
C SER A 231 3.78 29.28 33.47
N LEU A 232 2.69 30.04 33.56
CA LEU A 232 1.56 29.84 32.67
C LEU A 232 2.03 29.92 31.21
N ILE A 233 2.71 31.03 30.89
CA ILE A 233 3.21 31.27 29.53
C ILE A 233 3.97 30.07 28.98
N SER A 234 5.01 29.66 29.69
CA SER A 234 5.82 28.52 29.25
C SER A 234 5.01 27.22 29.22
N SER A 235 3.99 27.13 30.05
CA SER A 235 3.14 25.94 30.08
C SER A 235 2.68 25.58 28.67
N GLY A 236 2.44 26.61 27.86
CA GLY A 236 1.98 26.45 26.48
C GLY A 236 0.49 26.16 26.37
N LEU A 237 -0.27 26.55 27.39
CA LEU A 237 -1.73 26.36 27.45
C LEU A 237 -2.51 27.43 26.70
N ILE A 238 -2.02 28.66 26.75
CA ILE A 238 -2.65 29.79 26.05
C ILE A 238 -2.24 29.79 24.57
N THR A 239 -3.02 29.15 23.70
CA THR A 239 -2.68 29.10 22.28
C THR A 239 -3.72 29.76 21.39
N GLY A 240 -3.34 30.00 20.13
CA GLY A 240 -4.27 30.63 19.21
C GLY A 240 -4.08 30.17 17.79
N ASN A 241 -5.03 30.50 16.90
CA ASN A 241 -4.92 30.10 15.50
C ASN A 241 -5.77 30.95 14.55
N PRO A 242 -5.30 31.12 13.29
CA PRO A 242 -5.97 31.89 12.24
C PRO A 242 -7.19 31.17 11.70
N ILE A 243 -8.35 31.81 11.83
CA ILE A 243 -9.61 31.22 11.37
C ILE A 243 -10.25 32.03 10.27
N LEU A 244 -9.65 33.18 9.97
CA LEU A 244 -10.23 34.03 8.94
C LEU A 244 -9.25 35.01 8.30
N TYR A 245 -9.38 35.19 7.00
CA TYR A 245 -8.54 36.10 6.26
C TYR A 245 -9.28 36.71 5.10
N ASP A 246 -9.72 37.96 5.29
CA ASP A 246 -10.43 38.72 4.26
C ASP A 246 -9.38 39.31 3.30
N SER A 247 -9.05 38.60 2.23
CA SER A 247 -8.03 39.10 1.31
C SER A 247 -8.30 40.51 0.77
N GLN A 248 -9.57 40.84 0.55
CA GLN A 248 -9.96 42.17 0.03
C GLN A 248 -9.85 43.32 1.04
N THR A 249 -10.42 43.13 2.23
CA THR A 249 -10.35 44.15 3.26
C THR A 249 -9.00 44.07 4.00
N GLN A 250 -8.27 42.98 3.78
CA GLN A 250 -6.98 42.75 4.45
C GLN A 250 -7.24 42.69 5.96
N LEU A 251 -8.01 41.67 6.33
CA LEU A 251 -8.40 41.45 7.71
C LEU A 251 -8.00 40.04 8.13
N LEU A 252 -7.47 39.91 9.34
CA LEU A 252 -7.03 38.61 9.88
C LEU A 252 -7.74 38.28 11.21
N GLY A 253 -8.38 37.12 11.24
CA GLY A 253 -9.10 36.67 12.42
C GLY A 253 -8.42 35.52 13.18
N ILE A 254 -7.87 35.83 14.34
CA ILE A 254 -7.21 34.86 15.18
C ILE A 254 -8.15 34.45 16.31
N GLN A 255 -8.07 33.19 16.70
CA GLN A 255 -8.92 32.70 17.77
C GLN A 255 -8.14 32.14 18.94
N VAL A 256 -7.91 32.97 19.94
CA VAL A 256 -7.20 32.55 21.13
C VAL A 256 -7.99 31.51 21.94
N THR A 257 -7.31 30.85 22.87
CA THR A 257 -7.92 29.84 23.74
C THR A 257 -7.23 29.86 25.09
N LEU A 258 -7.85 30.47 26.07
CA LEU A 258 -7.24 30.52 27.38
C LEU A 258 -7.74 29.41 28.28
N PRO A 259 -6.96 29.06 29.31
CA PRO A 259 -7.33 28.01 30.27
C PRO A 259 -7.92 28.65 31.53
N SER A 260 -8.50 27.81 32.38
CA SER A 260 -9.06 28.32 33.62
C SER A 260 -8.40 27.51 34.70
N VAL A 261 -7.23 27.98 35.15
CA VAL A 261 -6.47 27.28 36.17
C VAL A 261 -7.08 27.49 37.55
N GLY A 262 -7.21 26.39 38.28
CA GLY A 262 -7.78 26.43 39.61
C GLY A 262 -6.76 25.77 40.52
N ASN A 263 -5.93 26.61 41.13
CA ASN A 263 -4.86 26.12 41.99
C ASN A 263 -5.34 25.38 43.23
N LEU A 264 -4.90 24.12 43.39
CA LEU A 264 -5.27 23.34 44.56
C LEU A 264 -4.58 24.05 45.70
N ASN A 265 -4.64 23.52 46.90
CA ASN A 265 -3.98 24.26 47.95
C ASN A 265 -3.19 23.48 48.98
N ASN A 266 -2.07 24.08 49.37
CA ASN A 266 -1.18 23.48 50.35
C ASN A 266 -0.78 22.09 49.91
N MET A 267 -0.92 21.81 48.62
CA MET A 267 -0.49 20.52 48.08
C MET A 267 0.71 20.84 47.21
N ARG A 268 1.77 20.07 47.35
CA ARG A 268 2.97 20.30 46.56
C ARG A 268 3.55 18.99 46.11
N ALA A 269 3.89 18.93 44.84
CA ALA A 269 4.50 17.73 44.30
C ALA A 269 5.99 17.91 44.58
N THR A 270 6.67 16.85 44.97
CA THR A 270 8.09 16.93 45.25
C THR A 270 8.83 15.85 44.50
N TYR A 271 9.82 16.27 43.70
CA TYR A 271 10.61 15.34 42.89
C TYR A 271 11.79 14.72 43.65
N LEU A 272 11.91 13.40 43.52
CA LEU A 272 12.96 12.67 44.21
C LEU A 272 13.88 11.89 43.29
N GLU A 273 15.17 11.94 43.62
CA GLU A 273 16.21 11.23 42.89
C GLU A 273 17.13 10.61 43.93
N THR A 274 17.78 9.51 43.56
CA THR A 274 18.64 8.81 44.50
C THR A 274 19.97 8.32 43.95
N LEU A 275 21.04 8.67 44.66
CA LEU A 275 22.39 8.27 44.29
C LEU A 275 22.69 6.94 44.97
N SER A 276 23.64 6.18 44.40
CA SER A 276 24.04 4.90 44.98
C SER A 276 24.94 5.17 46.18
N VAL A 277 24.34 5.19 47.37
CA VAL A 277 25.12 5.42 48.58
C VAL A 277 25.64 4.07 49.04
N SER A 278 26.64 4.08 49.92
CA SER A 278 27.19 2.84 50.44
C SER A 278 26.48 2.55 51.74
N THR A 279 26.96 3.14 52.83
CA THR A 279 26.34 2.94 54.14
C THR A 279 26.12 1.44 54.32
N THR A 280 25.02 0.91 53.78
CA THR A 280 24.75 -0.52 53.88
C THR A 280 25.88 -1.20 53.11
N LYS A 281 26.23 -0.57 51.98
CA LYS A 281 27.32 -0.99 51.09
C LYS A 281 27.23 -0.20 49.76
N GLY A 282 28.36 -0.12 49.07
CA GLY A 282 28.38 0.59 47.81
C GLY A 282 27.49 -0.14 46.82
N PHE A 283 26.51 -0.85 47.35
CA PHE A 283 25.54 -1.59 46.55
C PHE A 283 24.20 -0.96 46.90
N ALA A 284 24.24 0.01 47.81
CA ALA A 284 23.03 0.69 48.27
C ALA A 284 22.45 1.73 47.32
N SER A 285 21.12 1.80 47.33
CA SER A 285 20.35 2.73 46.49
C SER A 285 18.89 2.68 46.97
N ALA A 286 18.55 3.59 47.88
CA ALA A 286 17.21 3.65 48.47
C ALA A 286 16.05 3.48 47.48
N LEU A 287 14.93 2.96 47.97
CA LEU A 287 13.74 2.74 47.15
C LEU A 287 12.64 3.73 47.51
N VAL A 288 12.37 4.65 46.60
CA VAL A 288 11.33 5.65 46.80
C VAL A 288 10.81 5.99 45.42
N PRO A 289 9.67 6.67 45.35
CA PRO A 289 9.09 7.04 44.06
C PRO A 289 9.81 8.23 43.39
N LYS A 290 9.48 8.49 42.12
CA LYS A 290 10.08 9.60 41.39
C LYS A 290 9.48 10.96 41.77
N VAL A 291 8.16 11.00 41.96
CA VAL A 291 7.46 12.23 42.36
C VAL A 291 6.37 11.88 43.35
N VAL A 292 6.37 12.56 44.49
CA VAL A 292 5.36 12.33 45.51
C VAL A 292 4.74 13.65 45.92
N THR A 293 3.42 13.63 46.09
CA THR A 293 2.71 14.83 46.49
C THR A 293 2.25 14.62 47.91
N GLN A 294 1.86 15.71 48.57
CA GLN A 294 1.42 15.62 49.94
C GLN A 294 0.70 16.86 50.41
N VAL A 295 -0.36 16.65 51.19
CA VAL A 295 -1.16 17.72 51.76
C VAL A 295 -1.31 17.37 53.24
N GLY A 296 -0.51 18.01 54.08
CA GLY A 296 -0.55 17.70 55.50
C GLY A 296 0.28 16.46 55.77
N SER A 297 -0.28 15.47 56.47
CA SER A 297 0.45 14.25 56.76
C SER A 297 0.40 13.25 55.62
N VAL A 298 -0.63 13.33 54.78
CA VAL A 298 -0.75 12.42 53.64
C VAL A 298 0.46 12.62 52.71
N ILE A 299 0.93 11.55 52.07
CA ILE A 299 2.08 11.63 51.17
C ILE A 299 2.03 10.46 50.21
N GLU A 300 1.31 10.61 49.11
CA GLU A 300 1.21 9.53 48.15
C GLU A 300 1.99 9.80 46.88
N GLU A 301 2.18 8.74 46.09
CA GLU A 301 2.90 8.81 44.83
C GLU A 301 2.00 9.45 43.78
N LEU A 302 2.49 10.49 43.13
CA LEU A 302 1.73 11.22 42.13
C LEU A 302 2.01 10.76 40.71
N ASP A 303 0.97 10.39 39.97
CA ASP A 303 1.12 9.99 38.58
C ASP A 303 1.05 11.24 37.67
N THR A 304 2.21 11.88 37.46
CA THR A 304 2.34 13.09 36.65
C THR A 304 1.97 12.97 35.19
N SER A 305 1.70 11.75 34.72
CA SER A 305 1.35 11.59 33.32
C SER A 305 0.28 12.57 32.85
N TYR A 306 -0.59 13.01 33.76
CA TYR A 306 -1.66 13.96 33.43
C TYR A 306 -1.29 15.43 33.67
N CYS A 307 -0.03 15.82 33.50
CA CYS A 307 0.26 17.22 33.76
C CYS A 307 1.32 17.85 32.91
N ILE A 308 1.08 19.10 32.58
CA ILE A 308 2.06 19.88 31.84
C ILE A 308 2.90 20.26 33.04
N GLU A 309 4.22 20.32 32.89
CA GLU A 309 5.01 20.66 34.04
C GLU A 309 6.01 21.75 33.79
N THR A 310 5.74 22.88 34.41
CA THR A 310 6.58 24.04 34.31
C THR A 310 7.58 23.96 35.43
N ASP A 311 8.52 24.89 35.45
CA ASP A 311 9.54 24.90 36.47
C ASP A 311 8.90 25.04 37.83
N LEU A 312 8.12 26.10 38.00
CA LEU A 312 7.43 26.39 39.25
C LEU A 312 6.10 25.68 39.53
N ASP A 313 5.24 25.56 38.52
CA ASP A 313 3.95 24.93 38.71
C ASP A 313 3.70 23.67 37.88
N LEU A 314 2.64 22.96 38.25
CA LEU A 314 2.28 21.72 37.58
C LEU A 314 0.82 21.84 37.15
N TYR A 315 0.59 22.17 35.88
CA TYR A 315 -0.79 22.27 35.41
C TYR A 315 -1.39 20.93 35.03
N CYS A 316 -2.08 20.29 35.97
CA CYS A 316 -2.71 18.98 35.75
C CYS A 316 -4.19 19.00 35.37
N THR A 317 -4.57 18.04 34.55
CA THR A 317 -5.95 17.89 34.11
C THR A 317 -6.66 17.05 35.17
N ARG A 318 -5.91 16.22 35.88
CA ARG A 318 -6.46 15.31 36.87
C ARG A 318 -5.38 15.08 37.95
N ILE A 319 -5.69 14.32 39.00
CA ILE A 319 -4.68 14.04 40.04
C ILE A 319 -4.76 12.58 40.50
N VAL A 320 -4.33 11.66 39.65
CA VAL A 320 -4.31 10.23 39.99
C VAL A 320 -3.09 9.97 40.86
N THR A 321 -3.25 9.20 41.92
CA THR A 321 -2.10 8.91 42.76
C THR A 321 -2.13 7.48 43.29
N PHE A 322 -1.10 7.13 44.06
CA PHE A 322 -1.00 5.79 44.62
C PHE A 322 -0.41 5.81 46.02
N PRO A 323 -0.88 4.90 46.88
CA PRO A 323 -0.38 4.83 48.26
C PRO A 323 0.95 4.10 48.21
N MET A 324 1.79 4.30 49.20
CA MET A 324 3.10 3.65 49.20
C MET A 324 3.34 2.84 50.47
N SER A 325 4.33 1.94 50.42
CA SER A 325 4.65 1.13 51.58
C SER A 325 4.73 2.01 52.85
N PRO A 326 4.41 1.43 54.02
CA PRO A 326 4.47 2.19 55.27
C PRO A 326 5.90 2.61 55.56
N GLY A 327 6.83 1.77 55.11
CA GLY A 327 8.23 2.06 55.30
C GLY A 327 8.55 3.32 54.53
N ILE A 328 8.23 3.30 53.24
CA ILE A 328 8.46 4.43 52.37
C ILE A 328 8.03 5.72 53.06
N TYR A 329 6.76 5.76 53.47
CA TYR A 329 6.24 6.95 54.15
C TYR A 329 7.15 7.28 55.32
N SER A 330 7.32 6.31 56.20
CA SER A 330 8.14 6.50 57.37
C SER A 330 9.44 7.20 57.02
N CYS A 331 10.11 6.71 55.98
CA CYS A 331 11.37 7.30 55.55
C CYS A 331 11.21 8.70 55.00
N LEU A 332 10.57 8.81 53.85
CA LEU A 332 10.36 10.09 53.20
C LEU A 332 9.95 11.17 54.20
N SER A 333 9.34 10.74 55.31
CA SER A 333 8.90 11.67 56.33
C SER A 333 9.79 11.61 57.59
N GLY A 334 10.90 12.35 57.56
CA GLY A 334 11.79 12.38 58.71
C GLY A 334 12.69 11.18 58.99
N ASN A 335 12.11 10.02 59.24
CA ASN A 335 12.93 8.85 59.53
C ASN A 335 13.87 8.55 58.37
N THR A 336 14.94 7.80 58.64
CA THR A 336 15.91 7.42 57.62
C THR A 336 15.95 5.90 57.54
N SER A 337 15.99 5.26 58.71
CA SER A 337 16.05 3.82 58.81
C SER A 337 14.99 3.10 57.99
N ALA A 338 13.75 3.57 58.10
CA ALA A 338 12.63 2.96 57.38
C ALA A 338 13.00 2.61 55.95
N CYS A 339 13.78 3.49 55.34
CA CYS A 339 14.21 3.31 53.95
C CYS A 339 14.76 1.94 53.63
N MET A 340 14.52 1.47 52.42
CA MET A 340 15.00 0.15 52.02
C MET A 340 15.84 0.23 50.76
N TYR A 341 17.15 0.13 50.90
CA TYR A 341 18.05 0.18 49.77
C TYR A 341 18.00 -1.11 48.98
N SER A 342 18.85 -1.22 47.95
CA SER A 342 18.89 -2.43 47.13
C SER A 342 19.94 -2.19 46.06
N LYS A 343 20.02 -3.08 45.07
CA LYS A 343 21.01 -2.92 44.02
C LYS A 343 20.59 -3.39 42.64
N THR A 344 19.73 -2.60 42.00
CA THR A 344 19.25 -2.89 40.64
C THR A 344 20.26 -2.27 39.67
N GLU A 345 20.96 -1.25 40.16
CA GLU A 345 21.95 -0.51 39.38
C GLU A 345 22.99 -1.38 38.69
N GLY A 346 23.39 -0.94 37.49
CA GLY A 346 24.39 -1.65 36.74
C GLY A 346 25.78 -1.10 36.98
N ALA A 347 26.77 -1.79 36.44
CA ALA A 347 28.15 -1.40 36.57
C ALA A 347 28.34 0.02 36.08
N LEU A 348 27.92 0.26 34.84
CA LEU A 348 28.07 1.56 34.21
C LEU A 348 27.35 2.75 34.82
N THR A 349 26.47 2.58 35.79
CA THR A 349 25.80 3.75 36.33
C THR A 349 26.70 4.74 37.07
N THR A 350 26.53 6.01 36.75
CA THR A 350 27.34 7.07 37.34
C THR A 350 26.95 7.50 38.75
N PRO A 351 27.87 7.35 39.71
CA PRO A 351 27.74 7.69 41.13
C PRO A 351 27.76 9.19 41.40
N TYR A 352 27.08 9.94 40.55
CA TYR A 352 26.96 11.39 40.68
C TYR A 352 25.87 11.75 39.69
N MET A 353 25.34 12.97 39.80
CA MET A 353 24.27 13.39 38.90
C MET A 353 24.34 14.90 38.80
N THR A 354 23.75 15.45 37.76
CA THR A 354 23.76 16.89 37.62
C THR A 354 22.51 17.44 38.28
N LEU A 355 22.48 18.74 38.54
CA LEU A 355 21.31 19.37 39.13
C LEU A 355 21.53 20.87 39.29
N LYS A 356 20.64 21.64 38.69
CA LYS A 356 20.69 23.08 38.80
C LYS A 356 22.11 23.61 38.68
N GLY A 357 22.76 23.30 37.56
CA GLY A 357 24.11 23.75 37.31
C GLY A 357 25.06 23.39 38.43
N SER A 358 24.93 22.17 38.93
CA SER A 358 25.79 21.69 40.01
C SER A 358 25.88 20.20 39.84
N VAL A 359 26.71 19.55 40.65
CA VAL A 359 26.84 18.11 40.53
C VAL A 359 26.91 17.51 41.90
N ILE A 360 25.95 16.65 42.17
CA ILE A 360 25.84 15.93 43.43
C ILE A 360 26.48 14.59 43.10
N ALA A 361 27.51 14.23 43.86
CA ALA A 361 28.24 12.99 43.62
C ALA A 361 28.66 12.28 44.90
N ASN A 362 28.67 10.95 44.86
CA ASN A 362 29.10 10.15 45.99
C ASN A 362 30.63 10.06 45.94
N CYS A 363 31.28 11.16 46.31
CA CYS A 363 32.73 11.26 46.31
C CYS A 363 33.45 10.08 46.91
N LYS A 364 32.72 9.22 47.61
CA LYS A 364 33.38 8.08 48.20
C LYS A 364 33.39 6.98 47.15
N MET A 365 32.32 6.87 46.39
CA MET A 365 32.26 5.83 45.39
C MET A 365 33.28 6.00 44.27
N THR A 366 33.65 7.25 43.98
CA THR A 366 34.66 7.56 42.94
C THR A 366 35.66 8.57 43.47
N THR A 367 36.22 9.37 42.57
CA THR A 367 37.21 10.35 42.97
C THR A 367 36.87 11.76 42.56
N CYS A 368 36.42 12.58 43.51
CA CYS A 368 36.05 13.96 43.21
C CYS A 368 37.24 14.90 43.15
N ARG A 369 37.90 14.92 41.99
CA ARG A 369 39.09 15.76 41.78
C ARG A 369 38.75 17.17 41.38
N CYS A 370 39.10 18.16 42.19
CA CYS A 370 38.82 19.53 41.79
C CYS A 370 40.02 20.16 41.09
N ALA A 371 39.91 20.36 39.78
CA ALA A 371 40.97 20.92 38.95
C ALA A 371 41.25 22.36 39.24
N ASP A 372 40.24 23.22 39.36
CA ASP A 372 40.61 24.59 39.64
C ASP A 372 41.14 24.62 41.04
N PRO A 373 40.29 24.80 42.07
CA PRO A 373 40.98 24.78 43.38
C PRO A 373 41.51 23.35 43.43
N PRO A 374 42.84 23.16 43.30
CA PRO A 374 43.32 21.79 43.33
C PRO A 374 42.86 21.07 44.56
N GLY A 375 42.69 19.77 44.45
CA GLY A 375 42.28 19.04 45.63
C GLY A 375 41.27 17.97 45.36
N ILE A 376 41.26 16.98 46.25
CA ILE A 376 40.30 15.90 46.15
C ILE A 376 39.19 16.31 47.10
N ILE A 377 37.95 16.33 46.59
CA ILE A 377 36.80 16.67 47.40
C ILE A 377 36.31 15.40 48.05
N SER A 378 36.76 15.15 49.26
CA SER A 378 36.33 13.95 49.95
C SER A 378 35.16 14.20 50.88
N GLN A 379 34.51 13.11 51.27
CA GLN A 379 33.36 13.17 52.15
C GLN A 379 33.51 12.14 53.25
N ASN A 380 33.46 12.61 54.49
CA ASN A 380 33.55 11.70 55.62
C ASN A 380 32.18 11.08 55.86
N TYR A 381 32.09 10.22 56.87
CA TYR A 381 30.86 9.52 57.21
C TYR A 381 29.75 10.47 57.67
N GLY A 382 28.51 10.13 57.32
CA GLY A 382 27.39 10.97 57.68
C GLY A 382 26.97 11.86 56.51
N GLU A 383 27.95 12.25 55.71
CA GLU A 383 27.69 13.08 54.55
C GLU A 383 26.86 12.31 53.51
N ALA A 384 27.31 11.10 53.20
CA ALA A 384 26.61 10.24 52.23
C ALA A 384 26.73 10.70 50.78
N VAL A 385 26.68 12.02 50.56
CA VAL A 385 26.79 12.56 49.21
C VAL A 385 27.25 13.99 49.31
N SER A 386 28.22 14.37 48.50
CA SER A 386 28.73 15.73 48.52
C SER A 386 27.96 16.62 47.56
N LEU A 387 28.08 17.94 47.73
CA LEU A 387 27.39 18.83 46.82
C LEU A 387 28.23 19.31 45.63
N ILE A 388 29.40 19.90 45.87
CA ILE A 388 30.22 20.37 44.75
C ILE A 388 29.48 21.34 43.82
N ASP A 389 29.70 22.63 44.02
CA ASP A 389 29.05 23.62 43.18
C ASP A 389 30.02 24.76 42.94
N ARG A 390 29.55 25.78 42.25
CA ARG A 390 30.36 26.94 41.92
C ARG A 390 31.30 27.38 43.03
N GLN A 391 30.76 27.61 44.22
CA GLN A 391 31.61 28.07 45.31
C GLN A 391 32.54 27.06 45.97
N SER A 392 32.14 25.81 46.08
CA SER A 392 33.04 24.84 46.68
C SER A 392 34.20 24.59 45.72
N CYS A 393 33.89 24.10 44.52
CA CYS A 393 34.93 23.84 43.52
C CYS A 393 34.63 24.59 42.22
N ASN A 394 35.63 24.71 41.36
CA ASN A 394 35.45 25.44 40.11
C ASN A 394 35.56 24.63 38.80
N ILE A 395 36.16 23.45 38.88
CA ILE A 395 36.31 22.58 37.73
C ILE A 395 36.37 21.14 38.24
N LEU A 396 35.22 20.46 38.20
CA LEU A 396 35.14 19.09 38.67
C LEU A 396 35.65 18.10 37.64
N SER A 397 35.93 16.89 38.11
CA SER A 397 36.42 15.80 37.27
C SER A 397 36.01 14.53 37.99
N LEU A 398 35.14 13.74 37.38
CA LEU A 398 34.66 12.53 38.02
C LEU A 398 35.05 11.27 37.29
N ASP A 399 36.33 10.95 37.23
CA ASP A 399 36.73 9.71 36.59
C ASP A 399 36.20 9.47 35.17
N GLY A 400 36.59 10.32 34.22
CA GLY A 400 36.15 10.13 32.86
C GLY A 400 35.79 11.43 32.17
N ILE A 401 35.02 12.27 32.84
CA ILE A 401 34.60 13.55 32.26
C ILE A 401 35.00 14.73 33.11
N THR A 402 34.89 15.93 32.55
CA THR A 402 35.28 17.13 33.27
C THR A 402 34.28 18.27 33.14
N LEU A 403 33.41 18.42 34.11
CA LEU A 403 32.42 19.49 34.08
C LEU A 403 33.05 20.80 34.57
N ARG A 404 32.67 21.91 33.96
CA ARG A 404 33.17 23.22 34.36
C ARG A 404 31.99 23.83 35.11
N LEU A 405 32.14 24.11 36.41
CA LEU A 405 31.01 24.67 37.18
C LEU A 405 30.84 26.18 37.23
N SER A 406 31.58 26.90 36.41
CA SER A 406 31.45 28.34 36.42
C SER A 406 31.92 28.94 35.11
N GLY A 407 31.32 30.07 34.73
CA GLY A 407 31.70 30.71 33.49
C GLY A 407 30.75 31.83 33.14
N GLU A 408 31.22 32.78 32.35
CA GLU A 408 30.40 33.90 31.94
C GLU A 408 30.76 34.35 30.55
N PHE A 409 29.90 35.20 29.99
CA PHE A 409 30.09 35.73 28.65
C PHE A 409 29.26 36.99 28.61
N ASP A 410 29.79 38.04 28.02
CA ASP A 410 29.03 39.26 27.92
C ASP A 410 29.18 39.67 26.49
N ALA A 411 28.30 40.56 26.03
CA ALA A 411 28.36 41.03 24.66
C ALA A 411 27.32 42.12 24.50
N THR A 412 27.45 42.88 23.42
CA THR A 412 26.50 43.95 23.13
C THR A 412 26.08 43.84 21.68
N TYR A 413 24.83 44.14 21.41
CA TYR A 413 24.35 44.08 20.04
C TYR A 413 23.87 45.48 19.80
N GLN A 414 24.36 46.10 18.74
CA GLN A 414 23.97 47.47 18.40
C GLN A 414 24.38 47.80 16.98
N LYS A 415 23.85 48.90 16.45
CA LYS A 415 24.15 49.29 15.08
C LYS A 415 24.61 50.73 15.03
N ASN A 416 25.42 51.04 14.02
CA ASN A 416 25.92 52.37 13.81
C ASN A 416 25.47 52.78 12.43
N ILE A 417 24.53 53.71 12.33
CA ILE A 417 24.08 54.13 11.01
C ILE A 417 25.10 55.04 10.36
N SER A 418 25.18 54.98 9.03
CA SER A 418 26.14 55.80 8.30
C SER A 418 25.51 56.50 7.12
N ILE A 419 25.13 57.75 7.35
CA ILE A 419 24.52 58.58 6.33
C ILE A 419 25.53 59.08 5.29
N GLN A 420 25.21 58.85 4.02
CA GLN A 420 26.06 59.27 2.91
C GLN A 420 25.55 60.59 2.36
N ASP A 421 26.32 61.66 2.52
CA ASP A 421 25.84 62.94 2.00
C ASP A 421 25.78 62.90 0.48
N SER A 422 25.16 63.92 -0.10
CA SER A 422 24.98 64.00 -1.54
C SER A 422 25.38 65.35 -2.09
N GLN A 423 25.34 65.45 -3.42
CA GLN A 423 25.75 66.66 -4.12
C GLN A 423 24.58 67.30 -4.93
N ASP B 2 -16.72 3.05 19.82
CA ASP B 2 -17.05 2.38 21.07
C ASP B 2 -18.33 2.88 21.72
N GLY B 3 -18.58 4.18 21.65
CA GLY B 3 -19.80 4.71 22.24
C GLY B 3 -19.64 5.07 23.70
N ARG B 4 -20.76 5.26 24.39
CA ARG B 4 -20.69 5.63 25.81
C ARG B 4 -21.62 4.92 26.80
N PRO B 5 -21.93 3.62 26.57
CA PRO B 5 -22.78 2.94 27.53
C PRO B 5 -21.85 2.65 28.71
N LEU B 6 -20.56 2.57 28.38
CA LEU B 6 -19.52 2.32 29.37
C LEU B 6 -19.27 3.54 30.23
N ALA B 7 -19.88 4.67 29.89
CA ALA B 7 -19.71 5.86 30.70
C ALA B 7 -20.39 5.55 32.01
N ALA B 8 -21.39 4.67 31.94
CA ALA B 8 -22.13 4.23 33.11
C ALA B 8 -21.20 3.42 33.99
N ALA B 9 -20.30 2.69 33.34
CA ALA B 9 -19.32 1.86 34.04
C ALA B 9 -18.17 2.65 34.67
N GLY B 10 -17.96 3.88 34.24
CA GLY B 10 -16.86 4.66 34.80
C GLY B 10 -15.73 4.88 33.79
N ILE B 11 -15.88 4.27 32.61
CA ILE B 11 -14.93 4.39 31.52
C ILE B 11 -15.25 5.61 30.67
N VAL B 12 -14.57 6.73 30.91
CA VAL B 12 -14.78 7.95 30.12
C VAL B 12 -13.88 7.92 28.87
N VAL B 13 -14.43 8.21 27.69
CA VAL B 13 -13.62 8.20 26.47
C VAL B 13 -13.08 9.57 26.12
N THR B 14 -11.81 9.81 26.43
CA THR B 14 -11.22 11.11 26.14
C THR B 14 -11.01 11.44 24.67
N GLY B 15 -10.83 10.43 23.82
CA GLY B 15 -10.63 10.74 22.41
C GLY B 15 -10.58 9.60 21.41
N ASP B 16 -10.82 9.97 20.15
CA ASP B 16 -10.78 9.02 19.04
C ASP B 16 -9.93 9.63 17.94
N LYS B 17 -9.07 8.83 17.30
CA LYS B 17 -8.18 9.34 16.25
C LYS B 17 -7.87 8.30 15.20
N ALA B 18 -7.49 8.76 14.02
CA ALA B 18 -7.16 7.84 12.95
C ALA B 18 -5.71 7.43 13.07
N VAL B 19 -5.30 6.44 12.27
CA VAL B 19 -3.92 5.96 12.34
C VAL B 19 -3.29 5.79 10.96
N ASN B 20 -2.03 6.21 10.83
CA ASN B 20 -1.32 6.09 9.55
C ASN B 20 0.19 5.84 9.74
N ILE B 21 0.75 5.03 8.86
CA ILE B 21 2.19 4.75 8.91
C ILE B 21 2.81 5.85 8.07
N TYR B 22 4.03 6.27 8.38
CA TYR B 22 4.68 7.32 7.59
C TYR B 22 6.18 7.08 7.49
N THR B 23 6.79 7.71 6.50
CA THR B 23 8.22 7.55 6.30
C THR B 23 8.79 8.85 5.76
N SER B 24 9.77 9.39 6.45
CA SER B 24 10.38 10.63 6.00
C SER B 24 11.26 10.32 4.81
N SER B 25 10.64 9.78 3.75
CA SER B 25 11.35 9.41 2.53
C SER B 25 11.43 10.50 1.47
N GLN B 26 10.34 11.25 1.28
CA GLN B 26 10.33 12.31 0.28
C GLN B 26 11.21 13.45 0.72
N THR B 27 11.69 14.24 -0.24
CA THR B 27 12.58 15.36 0.05
C THR B 27 12.45 16.49 -0.97
N GLY B 28 12.92 17.68 -0.60
CA GLY B 28 12.84 18.79 -1.53
C GLY B 28 13.86 19.85 -1.18
N SER B 29 14.06 20.81 -2.10
CA SER B 29 15.01 21.87 -1.86
C SER B 29 14.50 23.21 -2.38
N ILE B 30 14.45 24.19 -1.51
CA ILE B 30 14.02 25.53 -1.83
C ILE B 30 15.28 26.40 -1.93
N ILE B 31 15.46 27.11 -3.04
CA ILE B 31 16.63 27.96 -3.21
C ILE B 31 16.22 29.43 -3.34
N ILE B 32 16.36 30.13 -2.21
CA ILE B 32 16.03 31.54 -2.05
C ILE B 32 17.05 32.47 -2.68
N LYS B 33 16.57 33.59 -3.23
CA LYS B 33 17.42 34.61 -3.86
C LYS B 33 17.24 35.91 -3.09
N LEU B 34 18.06 36.08 -2.06
CA LEU B 34 18.03 37.22 -1.16
C LEU B 34 18.02 38.60 -1.82
N LEU B 35 18.75 38.77 -2.93
CA LEU B 35 18.76 40.06 -3.62
C LEU B 35 17.67 40.05 -4.68
N PRO B 36 16.69 40.96 -4.58
CA PRO B 36 15.59 41.00 -5.56
C PRO B 36 16.07 41.28 -6.96
N ASN B 37 15.33 40.81 -7.94
CA ASN B 37 15.71 41.06 -9.33
C ASN B 37 15.37 42.53 -9.66
N MET B 38 16.41 43.35 -9.69
CA MET B 38 16.31 44.79 -9.98
C MET B 38 16.06 45.10 -11.45
N PRO B 39 15.51 46.30 -11.73
CA PRO B 39 15.28 46.62 -13.14
C PRO B 39 16.65 47.02 -13.66
N LYS B 40 16.87 46.74 -14.93
CA LYS B 40 18.11 47.06 -15.61
C LYS B 40 18.27 48.52 -15.98
N ASP B 41 19.25 49.14 -15.33
CA ASP B 41 19.69 50.53 -15.48
C ASP B 41 19.29 51.58 -14.42
N LYS B 42 18.04 51.64 -13.94
CA LYS B 42 17.64 52.66 -12.92
C LYS B 42 18.44 52.64 -11.59
N GLU B 43 19.57 51.92 -11.57
CA GLU B 43 20.46 51.74 -10.41
C GLU B 43 21.11 52.90 -9.66
N ALA B 44 21.82 53.78 -10.36
CA ALA B 44 22.49 54.91 -9.71
C ALA B 44 21.69 55.34 -8.50
N CYS B 45 20.38 55.49 -8.70
CA CYS B 45 19.48 55.89 -7.63
C CYS B 45 19.30 54.76 -6.60
N ALA B 46 19.06 53.54 -7.10
CA ALA B 46 18.87 52.35 -6.26
C ALA B 46 20.07 51.90 -5.42
N LYS B 47 21.29 52.14 -5.89
CA LYS B 47 22.48 51.73 -5.15
C LYS B 47 22.51 52.10 -3.68
N ALA B 48 21.96 53.25 -3.30
CA ALA B 48 21.99 53.66 -1.91
C ALA B 48 21.31 52.71 -0.95
N PRO B 49 20.01 52.45 -1.12
CA PRO B 49 19.27 51.54 -0.23
C PRO B 49 19.77 50.11 -0.38
N LEU B 50 19.95 49.67 -1.62
CA LEU B 50 20.42 48.32 -1.88
C LEU B 50 21.64 48.02 -0.99
N GLU B 51 22.64 48.89 -1.01
CA GLU B 51 23.85 48.73 -0.20
C GLU B 51 23.48 48.42 1.24
N ALA B 52 22.71 49.31 1.84
CA ALA B 52 22.30 49.15 3.23
C ALA B 52 21.70 47.77 3.47
N TYR B 53 20.73 47.40 2.63
CA TYR B 53 20.06 46.12 2.73
C TYR B 53 21.09 45.00 2.56
N ASN B 54 21.72 44.92 1.39
CA ASN B 54 22.71 43.89 1.14
C ASN B 54 23.69 43.83 2.33
N ARG B 55 23.83 44.93 3.04
CA ARG B 55 24.74 44.95 4.17
C ARG B 55 24.14 44.15 5.31
N THR B 56 22.96 44.55 5.77
CA THR B 56 22.30 43.82 6.87
C THR B 56 22.07 42.37 6.48
N LEU B 57 21.85 42.10 5.21
CA LEU B 57 21.67 40.73 4.76
C LEU B 57 22.84 39.89 5.24
N THR B 58 24.06 40.32 4.92
CA THR B 58 25.23 39.57 5.34
C THR B 58 25.48 39.64 6.83
N THR B 59 24.96 40.68 7.48
CA THR B 59 25.14 40.80 8.91
C THR B 59 24.30 39.73 9.59
N LEU B 60 23.17 39.43 8.99
CA LEU B 60 22.26 38.42 9.52
C LEU B 60 22.70 37.01 9.15
N LEU B 61 22.88 36.72 7.87
CA LEU B 61 23.25 35.37 7.46
C LEU B 61 24.68 34.86 7.68
N THR B 62 25.64 35.74 7.92
CA THR B 62 27.01 35.27 8.08
C THR B 62 27.14 34.12 9.08
N PRO B 63 26.66 34.32 10.33
CA PRO B 63 26.78 33.23 11.32
C PRO B 63 26.12 31.96 10.83
N LEU B 64 24.87 32.06 10.42
CA LEU B 64 24.12 30.93 9.94
C LEU B 64 24.96 30.27 8.87
N GLY B 65 25.56 31.08 8.01
CA GLY B 65 26.39 30.53 6.97
C GLY B 65 27.52 29.74 7.61
N ASP B 66 28.20 30.37 8.56
CA ASP B 66 29.32 29.75 9.25
C ASP B 66 28.99 28.36 9.83
N SER B 67 27.92 28.28 10.61
CA SER B 67 27.53 27.02 11.23
C SER B 67 27.30 25.91 10.20
N ILE B 68 26.61 26.23 9.12
CA ILE B 68 26.35 25.24 8.10
C ILE B 68 27.66 24.54 7.73
N ARG B 69 28.70 25.35 7.55
CA ARG B 69 30.01 24.85 7.20
C ARG B 69 30.48 23.93 8.30
N ARG B 70 30.58 24.46 9.51
CA ARG B 70 31.03 23.69 10.66
C ARG B 70 30.33 22.39 10.80
N ILE B 71 29.03 22.39 10.54
CA ILE B 71 28.24 21.16 10.66
C ILE B 71 28.55 20.18 9.55
N GLN B 72 28.65 20.70 8.32
CA GLN B 72 28.95 19.89 7.15
C GLN B 72 30.38 19.35 7.09
N GLU B 73 31.33 20.05 7.71
CA GLU B 73 32.71 19.56 7.74
C GLU B 73 32.62 18.17 8.36
N SER B 74 31.71 18.03 9.33
CA SER B 74 31.44 16.78 10.04
C SER B 74 30.35 15.91 9.42
N GLY B 140 21.72 99.92 -20.32
CA GLY B 140 22.22 99.35 -21.56
C GLY B 140 21.26 98.29 -22.10
N LEU B 141 20.29 98.71 -22.91
CA LEU B 141 19.32 97.78 -23.49
C LEU B 141 20.01 96.58 -24.11
N SER B 142 20.98 96.83 -24.98
CA SER B 142 21.73 95.74 -25.63
C SER B 142 22.51 94.96 -24.58
N GLN B 143 23.18 95.69 -23.69
CA GLN B 143 23.98 95.11 -22.62
C GLN B 143 23.14 94.29 -21.62
N LEU B 144 22.18 94.94 -20.98
CA LEU B 144 21.31 94.27 -20.02
C LEU B 144 20.50 93.15 -20.66
N ALA B 145 20.21 93.27 -21.95
CA ALA B 145 19.45 92.24 -22.66
C ALA B 145 20.19 90.91 -22.47
N VAL B 146 21.51 91.01 -22.35
CA VAL B 146 22.36 89.84 -22.13
C VAL B 146 21.90 89.14 -20.86
N ALA B 147 21.60 89.92 -19.82
CA ALA B 147 21.15 89.36 -18.55
C ALA B 147 20.02 88.37 -18.81
N VAL B 148 18.98 88.83 -19.51
CA VAL B 148 17.85 87.97 -19.84
C VAL B 148 18.33 86.72 -20.59
N GLY B 149 19.29 86.90 -21.49
CA GLY B 149 19.82 85.76 -22.23
C GLY B 149 20.35 84.70 -21.26
N LYS B 150 21.31 85.08 -20.44
CA LYS B 150 21.93 84.20 -19.46
C LYS B 150 20.93 83.77 -18.39
N MET B 151 20.49 84.73 -17.58
CA MET B 151 19.53 84.46 -16.53
C MET B 151 18.50 83.43 -16.99
N GLN B 152 17.89 83.67 -18.15
CA GLN B 152 16.88 82.75 -18.68
C GLN B 152 17.42 81.33 -18.91
N GLN B 153 18.44 81.20 -19.75
CA GLN B 153 19.00 79.89 -20.05
C GLN B 153 19.38 79.19 -18.74
N PHE B 154 19.90 79.97 -17.80
CA PHE B 154 20.34 79.46 -16.50
C PHE B 154 19.26 78.79 -15.68
N VAL B 155 18.18 79.50 -15.38
CA VAL B 155 17.12 78.88 -14.59
C VAL B 155 16.62 77.63 -15.29
N ASN B 156 16.71 77.59 -16.62
CA ASN B 156 16.27 76.41 -17.36
C ASN B 156 17.13 75.19 -16.95
N ASP B 157 18.45 75.34 -17.06
CA ASP B 157 19.38 74.26 -16.69
C ASP B 157 19.20 73.87 -15.21
N GLN B 158 19.17 74.87 -14.35
CA GLN B 158 19.01 74.63 -12.92
C GLN B 158 17.74 73.85 -12.64
N PHE B 159 16.59 74.38 -13.08
CA PHE B 159 15.34 73.69 -12.87
C PHE B 159 15.42 72.27 -13.43
N ASN B 160 16.10 72.10 -14.56
CA ASN B 160 16.26 70.77 -15.15
C ASN B 160 17.07 69.86 -14.24
N LYS B 161 18.08 70.42 -13.59
CA LYS B 161 18.87 69.62 -12.65
C LYS B 161 17.85 69.21 -11.59
N THR B 162 17.21 70.20 -10.96
CA THR B 162 16.19 69.95 -9.94
C THR B 162 15.08 69.07 -10.50
N ALA B 163 14.94 69.08 -11.82
CA ALA B 163 13.91 68.28 -12.48
C ALA B 163 14.17 66.81 -12.22
N GLN B 164 15.27 66.30 -12.76
CA GLN B 164 15.63 64.90 -12.57
C GLN B 164 16.15 64.62 -11.16
N GLU B 165 16.69 65.64 -10.48
CA GLU B 165 17.17 65.44 -9.11
C GLU B 165 15.98 65.09 -8.22
N LEU B 166 14.78 65.38 -8.70
CA LEU B 166 13.57 65.06 -7.96
C LEU B 166 13.09 63.67 -8.36
N ASP B 167 13.68 63.12 -9.41
CA ASP B 167 13.32 61.80 -9.89
C ASP B 167 14.04 60.71 -9.11
N CYS B 168 15.36 60.81 -8.98
CA CYS B 168 16.15 59.83 -8.23
C CYS B 168 15.46 59.71 -6.88
N ILE B 169 15.38 60.82 -6.16
CA ILE B 169 14.76 60.82 -4.84
C ILE B 169 13.44 60.08 -4.86
N LYS B 170 12.67 60.26 -5.94
CA LYS B 170 11.39 59.59 -6.08
C LYS B 170 11.54 58.08 -6.31
N ILE B 171 12.47 57.71 -7.18
CA ILE B 171 12.70 56.30 -7.50
C ILE B 171 13.32 55.50 -6.33
N THR B 172 14.33 56.05 -5.68
CA THR B 172 14.95 55.33 -4.55
C THR B 172 13.91 55.24 -3.44
N GLN B 173 13.13 56.29 -3.26
CA GLN B 173 12.09 56.31 -2.24
C GLN B 173 11.28 55.03 -2.31
N GLN B 174 11.02 54.60 -3.54
CA GLN B 174 10.25 53.39 -3.84
C GLN B 174 11.08 52.12 -3.65
N VAL B 175 12.23 52.05 -4.30
CA VAL B 175 13.11 50.90 -4.19
C VAL B 175 13.43 50.56 -2.73
N GLY B 176 13.62 51.58 -1.92
CA GLY B 176 13.91 51.34 -0.51
C GLY B 176 12.79 50.55 0.15
N VAL B 177 11.57 51.08 0.05
CA VAL B 177 10.41 50.42 0.66
C VAL B 177 10.20 48.99 0.15
N GLU B 178 10.29 48.82 -1.16
CA GLU B 178 10.11 47.49 -1.74
C GLU B 178 11.17 46.58 -1.13
N LEU B 179 12.41 47.05 -1.12
CA LEU B 179 13.51 46.29 -0.55
C LEU B 179 13.21 45.94 0.89
N ASN B 180 13.01 46.95 1.71
CA ASN B 180 12.71 46.72 3.12
C ASN B 180 11.61 45.68 3.36
N LEU B 181 10.52 45.77 2.60
CA LEU B 181 9.42 44.81 2.73
C LEU B 181 9.93 43.38 2.51
N TYR B 182 10.63 43.16 1.39
CA TYR B 182 11.15 41.85 1.07
C TYR B 182 11.94 41.19 2.19
N LEU B 183 12.69 41.97 2.97
CA LEU B 183 13.46 41.36 4.05
C LEU B 183 12.55 40.85 5.17
N THR B 184 11.56 41.63 5.60
CA THR B 184 10.67 41.16 6.68
C THR B 184 9.77 40.02 6.18
N GLU B 185 9.52 40.01 4.87
CA GLU B 185 8.73 38.94 4.26
C GLU B 185 9.59 37.70 4.39
N LEU B 186 10.80 37.82 3.85
CA LEU B 186 11.82 36.77 3.82
C LEU B 186 12.05 36.11 5.16
N THR B 187 12.25 36.92 6.20
CA THR B 187 12.48 36.39 7.54
C THR B 187 11.19 35.82 8.16
N THR B 188 10.04 36.33 7.74
CA THR B 188 8.76 35.81 8.24
C THR B 188 8.59 34.40 7.67
N VAL B 189 8.77 34.28 6.36
CA VAL B 189 8.65 33.00 5.68
C VAL B 189 9.70 31.97 6.11
N PHE B 190 10.98 32.28 5.87
CA PHE B 190 12.04 31.35 6.23
C PHE B 190 12.68 31.74 7.56
N GLY B 191 11.85 32.05 8.55
CA GLY B 191 12.35 32.45 9.85
C GLY B 191 13.13 31.40 10.60
N PRO B 192 12.57 30.19 10.75
CA PRO B 192 13.26 29.13 11.46
C PRO B 192 14.59 28.85 10.80
N GLN B 193 14.53 28.56 9.50
CA GLN B 193 15.71 28.23 8.72
C GLN B 193 16.83 29.29 8.79
N ILE B 194 16.48 30.55 8.57
CA ILE B 194 17.46 31.64 8.62
C ILE B 194 18.10 31.69 10.01
N THR B 195 17.29 31.30 10.99
CA THR B 195 17.70 31.37 12.37
C THR B 195 18.38 30.17 13.06
N SER B 196 18.43 29.00 12.42
CA SER B 196 19.13 27.83 13.00
C SER B 196 19.50 26.73 12.02
N PRO B 197 20.70 26.18 12.17
CA PRO B 197 21.24 25.13 11.31
C PRO B 197 20.56 23.77 11.39
N ALA B 198 19.79 23.55 12.45
CA ALA B 198 19.12 22.27 12.66
C ALA B 198 17.82 22.15 11.91
N LEU B 199 17.13 21.03 12.09
CA LEU B 199 15.83 20.86 11.44
C LEU B 199 14.78 21.74 12.15
N THR B 200 13.89 22.35 11.37
CA THR B 200 12.86 23.22 11.92
C THR B 200 11.54 23.15 11.15
N GLN B 201 10.44 23.39 11.86
CA GLN B 201 9.11 23.35 11.27
C GLN B 201 9.08 24.27 10.07
N LEU B 202 8.38 23.85 9.02
CA LEU B 202 8.28 24.67 7.83
C LEU B 202 7.07 25.59 7.97
N THR B 203 7.24 26.87 7.65
CA THR B 203 6.13 27.81 7.73
C THR B 203 5.14 27.38 6.67
N ILE B 204 3.87 27.73 6.84
CA ILE B 204 2.89 27.34 5.84
C ILE B 204 3.29 27.94 4.48
N GLN B 205 3.67 29.22 4.52
CA GLN B 205 4.11 29.91 3.31
C GLN B 205 5.19 29.13 2.53
N ALA B 206 6.18 28.59 3.24
CA ALA B 206 7.23 27.87 2.54
C ALA B 206 6.72 26.58 1.90
N LEU B 207 5.88 25.84 2.62
CA LEU B 207 5.35 24.59 2.07
C LEU B 207 4.69 24.90 0.75
N TYR B 208 3.84 25.93 0.77
CA TYR B 208 3.09 26.39 -0.40
C TYR B 208 4.02 26.68 -1.59
N ASN B 209 4.97 27.59 -1.37
CA ASN B 209 5.90 27.95 -2.40
C ASN B 209 6.49 26.67 -2.97
N LEU B 210 7.01 25.83 -2.09
CA LEU B 210 7.60 24.56 -2.52
C LEU B 210 6.63 23.78 -3.40
N ALA B 211 5.37 23.78 -3.03
CA ALA B 211 4.39 23.07 -3.83
C ALA B 211 3.98 23.92 -5.04
N GLY B 212 4.74 24.97 -5.30
CA GLY B 212 4.41 25.84 -6.42
C GLY B 212 2.96 26.25 -6.40
N GLY B 213 2.46 26.73 -5.26
CA GLY B 213 1.07 27.14 -5.18
C GLY B 213 0.03 26.05 -5.39
N ASN B 214 0.44 24.95 -6.01
CA ASN B 214 -0.46 23.84 -6.28
C ASN B 214 -0.53 22.84 -5.12
N MET B 215 -1.17 23.25 -4.03
CA MET B 215 -1.25 22.39 -2.86
C MET B 215 -1.84 21.04 -3.14
N ASP B 216 -2.93 21.02 -3.89
CA ASP B 216 -3.62 19.77 -4.21
C ASP B 216 -2.64 18.75 -4.77
N TYR B 217 -1.70 19.23 -5.56
CA TYR B 217 -0.71 18.34 -6.14
C TYR B 217 0.13 17.68 -5.07
N LEU B 218 0.79 18.53 -4.28
CA LEU B 218 1.67 18.09 -3.20
C LEU B 218 1.02 17.04 -2.29
N LEU B 219 0.02 17.46 -1.53
CA LEU B 219 -0.66 16.56 -0.62
C LEU B 219 -0.87 15.24 -1.34
N THR B 220 -1.37 15.28 -2.56
CA THR B 220 -1.59 14.07 -3.31
C THR B 220 -0.35 13.16 -3.30
N LYS B 221 0.83 13.77 -3.40
CA LYS B 221 2.07 13.00 -3.37
C LYS B 221 2.42 12.55 -1.95
N LEU B 222 2.15 13.38 -0.95
CA LEU B 222 2.44 13.03 0.44
C LEU B 222 1.57 11.89 0.95
N GLY B 223 0.42 11.70 0.31
CA GLY B 223 -0.47 10.63 0.72
C GLY B 223 -1.74 11.11 1.39
N VAL B 224 -1.67 12.23 2.09
CA VAL B 224 -2.83 12.77 2.78
C VAL B 224 -3.77 13.63 1.94
N GLY B 225 -4.94 13.92 2.50
CA GLY B 225 -5.91 14.76 1.83
C GLY B 225 -6.11 15.98 2.71
N ASN B 226 -6.84 16.97 2.23
CA ASN B 226 -7.05 18.18 3.01
C ASN B 226 -7.42 17.94 4.45
N ASN B 227 -8.26 16.95 4.71
CA ASN B 227 -8.69 16.63 6.08
C ASN B 227 -7.51 16.25 6.97
N GLN B 228 -6.31 16.23 6.41
CA GLN B 228 -5.13 15.88 7.18
C GLN B 228 -4.05 16.95 7.16
N LEU B 229 -4.32 18.04 6.46
CA LEU B 229 -3.38 19.16 6.34
C LEU B 229 -3.00 19.79 7.67
N SER B 230 -4.01 20.19 8.45
CA SER B 230 -3.75 20.78 9.76
C SER B 230 -3.02 19.77 10.61
N SER B 231 -3.50 18.53 10.55
CA SER B 231 -2.93 17.41 11.28
C SER B 231 -1.44 17.25 10.96
N LEU B 232 -1.15 17.13 9.68
CA LEU B 232 0.23 16.99 9.23
C LEU B 232 1.08 18.15 9.78
N ILE B 233 0.72 19.38 9.43
CA ILE B 233 1.46 20.56 9.88
C ILE B 233 1.78 20.48 11.38
N SER B 234 0.76 20.17 12.18
CA SER B 234 0.92 20.07 13.62
C SER B 234 1.94 19.00 13.97
N SER B 235 1.83 17.86 13.29
CA SER B 235 2.72 16.71 13.50
C SER B 235 4.19 17.10 13.68
N GLY B 236 4.67 18.00 12.84
CA GLY B 236 6.05 18.44 12.89
C GLY B 236 6.91 17.58 11.99
N LEU B 237 6.25 16.76 11.19
CA LEU B 237 6.97 15.88 10.28
C LEU B 237 7.58 16.63 9.09
N ILE B 238 6.98 17.76 8.69
CA ILE B 238 7.51 18.50 7.55
C ILE B 238 8.50 19.55 8.02
N THR B 239 9.79 19.25 7.86
CA THR B 239 10.83 20.18 8.31
C THR B 239 11.90 20.51 7.26
N GLY B 240 12.67 21.55 7.53
CA GLY B 240 13.73 21.95 6.61
C GLY B 240 14.92 22.53 7.33
N ASN B 241 16.06 22.63 6.66
CA ASN B 241 17.27 23.19 7.28
C ASN B 241 18.20 23.78 6.23
N PRO B 242 18.94 24.84 6.60
CA PRO B 242 19.83 25.47 5.64
C PRO B 242 21.01 24.57 5.35
N ILE B 243 21.40 24.52 4.08
CA ILE B 243 22.52 23.70 3.62
C ILE B 243 23.36 24.47 2.61
N LEU B 244 23.11 25.76 2.49
CA LEU B 244 23.88 26.52 1.53
C LEU B 244 23.66 27.98 1.70
N TYR B 245 24.73 28.76 1.62
CA TYR B 245 24.63 30.20 1.73
C TYR B 245 25.74 30.95 1.00
N ASP B 246 25.50 31.23 -0.27
CA ASP B 246 26.46 31.95 -1.09
C ASP B 246 26.45 33.41 -0.65
N SER B 247 27.43 33.81 0.15
CA SER B 247 27.50 35.18 0.64
C SER B 247 27.69 36.21 -0.46
N GLN B 248 28.40 35.84 -1.51
CA GLN B 248 28.64 36.75 -2.63
C GLN B 248 27.41 36.95 -3.50
N THR B 249 26.82 35.85 -3.94
CA THR B 249 25.63 35.90 -4.78
C THR B 249 24.40 36.21 -3.94
N GLN B 250 24.52 36.06 -2.61
CA GLN B 250 23.40 36.27 -1.69
C GLN B 250 22.30 35.28 -2.06
N LEU B 251 22.64 34.00 -1.92
CA LEU B 251 21.77 32.89 -2.24
C LEU B 251 21.65 31.99 -1.01
N LEU B 252 20.43 31.57 -0.65
CA LEU B 252 20.22 30.71 0.52
C LEU B 252 19.62 29.37 0.11
N GLY B 253 20.23 28.28 0.56
CA GLY B 253 19.73 26.96 0.19
C GLY B 253 19.15 26.08 1.27
N ILE B 254 17.82 26.04 1.34
CA ILE B 254 17.09 25.22 2.31
C ILE B 254 16.80 23.82 1.74
N GLN B 255 16.81 22.81 2.60
CA GLN B 255 16.51 21.46 2.14
C GLN B 255 15.32 20.97 2.92
N VAL B 256 14.18 20.85 2.24
CA VAL B 256 12.97 20.38 2.86
C VAL B 256 12.92 18.86 2.90
N THR B 257 12.20 18.34 3.91
CA THR B 257 12.01 16.89 4.12
C THR B 257 10.53 16.58 4.33
N LEU B 258 9.89 16.02 3.30
CA LEU B 258 8.48 15.69 3.43
C LEU B 258 8.29 14.20 3.70
N PRO B 259 7.29 13.85 4.53
CA PRO B 259 6.98 12.48 4.89
C PRO B 259 6.18 11.82 3.79
N SER B 260 5.86 10.54 3.99
CA SER B 260 5.07 9.78 3.04
C SER B 260 4.07 9.02 3.89
N VAL B 261 3.05 9.74 4.35
CA VAL B 261 2.04 9.15 5.21
C VAL B 261 1.09 8.25 4.44
N GLY B 262 0.99 7.01 4.91
CA GLY B 262 0.12 6.02 4.30
C GLY B 262 -0.90 5.61 5.36
N ASN B 263 -2.04 6.30 5.31
CA ASN B 263 -3.12 6.06 6.26
C ASN B 263 -3.66 4.64 6.24
N LEU B 264 -3.68 4.01 7.41
CA LEU B 264 -4.23 2.66 7.56
C LEU B 264 -5.73 2.85 7.44
N ASN B 265 -6.45 1.81 7.02
CA ASN B 265 -7.88 1.95 6.82
C ASN B 265 -8.85 1.27 7.80
N ASN B 266 -9.81 2.07 8.25
CA ASN B 266 -10.84 1.60 9.16
C ASN B 266 -10.28 1.23 10.54
N MET B 267 -9.06 1.68 10.82
CA MET B 267 -8.47 1.42 12.11
C MET B 267 -8.57 2.73 12.89
N ARG B 268 -8.85 2.65 14.18
CA ARG B 268 -8.94 3.87 14.96
C ARG B 268 -8.55 3.61 16.40
N ALA B 269 -7.64 4.45 16.89
CA ALA B 269 -7.19 4.33 18.25
C ALA B 269 -8.17 5.12 19.08
N THR B 270 -8.46 4.63 20.28
CA THR B 270 -9.38 5.33 21.15
C THR B 270 -8.77 5.43 22.53
N TYR B 271 -8.58 6.66 23.01
CA TYR B 271 -8.00 6.92 24.32
C TYR B 271 -9.04 6.80 25.44
N LEU B 272 -8.76 5.98 26.44
CA LEU B 272 -9.69 5.83 27.55
C LEU B 272 -9.17 6.40 28.86
N GLU B 273 -10.08 6.81 29.72
CA GLU B 273 -9.73 7.35 31.03
C GLU B 273 -10.80 6.83 31.98
N THR B 274 -10.54 6.87 33.29
CA THR B 274 -11.52 6.33 34.23
C THR B 274 -11.59 7.03 35.56
N LEU B 275 -12.80 7.44 35.93
CA LEU B 275 -13.03 8.09 37.21
C LEU B 275 -13.36 7.00 38.22
N SER B 276 -13.18 7.31 39.50
CA SER B 276 -13.47 6.38 40.56
C SER B 276 -14.96 6.27 40.74
N VAL B 277 -15.55 5.28 40.10
CA VAL B 277 -17.00 5.07 40.23
C VAL B 277 -17.21 4.31 41.52
N SER B 278 -18.44 4.32 42.01
CA SER B 278 -18.74 3.58 43.22
C SER B 278 -19.23 2.22 42.77
N THR B 279 -20.48 2.14 42.31
CA THR B 279 -21.04 0.87 41.84
C THR B 279 -20.74 -0.25 42.85
N THR B 280 -19.59 -0.91 42.68
CA THR B 280 -19.16 -2.00 43.56
C THR B 280 -19.04 -1.49 44.98
N LYS B 281 -18.57 -0.24 45.07
CA LYS B 281 -18.38 0.50 46.31
C LYS B 281 -17.64 1.76 45.85
N GLY B 282 -17.73 2.83 46.63
CA GLY B 282 -17.05 4.06 46.25
C GLY B 282 -15.56 3.86 46.11
N PHE B 283 -15.15 2.59 46.18
CA PHE B 283 -13.75 2.19 46.07
C PHE B 283 -13.43 1.79 44.64
N ALA B 284 -14.49 1.56 43.86
CA ALA B 284 -14.37 1.13 42.47
C ALA B 284 -13.55 2.02 41.54
N SER B 285 -13.14 1.41 40.44
CA SER B 285 -12.34 2.06 39.41
C SER B 285 -11.97 0.97 38.39
N ALA B 286 -12.69 0.94 37.28
CA ALA B 286 -12.47 -0.06 36.25
C ALA B 286 -10.98 -0.26 35.86
N LEU B 287 -10.72 -1.36 35.18
CA LEU B 287 -9.38 -1.67 34.72
C LEU B 287 -9.43 -1.79 33.22
N VAL B 288 -8.81 -0.85 32.53
CA VAL B 288 -8.79 -0.87 31.07
C VAL B 288 -7.54 -0.17 30.58
N PRO B 289 -7.15 -0.44 29.32
CA PRO B 289 -5.96 0.18 28.76
C PRO B 289 -6.17 1.70 28.64
N LYS B 290 -5.08 2.43 28.32
CA LYS B 290 -5.17 3.88 28.17
C LYS B 290 -5.45 4.25 26.73
N VAL B 291 -5.13 3.34 25.81
CA VAL B 291 -5.35 3.55 24.39
C VAL B 291 -5.58 2.19 23.76
N VAL B 292 -6.60 2.07 22.92
CA VAL B 292 -6.86 0.81 22.26
C VAL B 292 -7.24 1.07 20.83
N THR B 293 -6.69 0.30 19.91
CA THR B 293 -7.02 0.46 18.52
C THR B 293 -7.99 -0.67 18.22
N GLN B 294 -8.60 -0.63 17.04
CA GLN B 294 -9.53 -1.69 16.63
C GLN B 294 -9.88 -1.62 15.15
N VAL B 295 -9.98 -2.80 14.54
CA VAL B 295 -10.31 -2.91 13.14
C VAL B 295 -11.40 -3.97 13.03
N GLY B 296 -12.65 -3.52 13.11
CA GLY B 296 -13.77 -4.44 13.07
C GLY B 296 -13.94 -5.00 14.46
N SER B 297 -14.13 -6.32 14.56
CA SER B 297 -14.32 -6.95 15.87
C SER B 297 -13.05 -6.94 16.73
N VAL B 298 -11.89 -6.88 16.08
CA VAL B 298 -10.62 -6.88 16.81
C VAL B 298 -10.44 -5.63 17.63
N ILE B 299 -10.02 -5.80 18.89
CA ILE B 299 -9.79 -4.66 19.81
C ILE B 299 -8.64 -4.93 20.76
N GLU B 300 -7.44 -4.53 20.36
CA GLU B 300 -6.28 -4.73 21.21
C GLU B 300 -5.72 -3.41 21.76
N GLU B 301 -4.74 -3.53 22.66
CA GLU B 301 -4.09 -2.38 23.28
C GLU B 301 -3.02 -1.83 22.35
N LEU B 302 -2.98 -0.51 22.21
CA LEU B 302 -2.02 0.13 21.32
C LEU B 302 -0.82 0.66 22.08
N ASP B 303 0.38 0.41 21.55
CA ASP B 303 1.59 0.91 22.17
C ASP B 303 1.93 2.20 21.44
N THR B 304 1.34 3.30 21.91
CA THR B 304 1.53 4.60 21.31
C THR B 304 2.95 5.14 21.29
N SER B 305 3.84 4.46 22.01
CA SER B 305 5.23 4.90 22.06
C SER B 305 5.82 5.19 20.68
N TYR B 306 5.33 4.54 19.63
CA TYR B 306 5.87 4.76 18.28
C TYR B 306 5.03 5.70 17.41
N CYS B 307 4.41 6.72 17.99
CA CYS B 307 3.59 7.62 17.17
C CYS B 307 3.61 9.08 17.58
N ILE B 308 3.68 9.96 16.59
CA ILE B 308 3.61 11.38 16.85
C ILE B 308 2.10 11.50 17.05
N GLU B 309 1.67 12.16 18.12
CA GLU B 309 0.26 12.23 18.39
C GLU B 309 -0.37 13.58 18.13
N THR B 310 -1.05 13.69 17.00
CA THR B 310 -1.75 14.91 16.62
C THR B 310 -3.18 14.88 17.16
N ASP B 311 -3.87 16.02 17.15
CA ASP B 311 -5.23 16.07 17.65
C ASP B 311 -6.13 15.09 16.90
N LEU B 312 -6.25 15.27 15.60
CA LEU B 312 -7.09 14.39 14.76
C LEU B 312 -6.43 13.13 14.23
N ASP B 313 -5.10 13.11 14.16
CA ASP B 313 -4.41 11.93 13.64
C ASP B 313 -3.23 11.47 14.45
N LEU B 314 -2.88 10.20 14.24
CA LEU B 314 -1.77 9.50 14.89
C LEU B 314 -0.78 9.10 13.81
N TYR B 315 0.40 9.73 13.79
CA TYR B 315 1.41 9.39 12.80
C TYR B 315 2.46 8.42 13.35
N CYS B 316 2.22 7.11 13.15
CA CYS B 316 3.13 6.06 13.64
C CYS B 316 4.10 5.51 12.60
N THR B 317 5.18 4.97 13.13
CA THR B 317 6.24 4.39 12.33
C THR B 317 6.05 2.89 12.30
N ARG B 318 5.22 2.41 13.20
CA ARG B 318 4.94 0.99 13.32
C ARG B 318 3.60 0.91 14.05
N ILE B 319 3.12 -0.31 14.31
CA ILE B 319 1.86 -0.48 15.03
C ILE B 319 2.11 -1.67 15.93
N VAL B 320 2.56 -1.39 17.15
CA VAL B 320 2.82 -2.45 18.13
C VAL B 320 1.61 -2.52 19.04
N THR B 321 1.05 -3.72 19.20
CA THR B 321 -0.12 -3.88 20.07
C THR B 321 -0.06 -5.17 20.88
N PHE B 322 -0.93 -5.26 21.87
CA PHE B 322 -0.99 -6.44 22.74
C PHE B 322 -2.44 -6.86 22.96
N PRO B 323 -2.67 -8.16 23.21
CA PRO B 323 -4.04 -8.62 23.44
C PRO B 323 -4.46 -8.24 24.85
N MET B 324 -5.76 -8.26 25.12
CA MET B 324 -6.24 -7.95 26.46
C MET B 324 -7.14 -9.05 27.00
N SER B 325 -7.38 -9.03 28.31
CA SER B 325 -8.23 -10.03 28.96
C SER B 325 -9.58 -10.17 28.23
N PRO B 326 -10.10 -11.40 28.10
CA PRO B 326 -11.37 -11.64 27.41
C PRO B 326 -12.46 -10.87 28.12
N GLY B 327 -12.21 -10.59 29.39
CA GLY B 327 -13.14 -9.83 30.19
C GLY B 327 -13.06 -8.39 29.71
N ILE B 328 -11.84 -7.90 29.53
CA ILE B 328 -11.65 -6.54 29.05
C ILE B 328 -12.37 -6.37 27.72
N TYR B 329 -12.04 -7.21 26.74
CA TYR B 329 -12.68 -7.11 25.43
C TYR B 329 -14.19 -7.08 25.57
N SER B 330 -14.70 -7.95 26.42
CA SER B 330 -16.13 -8.01 26.65
C SER B 330 -16.64 -6.64 27.10
N CYS B 331 -16.00 -6.07 28.13
CA CYS B 331 -16.45 -4.79 28.63
C CYS B 331 -16.43 -3.68 27.60
N LEU B 332 -15.24 -3.31 27.16
CA LEU B 332 -15.07 -2.24 26.16
C LEU B 332 -16.01 -2.39 24.99
N SER B 333 -16.36 -3.63 24.65
CA SER B 333 -17.26 -3.89 23.54
C SER B 333 -18.71 -4.06 23.95
N GLY B 334 -19.34 -2.96 24.36
CA GLY B 334 -20.74 -2.99 24.77
C GLY B 334 -21.08 -3.47 26.18
N ASN B 335 -20.81 -4.73 26.50
CA ASN B 335 -21.12 -5.25 27.83
C ASN B 335 -20.51 -4.33 28.87
N THR B 336 -21.02 -4.38 30.09
CA THR B 336 -20.51 -3.55 31.16
C THR B 336 -20.08 -4.44 32.32
N SER B 337 -20.82 -5.53 32.49
CA SER B 337 -20.55 -6.47 33.56
C SER B 337 -19.13 -7.03 33.57
N ALA B 338 -18.67 -7.48 32.41
CA ALA B 338 -17.32 -8.05 32.28
C ALA B 338 -16.30 -7.20 32.99
N CYS B 339 -16.51 -5.90 32.96
CA CYS B 339 -15.62 -4.94 33.58
C CYS B 339 -15.20 -5.30 35.00
N MET B 340 -13.90 -5.24 35.27
CA MET B 340 -13.36 -5.55 36.59
C MET B 340 -12.76 -4.32 37.21
N TYR B 341 -13.37 -3.83 38.28
CA TYR B 341 -12.89 -2.65 38.98
C TYR B 341 -11.83 -3.04 40.01
N SER B 342 -11.40 -2.08 40.81
CA SER B 342 -10.41 -2.32 41.87
C SER B 342 -10.21 -1.00 42.58
N LYS B 343 -9.21 -0.92 43.45
CA LYS B 343 -8.98 0.33 44.16
C LYS B 343 -7.51 0.59 44.43
N THR B 344 -6.78 0.91 43.38
CA THR B 344 -5.35 1.20 43.50
C THR B 344 -5.18 2.68 43.82
N GLU B 345 -6.20 3.46 43.51
CA GLU B 345 -6.16 4.89 43.78
C GLU B 345 -5.87 5.19 45.25
N GLY B 346 -5.37 6.40 45.51
CA GLY B 346 -5.05 6.79 46.86
C GLY B 346 -6.03 7.81 47.39
N ALA B 347 -5.82 8.24 48.62
CA ALA B 347 -6.69 9.21 49.25
C ALA B 347 -6.77 10.53 48.51
N LEU B 348 -5.63 11.07 48.07
CA LEU B 348 -5.60 12.36 47.39
C LEU B 348 -6.05 12.40 45.94
N THR B 349 -6.35 11.26 45.33
CA THR B 349 -6.77 11.32 43.93
C THR B 349 -8.15 11.97 43.78
N THR B 350 -8.20 13.00 42.94
CA THR B 350 -9.44 13.74 42.69
C THR B 350 -10.44 12.92 41.87
N PRO B 351 -11.71 12.98 42.25
CA PRO B 351 -12.86 12.28 41.64
C PRO B 351 -13.37 12.92 40.35
N TYR B 352 -12.71 13.99 39.92
CA TYR B 352 -13.14 14.71 38.73
C TYR B 352 -11.98 15.00 37.80
N MET B 353 -12.06 14.57 36.56
CA MET B 353 -10.99 14.88 35.63
C MET B 353 -11.37 16.17 34.89
N THR B 354 -10.72 16.45 33.76
CA THR B 354 -11.00 17.64 32.95
C THR B 354 -10.95 17.14 31.51
N LEU B 355 -11.57 17.87 30.59
CA LEU B 355 -11.59 17.43 29.19
C LEU B 355 -12.14 18.46 28.23
N LYS B 356 -11.29 18.93 27.32
CA LYS B 356 -11.66 19.90 26.30
C LYS B 356 -12.63 20.98 26.79
N GLY B 357 -12.26 21.74 27.82
CA GLY B 357 -13.18 22.78 28.30
C GLY B 357 -14.20 22.37 29.35
N SER B 358 -14.73 21.16 29.28
CA SER B 358 -15.71 20.72 30.26
C SER B 358 -14.99 20.06 31.42
N VAL B 359 -15.75 19.45 32.32
CA VAL B 359 -15.18 18.77 33.49
C VAL B 359 -16.05 17.59 33.88
N ILE B 360 -15.64 16.40 33.47
CA ILE B 360 -16.37 15.20 33.81
C ILE B 360 -16.10 15.00 35.28
N ALA B 361 -17.09 14.52 36.03
CA ALA B 361 -16.91 14.30 37.47
C ALA B 361 -17.93 13.35 38.08
N ASN B 362 -17.55 12.71 39.19
CA ASN B 362 -18.45 11.82 39.90
C ASN B 362 -19.11 12.73 40.92
N CYS B 363 -20.11 13.49 40.48
CA CYS B 363 -20.78 14.39 41.38
C CYS B 363 -21.40 13.69 42.57
N LYS B 364 -21.44 12.36 42.53
CA LYS B 364 -21.95 11.59 43.65
C LYS B 364 -20.86 11.65 44.71
N MET B 365 -19.64 11.43 44.26
CA MET B 365 -18.46 11.43 45.11
C MET B 365 -18.09 12.73 45.78
N THR B 366 -18.58 13.85 45.25
CA THR B 366 -18.30 15.16 45.83
C THR B 366 -19.33 16.19 45.41
N THR B 367 -19.55 17.16 46.27
CA THR B 367 -20.52 18.21 45.97
C THR B 367 -20.12 18.96 44.71
N CYS B 368 -21.06 19.11 43.80
CA CYS B 368 -20.82 19.83 42.55
C CYS B 368 -21.72 21.08 42.54
N ARG B 369 -21.38 22.06 43.37
CA ARG B 369 -22.15 23.29 43.45
C ARG B 369 -21.79 24.16 42.24
N CYS B 370 -22.79 24.78 41.63
CA CYS B 370 -22.53 25.65 40.50
C CYS B 370 -22.91 27.07 40.87
N ALA B 371 -21.94 27.85 41.32
CA ALA B 371 -22.17 29.24 41.72
C ALA B 371 -22.88 30.11 40.70
N ASP B 372 -22.72 29.87 39.38
CA ASP B 372 -23.45 30.70 38.40
C ASP B 372 -24.90 30.25 38.46
N PRO B 373 -25.45 29.57 37.44
CA PRO B 373 -26.87 29.26 37.73
C PRO B 373 -26.76 28.37 38.96
N PRO B 374 -27.15 28.90 40.14
CA PRO B 374 -27.03 28.09 41.35
C PRO B 374 -27.67 26.70 41.30
N GLY B 375 -27.47 25.96 42.37
CA GLY B 375 -28.02 24.62 42.47
C GLY B 375 -26.96 23.56 42.28
N ILE B 376 -27.08 22.50 43.07
CA ILE B 376 -26.16 21.38 43.02
C ILE B 376 -26.42 20.55 41.77
N ILE B 377 -25.37 20.31 40.99
CA ILE B 377 -25.52 19.47 39.81
C ILE B 377 -25.59 18.12 40.45
N SER B 378 -26.70 17.43 40.30
CA SER B 378 -26.77 16.13 40.91
C SER B 378 -26.95 15.05 39.86
N GLN B 379 -26.90 13.82 40.33
CA GLN B 379 -27.03 12.66 39.48
C GLN B 379 -27.45 11.57 40.41
N ASN B 380 -27.87 10.44 39.86
CA ASN B 380 -28.24 9.32 40.70
C ASN B 380 -28.67 8.04 40.02
N TYR B 381 -27.92 7.01 40.34
CA TYR B 381 -28.17 5.66 39.85
C TYR B 381 -28.29 5.54 38.34
N GLY B 382 -27.42 4.70 37.77
CA GLY B 382 -27.41 4.46 36.34
C GLY B 382 -26.54 5.42 35.56
N GLU B 383 -26.42 6.64 36.06
CA GLU B 383 -25.63 7.68 35.43
C GLU B 383 -24.10 7.47 35.50
N ALA B 384 -23.58 7.26 36.72
CA ALA B 384 -22.14 7.03 36.99
C ALA B 384 -21.36 8.32 37.22
N VAL B 385 -21.26 9.16 36.19
CA VAL B 385 -20.52 10.41 36.32
C VAL B 385 -21.29 11.54 35.68
N SER B 386 -21.15 12.72 36.25
CA SER B 386 -21.80 13.90 35.71
C SER B 386 -20.88 14.38 34.59
N LEU B 387 -21.37 15.30 33.76
CA LEU B 387 -20.57 15.83 32.66
C LEU B 387 -20.77 17.33 32.59
N ILE B 388 -20.51 18.01 33.70
CA ILE B 388 -20.71 19.45 33.77
C ILE B 388 -20.16 20.18 32.54
N ASP B 389 -21.07 20.67 31.70
CA ASP B 389 -20.70 21.39 30.49
C ASP B 389 -20.84 22.89 30.70
N ARG B 390 -20.57 23.67 29.64
CA ARG B 390 -20.67 25.14 29.69
C ARG B 390 -22.12 25.59 29.68
N GLN B 391 -22.94 24.86 28.94
CA GLN B 391 -24.35 25.15 28.88
C GLN B 391 -24.87 24.80 30.27
N SER B 392 -24.69 23.54 30.65
CA SER B 392 -25.13 23.05 31.95
C SER B 392 -24.81 24.00 33.11
N CYS B 393 -23.61 24.55 33.17
CA CYS B 393 -23.25 25.47 34.24
C CYS B 393 -22.12 26.42 33.81
N ASN B 394 -22.07 27.60 34.41
CA ASN B 394 -21.03 28.57 34.04
C ASN B 394 -19.89 28.72 35.04
N ILE B 395 -20.01 28.08 36.21
CA ILE B 395 -18.98 28.15 37.26
C ILE B 395 -19.06 26.96 38.22
N LEU B 396 -18.24 25.93 37.99
CA LEU B 396 -18.24 24.74 38.84
C LEU B 396 -17.53 24.99 40.15
N SER B 397 -17.75 24.08 41.11
CA SER B 397 -17.12 24.17 42.42
C SER B 397 -16.99 22.77 43.01
N LEU B 398 -16.09 21.97 42.45
CA LEU B 398 -15.88 20.61 42.92
C LEU B 398 -15.10 20.53 44.23
N ASP B 399 -15.59 21.20 45.27
CA ASP B 399 -14.92 21.15 46.57
C ASP B 399 -13.49 21.69 46.56
N GLY B 400 -13.29 22.89 47.09
CA GLY B 400 -11.96 23.45 47.14
C GLY B 400 -11.45 24.15 45.88
N ILE B 401 -11.91 23.75 44.71
CA ILE B 401 -11.42 24.41 43.50
C ILE B 401 -12.53 24.79 42.54
N THR B 402 -12.75 26.10 42.40
CA THR B 402 -13.78 26.62 41.52
C THR B 402 -13.19 26.83 40.12
N LEU B 403 -13.84 26.28 39.11
CA LEU B 403 -13.36 26.43 37.74
C LEU B 403 -14.33 27.21 36.86
N ARG B 404 -13.80 28.10 36.04
CA ARG B 404 -14.64 28.84 35.12
C ARG B 404 -14.86 27.85 34.00
N LEU B 405 -16.08 27.75 33.47
CA LEU B 405 -16.30 26.83 32.37
C LEU B 405 -16.71 27.61 31.12
N SER B 406 -16.74 28.91 31.28
CA SER B 406 -17.10 29.78 30.17
C SER B 406 -16.41 31.12 30.35
N GLY B 407 -16.09 31.75 29.23
CA GLY B 407 -15.42 33.02 29.28
C GLY B 407 -15.21 33.51 27.88
N GLU B 408 -14.86 34.79 27.73
CA GLU B 408 -14.69 35.35 26.41
C GLU B 408 -13.89 36.63 26.49
N PHE B 409 -13.29 36.99 25.36
CA PHE B 409 -12.49 38.19 25.25
C PHE B 409 -12.38 38.49 23.77
N ASP B 410 -12.36 39.76 23.44
CA ASP B 410 -12.22 40.17 22.05
C ASP B 410 -11.32 41.37 22.07
N ALA B 411 -10.65 41.61 20.95
CA ALA B 411 -9.78 42.74 20.84
C ALA B 411 -9.47 42.99 19.37
N THR B 412 -8.88 44.15 19.10
CA THR B 412 -8.55 44.49 17.73
C THR B 412 -7.12 44.99 17.66
N TYR B 413 -6.44 44.59 16.61
CA TYR B 413 -5.08 45.04 16.44
C TYR B 413 -5.15 45.84 15.14
N GLN B 414 -4.68 47.09 15.19
CA GLN B 414 -4.69 47.96 14.03
C GLN B 414 -3.85 49.18 14.37
N LYS B 415 -3.30 49.84 13.35
CA LYS B 415 -2.45 51.01 13.56
C LYS B 415 -2.95 52.25 12.83
N ASN B 416 -2.75 53.40 13.46
CA ASN B 416 -3.17 54.66 12.88
C ASN B 416 -1.96 55.49 12.48
N ILE B 417 -1.66 55.53 11.19
CA ILE B 417 -0.53 56.31 10.72
C ILE B 417 -0.87 57.77 10.99
N SER B 418 0.13 58.62 11.13
CA SER B 418 -0.09 60.04 11.43
C SER B 418 0.94 60.92 10.75
N ILE B 419 0.69 61.26 9.49
CA ILE B 419 1.61 62.09 8.71
C ILE B 419 1.85 63.49 9.30
N GLN B 420 2.96 64.07 8.89
CA GLN B 420 3.40 65.37 9.34
C GLN B 420 3.46 66.22 8.06
N ASP B 421 3.26 67.53 8.15
CA ASP B 421 3.31 68.40 6.97
C ASP B 421 4.62 69.18 6.85
N SER B 422 4.84 69.80 5.69
CA SER B 422 6.06 70.56 5.45
C SER B 422 5.82 71.98 4.90
N GLN B 423 6.82 72.54 4.22
CA GLN B 423 6.74 73.89 3.66
C GLN B 423 7.94 74.27 2.75
N ASP C 2 27.40 -2.86 17.70
CA ASP C 2 26.78 -4.19 17.78
C ASP C 2 26.69 -4.94 16.45
N GLY C 3 26.70 -4.22 15.33
CA GLY C 3 26.62 -4.86 14.03
C GLY C 3 25.25 -5.41 13.71
N ARG C 4 25.15 -6.30 12.73
CA ARG C 4 23.84 -6.85 12.38
C ARG C 4 23.73 -8.34 12.01
N PRO C 5 24.31 -9.23 12.85
CA PRO C 5 24.24 -10.67 12.65
C PRO C 5 22.97 -11.07 13.40
N LEU C 6 22.56 -10.19 14.31
CA LEU C 6 21.36 -10.37 15.11
C LEU C 6 20.14 -9.86 14.33
N ALA C 7 20.41 -9.30 13.15
CA ALA C 7 19.36 -8.81 12.26
C ALA C 7 18.65 -10.06 11.73
N ALA C 8 19.37 -11.17 11.75
CA ALA C 8 18.87 -12.46 11.35
C ALA C 8 18.01 -13.01 12.49
N ALA C 9 18.23 -12.46 13.69
CA ALA C 9 17.46 -12.86 14.85
C ALA C 9 16.20 -12.01 15.03
N GLY C 10 16.03 -11.01 14.17
CA GLY C 10 14.87 -10.15 14.28
C GLY C 10 15.15 -8.85 15.00
N ILE C 11 16.36 -8.73 15.53
CA ILE C 11 16.75 -7.52 16.24
C ILE C 11 17.24 -6.46 15.27
N VAL C 12 16.44 -5.42 15.02
CA VAL C 12 16.87 -4.34 14.14
C VAL C 12 17.52 -3.23 14.99
N VAL C 13 18.60 -2.61 14.51
CA VAL C 13 19.23 -1.51 15.27
C VAL C 13 18.74 -0.19 14.71
N THR C 14 17.83 0.46 15.40
CA THR C 14 17.29 1.71 14.93
C THR C 14 18.30 2.84 14.97
N GLY C 15 19.19 2.83 15.97
CA GLY C 15 20.15 3.91 16.04
C GLY C 15 21.30 3.78 17.02
N ASP C 16 22.34 4.55 16.76
CA ASP C 16 23.54 4.56 17.58
C ASP C 16 23.86 6.00 17.92
N LYS C 17 24.15 6.28 19.19
CA LYS C 17 24.44 7.64 19.62
C LYS C 17 25.47 7.75 20.73
N ALA C 18 26.15 8.89 20.77
CA ALA C 18 27.14 9.13 21.81
C ALA C 18 26.42 9.52 23.10
N VAL C 19 27.16 9.65 24.19
CA VAL C 19 26.54 10.00 25.46
C VAL C 19 27.41 11.00 26.19
N ASN C 20 26.81 11.97 26.87
CA ASN C 20 27.58 12.96 27.59
C ASN C 20 26.81 13.45 28.80
N ILE C 21 27.55 13.92 29.80
CA ILE C 21 26.96 14.45 31.02
C ILE C 21 26.93 15.96 30.80
N TYR C 22 26.02 16.67 31.44
CA TYR C 22 25.96 18.10 31.24
C TYR C 22 25.42 18.79 32.46
N THR C 23 25.69 20.08 32.58
CA THR C 23 25.25 20.87 33.72
C THR C 23 25.05 22.34 33.34
N SER C 24 23.82 22.82 33.42
CA SER C 24 23.56 24.19 33.05
C SER C 24 24.17 25.15 34.04
N SER C 25 25.49 25.10 34.12
CA SER C 25 26.23 25.95 35.03
C SER C 25 26.74 27.27 34.41
N GLN C 26 27.27 27.21 33.20
CA GLN C 26 27.76 28.40 32.54
C GLN C 26 26.62 29.40 32.35
N THR C 27 26.95 30.68 32.27
CA THR C 27 25.92 31.70 32.13
C THR C 27 26.46 32.93 31.43
N GLY C 28 25.58 33.62 30.70
CA GLY C 28 26.02 34.82 30.00
C GLY C 28 24.90 35.82 29.82
N SER C 29 25.28 37.05 29.48
CA SER C 29 24.31 38.12 29.29
C SER C 29 24.53 38.99 28.05
N ILE C 30 23.47 39.17 27.28
CA ILE C 30 23.50 39.99 26.08
C ILE C 30 22.78 41.28 26.45
N ILE C 31 23.29 42.42 25.99
CA ILE C 31 22.64 43.69 26.28
C ILE C 31 22.50 44.51 25.00
N ILE C 32 21.32 44.39 24.41
CA ILE C 32 20.94 45.04 23.16
C ILE C 32 20.72 46.54 23.30
N LYS C 33 21.00 47.27 22.22
CA LYS C 33 20.81 48.71 22.14
C LYS C 33 19.88 48.94 20.95
N LEU C 34 18.59 48.99 21.25
CA LEU C 34 17.53 49.17 20.25
C LEU C 34 17.63 50.42 19.35
N LEU C 35 18.04 51.56 19.92
CA LEU C 35 18.21 52.78 19.12
C LEU C 35 19.65 52.76 18.58
N PRO C 36 19.78 52.71 17.25
CA PRO C 36 21.12 52.68 16.65
C PRO C 36 21.94 53.92 16.98
N ASN C 37 23.26 53.79 16.90
CA ASN C 37 24.15 54.91 17.16
C ASN C 37 24.07 55.81 15.91
N MET C 38 23.42 56.95 16.09
CA MET C 38 23.25 57.93 15.01
C MET C 38 24.48 58.83 14.84
N PRO C 39 24.58 59.50 13.69
CA PRO C 39 25.69 60.40 13.42
C PRO C 39 25.43 61.75 14.12
N LYS C 40 26.49 62.47 14.47
CA LYS C 40 26.38 63.75 15.16
C LYS C 40 25.62 64.83 14.39
N ASP C 41 24.83 65.62 15.09
CA ASP C 41 24.06 66.71 14.49
C ASP C 41 23.65 66.68 12.99
N LYS C 42 22.98 65.61 12.55
CA LYS C 42 22.50 65.59 11.18
C LYS C 42 21.17 64.90 11.41
N GLU C 43 20.63 65.24 12.57
CA GLU C 43 19.38 64.73 13.09
C GLU C 43 18.13 65.46 12.65
N ALA C 44 18.23 66.78 12.50
CA ALA C 44 17.08 67.56 12.08
C ALA C 44 16.30 66.73 11.07
N CYS C 45 17.02 66.20 10.09
CA CYS C 45 16.42 65.37 9.05
C CYS C 45 15.97 63.98 9.56
N ALA C 46 16.88 63.29 10.23
CA ALA C 46 16.59 61.95 10.78
C ALA C 46 15.55 61.90 11.91
N LYS C 47 15.28 63.04 12.54
CA LYS C 47 14.33 63.08 13.64
C LYS C 47 12.95 62.53 13.29
N ALA C 48 12.50 62.76 12.07
CA ALA C 48 11.20 62.28 11.62
C ALA C 48 11.01 60.76 11.68
N PRO C 49 11.85 59.99 10.96
CA PRO C 49 11.73 58.53 10.97
C PRO C 49 12.08 57.97 12.34
N LEU C 50 13.12 58.53 12.94
CA LEU C 50 13.55 58.07 14.24
C LEU C 50 12.34 58.04 15.16
N GLU C 51 11.57 59.12 15.16
CA GLU C 51 10.38 59.20 15.99
C GLU C 51 9.49 57.97 15.79
N ALA C 52 9.10 57.75 14.53
CA ALA C 52 8.25 56.62 14.18
C ALA C 52 8.80 55.32 14.75
N TYR C 53 10.06 55.05 14.43
CA TYR C 53 10.77 53.86 14.89
C TYR C 53 10.75 53.78 16.41
N ASN C 54 11.37 54.74 17.09
CA ASN C 54 11.40 54.74 18.54
C ASN C 54 10.02 54.62 19.14
N ARG C 55 9.00 54.80 18.31
CA ARG C 55 7.62 54.68 18.78
C ARG C 55 7.22 53.21 18.79
N THR C 56 7.19 52.61 17.60
CA THR C 56 6.83 51.21 17.47
C THR C 56 7.68 50.39 18.43
N LEU C 57 8.90 50.82 18.70
CA LEU C 57 9.77 50.09 19.62
C LEU C 57 9.05 49.93 20.96
N THR C 58 8.67 51.05 21.56
CA THR C 58 7.99 50.99 22.84
C THR C 58 6.67 50.27 22.65
N THR C 59 6.03 50.49 21.50
CA THR C 59 4.75 49.86 21.25
C THR C 59 4.90 48.37 21.43
N LEU C 60 6.02 47.86 20.95
CA LEU C 60 6.35 46.44 20.99
C LEU C 60 6.86 45.96 22.34
N LEU C 61 7.96 46.53 22.81
CA LEU C 61 8.55 46.08 24.07
C LEU C 61 7.84 46.38 25.37
N THR C 62 6.89 47.31 25.37
CA THR C 62 6.21 47.62 26.64
C THR C 62 5.60 46.42 27.36
N PRO C 63 4.83 45.59 26.66
CA PRO C 63 4.26 44.44 27.39
C PRO C 63 5.40 43.59 27.98
N LEU C 64 6.31 43.15 27.12
CA LEU C 64 7.46 42.34 27.55
C LEU C 64 8.08 42.95 28.81
N GLY C 65 8.33 44.25 28.76
CA GLY C 65 8.90 44.93 29.91
C GLY C 65 8.00 44.79 31.13
N ASP C 66 6.68 44.87 30.91
CA ASP C 66 5.69 44.72 31.98
C ASP C 66 5.79 43.32 32.64
N SER C 67 5.64 42.27 31.84
CA SER C 67 5.71 40.89 32.34
C SER C 67 6.97 40.64 33.12
N ILE C 68 8.08 41.15 32.60
CA ILE C 68 9.35 40.98 33.29
C ILE C 68 9.20 41.47 34.73
N ARG C 69 8.60 42.64 34.91
CA ARG C 69 8.41 43.18 36.25
C ARG C 69 7.57 42.23 37.08
N ARG C 70 6.37 41.95 36.59
CA ARG C 70 5.49 41.08 37.33
C ARG C 70 6.19 39.82 37.83
N ILE C 71 6.94 39.16 36.95
CA ILE C 71 7.62 37.94 37.34
C ILE C 71 8.66 38.20 38.41
N GLN C 72 9.50 39.21 38.18
CA GLN C 72 10.56 39.57 39.11
C GLN C 72 10.08 40.00 40.50
N GLU C 73 8.84 40.45 40.61
CA GLU C 73 8.28 40.87 41.89
C GLU C 73 8.09 39.71 42.85
N SER C 74 7.84 38.52 42.30
CA SER C 74 7.63 37.32 43.10
C SER C 74 8.90 36.78 43.78
N GLY C 140 11.65 101.30 -18.55
CA GLY C 140 12.67 102.04 -17.84
C GLY C 140 13.92 101.21 -17.70
N LEU C 141 14.90 101.41 -18.58
CA LEU C 141 16.16 100.66 -18.54
C LEU C 141 16.75 100.67 -17.14
N SER C 142 16.89 101.86 -16.56
CA SER C 142 17.42 101.95 -15.21
C SER C 142 16.46 101.26 -14.23
N GLN C 143 15.17 101.55 -14.38
CA GLN C 143 14.12 100.98 -13.53
C GLN C 143 14.00 99.46 -13.65
N LEU C 144 13.74 98.97 -14.86
CA LEU C 144 13.60 97.53 -15.10
C LEU C 144 14.88 96.77 -14.78
N ALA C 145 16.04 97.42 -14.91
CA ALA C 145 17.32 96.78 -14.60
C ALA C 145 17.25 96.28 -13.16
N VAL C 146 16.42 96.93 -12.35
CA VAL C 146 16.22 96.55 -10.96
C VAL C 146 15.55 95.17 -10.89
N ALA C 147 14.66 94.90 -11.83
CA ALA C 147 13.97 93.62 -11.91
C ALA C 147 15.04 92.53 -11.96
N VAL C 148 15.89 92.57 -12.99
CA VAL C 148 16.95 91.59 -13.13
C VAL C 148 17.72 91.50 -11.80
N GLY C 149 17.87 92.63 -11.12
CA GLY C 149 18.56 92.65 -9.85
C GLY C 149 17.91 91.71 -8.85
N LYS C 150 16.64 91.95 -8.55
CA LYS C 150 15.89 91.12 -7.59
C LYS C 150 15.60 89.73 -8.13
N MET C 151 14.99 89.68 -9.31
CA MET C 151 14.68 88.40 -9.95
C MET C 151 15.88 87.47 -9.83
N GLN C 152 17.02 87.89 -10.37
CA GLN C 152 18.23 87.08 -10.31
C GLN C 152 18.56 86.63 -8.88
N GLN C 153 18.80 87.59 -8.00
CA GLN C 153 19.13 87.26 -6.61
C GLN C 153 18.11 86.29 -6.02
N PHE C 154 16.84 86.52 -6.33
CA PHE C 154 15.76 85.70 -5.83
C PHE C 154 15.89 84.23 -6.22
N VAL C 155 15.88 83.93 -7.51
CA VAL C 155 15.98 82.55 -7.94
C VAL C 155 17.19 81.91 -7.27
N ASN C 156 18.24 82.69 -7.03
CA ASN C 156 19.41 82.15 -6.36
C ASN C 156 18.98 81.62 -5.00
N ASP C 157 18.53 82.52 -4.13
CA ASP C 157 18.08 82.13 -2.79
C ASP C 157 17.09 80.98 -2.87
N GLN C 158 16.06 81.12 -3.70
CA GLN C 158 15.05 80.09 -3.81
C GLN C 158 15.66 78.73 -4.18
N PHE C 159 16.37 78.67 -5.30
CA PHE C 159 16.98 77.42 -5.70
C PHE C 159 17.79 76.83 -4.54
N ASN C 160 18.59 77.67 -3.87
CA ASN C 160 19.40 77.21 -2.74
C ASN C 160 18.59 76.54 -1.65
N LYS C 161 17.39 77.06 -1.37
CA LYS C 161 16.53 76.43 -0.38
C LYS C 161 16.28 75.05 -0.97
N THR C 162 15.72 75.03 -2.18
CA THR C 162 15.43 73.80 -2.89
C THR C 162 16.67 72.93 -2.90
N ALA C 163 17.82 73.57 -2.97
CA ALA C 163 19.08 72.84 -2.99
C ALA C 163 19.13 71.96 -1.76
N GLN C 164 19.33 72.58 -0.60
CA GLN C 164 19.41 71.82 0.64
C GLN C 164 18.09 71.17 1.05
N GLU C 165 16.98 71.62 0.47
CA GLU C 165 15.69 71.01 0.78
C GLU C 165 15.66 69.64 0.14
N LEU C 166 16.55 69.45 -0.84
CA LEU C 166 16.68 68.18 -1.54
C LEU C 166 17.67 67.27 -0.81
N ASP C 167 18.37 67.82 0.17
CA ASP C 167 19.33 67.03 0.94
C ASP C 167 18.68 66.30 2.10
N CYS C 168 17.96 67.03 2.95
CA CYS C 168 17.28 66.43 4.11
C CYS C 168 16.49 65.23 3.60
N ILE C 169 15.73 65.45 2.52
CA ILE C 169 14.95 64.39 1.90
C ILE C 169 15.85 63.23 1.49
N LYS C 170 17.05 63.55 1.03
CA LYS C 170 18.00 62.53 0.63
C LYS C 170 18.54 61.76 1.83
N ILE C 171 18.81 62.48 2.92
CA ILE C 171 19.33 61.86 4.12
C ILE C 171 18.29 61.05 4.89
N THR C 172 17.11 61.61 5.13
CA THR C 172 16.09 60.88 5.86
C THR C 172 15.64 59.67 5.04
N GLN C 173 15.78 59.78 3.72
CA GLN C 173 15.42 58.68 2.83
C GLN C 173 16.22 57.46 3.25
N GLN C 174 17.49 57.71 3.56
CA GLN C 174 18.43 56.68 3.99
C GLN C 174 18.21 56.29 5.46
N VAL C 175 18.30 57.25 6.38
CA VAL C 175 18.11 56.97 7.81
C VAL C 175 16.86 56.13 8.03
N GLY C 176 15.87 56.31 7.16
CA GLY C 176 14.65 55.54 7.30
C GLY C 176 14.91 54.08 7.03
N VAL C 177 15.32 53.78 5.79
CA VAL C 177 15.59 52.40 5.41
C VAL C 177 16.50 51.72 6.43
N GLU C 178 17.61 52.35 6.77
CA GLU C 178 18.53 51.76 7.74
C GLU C 178 17.76 51.45 9.01
N LEU C 179 17.06 52.44 9.54
CA LEU C 179 16.27 52.28 10.75
C LEU C 179 15.24 51.16 10.62
N ASN C 180 14.65 51.03 9.43
CA ASN C 180 13.67 49.98 9.21
C ASN C 180 14.29 48.60 9.18
N LEU C 181 15.45 48.45 8.55
CA LEU C 181 16.12 47.15 8.52
C LEU C 181 16.47 46.67 9.95
N TYR C 182 17.17 47.51 10.70
CA TYR C 182 17.58 47.16 12.06
C TYR C 182 16.43 46.63 12.93
N LEU C 183 15.19 47.07 12.70
CA LEU C 183 14.11 46.53 13.52
C LEU C 183 13.82 45.09 13.09
N THR C 184 13.74 44.81 11.79
CA THR C 184 13.46 43.44 11.37
C THR C 184 14.65 42.55 11.70
N GLU C 185 15.86 43.09 11.58
CA GLU C 185 17.06 42.31 11.92
C GLU C 185 16.89 41.93 13.37
N LEU C 186 16.74 42.97 14.20
CA LEU C 186 16.57 42.84 15.64
C LEU C 186 15.52 41.81 16.04
N THR C 187 14.33 41.92 15.48
CA THR C 187 13.29 40.97 15.81
C THR C 187 13.65 39.61 15.23
N THR C 188 14.34 39.57 14.09
CA THR C 188 14.71 38.26 13.56
C THR C 188 15.66 37.55 14.53
N VAL C 189 16.67 38.28 15.00
CA VAL C 189 17.68 37.75 15.91
C VAL C 189 17.20 37.41 17.31
N PHE C 190 16.69 38.40 18.04
CA PHE C 190 16.20 38.14 19.39
C PHE C 190 14.68 38.02 19.41
N GLY C 191 14.14 37.33 18.41
CA GLY C 191 12.70 37.14 18.32
C GLY C 191 12.14 36.48 19.55
N PRO C 192 12.57 35.27 19.87
CA PRO C 192 12.06 34.57 21.05
C PRO C 192 12.10 35.43 22.30
N GLN C 193 13.26 36.02 22.58
CA GLN C 193 13.44 36.85 23.76
C GLN C 193 12.48 38.04 23.80
N ILE C 194 12.33 38.73 22.68
CA ILE C 194 11.43 39.88 22.62
C ILE C 194 10.00 39.41 22.89
N THR C 195 9.67 38.27 22.29
CA THR C 195 8.34 37.67 22.37
C THR C 195 7.83 36.93 23.64
N SER C 196 8.70 36.67 24.62
CA SER C 196 8.26 35.96 25.83
C SER C 196 9.23 36.19 27.01
N PRO C 197 8.71 36.23 28.25
CA PRO C 197 9.53 36.44 29.45
C PRO C 197 10.15 35.16 30.01
N ALA C 198 9.75 34.01 29.48
CA ALA C 198 10.31 32.72 29.91
C ALA C 198 11.56 32.31 29.12
N LEU C 199 12.13 31.16 29.42
CA LEU C 199 13.32 30.69 28.73
C LEU C 199 12.98 30.28 27.31
N THR C 200 13.83 30.67 26.36
CA THR C 200 13.60 30.34 24.96
C THR C 200 14.87 30.00 24.19
N GLN C 201 14.72 29.14 23.19
CA GLN C 201 15.86 28.70 22.38
C GLN C 201 16.57 29.95 21.89
N LEU C 202 17.89 29.91 21.85
CA LEU C 202 18.62 31.08 21.39
C LEU C 202 18.85 30.97 19.89
N THR C 203 18.71 32.07 19.15
CA THR C 203 18.92 31.97 17.70
C THR C 203 20.39 31.76 17.47
N ILE C 204 20.75 31.21 16.33
CA ILE C 204 22.15 30.98 16.06
C ILE C 204 22.88 32.30 16.10
N GLN C 205 22.28 33.32 15.48
CA GLN C 205 22.86 34.66 15.43
C GLN C 205 23.14 35.22 16.82
N ALA C 206 22.34 34.84 17.80
CA ALA C 206 22.57 35.34 19.15
C ALA C 206 23.81 34.71 19.78
N LEU C 207 23.91 33.38 19.67
CA LEU C 207 25.05 32.66 20.22
C LEU C 207 26.31 33.27 19.63
N TYR C 208 26.39 33.25 18.30
CA TYR C 208 27.52 33.80 17.59
C TYR C 208 27.93 35.12 18.25
N ASN C 209 27.02 36.10 18.21
CA ASN C 209 27.26 37.41 18.80
C ASN C 209 27.81 37.28 20.23
N LEU C 210 27.15 36.46 21.03
CA LEU C 210 27.57 36.25 22.41
C LEU C 210 29.01 35.76 22.46
N ALA C 211 29.39 34.87 21.56
CA ALA C 211 30.75 34.36 21.54
C ALA C 211 31.69 35.24 20.71
N GLY C 212 31.31 36.51 20.59
CA GLY C 212 32.10 37.48 19.84
C GLY C 212 32.62 36.99 18.50
N GLY C 213 31.76 36.34 17.73
CA GLY C 213 32.19 35.87 16.44
C GLY C 213 33.16 34.72 16.54
N ASN C 214 33.70 34.51 17.74
CA ASN C 214 34.66 33.43 17.97
C ASN C 214 33.99 32.17 18.44
N MET C 215 33.36 31.47 17.49
CA MET C 215 32.66 30.23 17.76
C MET C 215 33.54 29.11 18.30
N ASP C 216 34.74 28.98 17.75
CA ASP C 216 35.65 27.94 18.19
C ASP C 216 35.92 28.04 19.70
N TYR C 217 36.29 29.23 20.17
CA TYR C 217 36.57 29.41 21.59
C TYR C 217 35.41 29.00 22.47
N LEU C 218 34.21 29.41 22.09
CA LEU C 218 32.99 29.10 22.84
C LEU C 218 32.81 27.60 23.02
N LEU C 219 32.68 26.88 21.91
CA LEU C 219 32.51 25.43 21.98
C LEU C 219 33.56 24.81 22.89
N THR C 220 34.78 25.35 22.82
CA THR C 220 35.84 24.83 23.67
C THR C 220 35.41 24.98 25.13
N LYS C 221 34.97 26.17 25.52
CA LYS C 221 34.55 26.36 26.89
C LYS C 221 33.35 25.47 27.25
N LEU C 222 32.41 25.35 26.32
CA LEU C 222 31.22 24.54 26.58
C LEU C 222 31.56 23.07 26.69
N GLY C 223 32.44 22.57 25.84
CA GLY C 223 32.76 21.17 25.97
C GLY C 223 32.67 20.36 24.71
N VAL C 224 31.69 20.64 23.87
CA VAL C 224 31.56 19.89 22.64
C VAL C 224 32.51 20.37 21.54
N GLY C 225 32.65 19.53 20.51
CA GLY C 225 33.48 19.87 19.37
C GLY C 225 32.57 20.27 18.23
N ASN C 226 33.10 20.74 17.10
CA ASN C 226 32.25 21.15 16.00
C ASN C 226 31.24 20.12 15.58
N ASN C 227 31.60 18.85 15.66
CA ASN C 227 30.68 17.79 15.29
C ASN C 227 29.52 17.67 16.29
N GLN C 228 29.41 18.61 17.23
CA GLN C 228 28.35 18.56 18.24
C GLN C 228 27.60 19.89 18.31
N LEU C 229 27.82 20.76 17.34
CA LEU C 229 27.15 22.06 17.34
C LEU C 229 25.71 21.91 16.93
N SER C 230 25.51 21.24 15.79
CA SER C 230 24.16 21.02 15.31
C SER C 230 23.38 20.39 16.45
N SER C 231 23.94 19.30 16.96
CA SER C 231 23.36 18.53 18.05
C SER C 231 23.05 19.42 19.26
N LEU C 232 24.05 20.17 19.72
CA LEU C 232 23.87 21.04 20.85
C LEU C 232 22.67 21.98 20.68
N ILE C 233 22.62 22.68 19.56
CA ILE C 233 21.53 23.63 19.25
C ILE C 233 20.17 22.94 19.33
N SER C 234 20.07 21.84 18.60
CA SER C 234 18.85 21.05 18.58
C SER C 234 18.50 20.65 20.01
N SER C 235 19.50 20.29 20.81
CA SER C 235 19.25 19.89 22.20
C SER C 235 18.31 20.83 22.90
N GLY C 236 18.51 22.12 22.67
CA GLY C 236 17.68 23.14 23.30
C GLY C 236 18.18 23.49 24.69
N LEU C 237 19.42 23.11 24.98
CA LEU C 237 20.01 23.39 26.29
C LEU C 237 20.49 24.83 26.39
N ILE C 238 20.82 25.44 25.26
CA ILE C 238 21.30 26.82 25.28
C ILE C 238 20.06 27.69 25.20
N THR C 239 19.73 28.38 26.29
CA THR C 239 18.54 29.23 26.29
C THR C 239 18.81 30.60 26.93
N GLY C 240 17.92 31.55 26.64
CA GLY C 240 18.06 32.89 27.19
C GLY C 240 16.69 33.46 27.53
N ASN C 241 16.67 34.58 28.24
CA ASN C 241 15.38 35.18 28.61
C ASN C 241 15.55 36.66 29.02
N PRO C 242 14.60 37.55 28.61
CA PRO C 242 14.73 38.96 28.96
C PRO C 242 14.66 39.14 30.46
N ILE C 243 15.40 40.12 30.98
CA ILE C 243 15.42 40.37 32.42
C ILE C 243 15.50 41.86 32.64
N LEU C 244 15.40 42.63 31.58
CA LEU C 244 15.49 44.07 31.73
C LEU C 244 15.17 44.87 30.48
N TYR C 245 14.24 45.80 30.63
CA TYR C 245 13.87 46.65 29.53
C TYR C 245 13.79 48.12 29.93
N ASP C 246 14.89 48.84 29.68
CA ASP C 246 14.96 50.26 29.99
C ASP C 246 14.22 51.02 28.89
N SER C 247 12.94 51.29 29.10
CA SER C 247 12.12 52.00 28.11
C SER C 247 12.66 53.37 27.74
N GLN C 248 13.19 54.10 28.71
CA GLN C 248 13.75 55.42 28.43
C GLN C 248 14.98 55.38 27.54
N THR C 249 15.94 54.54 27.89
CA THR C 249 17.16 54.41 27.11
C THR C 249 16.98 53.49 25.90
N GLN C 250 15.91 52.69 25.93
CA GLN C 250 15.59 51.73 24.88
C GLN C 250 16.71 50.70 24.87
N LEU C 251 16.85 50.02 26.00
CA LEU C 251 17.90 49.02 26.24
C LEU C 251 17.27 47.69 26.71
N LEU C 252 17.62 46.59 26.04
CA LEU C 252 17.09 45.28 26.44
C LEU C 252 18.20 44.45 27.07
N GLY C 253 17.83 43.64 28.06
CA GLY C 253 18.80 42.81 28.73
C GLY C 253 18.46 41.32 28.76
N ILE C 254 19.10 40.56 27.86
CA ILE C 254 18.90 39.12 27.75
C ILE C 254 19.94 38.38 28.57
N GLN C 255 19.53 37.30 29.23
CA GLN C 255 20.45 36.53 30.05
C GLN C 255 20.53 35.12 29.52
N VAL C 256 21.64 34.81 28.86
CA VAL C 256 21.81 33.50 28.29
C VAL C 256 22.23 32.45 29.31
N THR C 257 22.03 31.18 28.96
CA THR C 257 22.41 30.06 29.81
C THR C 257 22.95 28.92 28.95
N LEU C 258 24.25 28.67 29.08
CA LEU C 258 24.89 27.62 28.30
C LEU C 258 25.24 26.43 29.19
N PRO C 259 25.31 25.22 28.61
CA PRO C 259 25.65 24.02 29.37
C PRO C 259 27.15 23.84 29.44
N SER C 260 27.56 22.73 30.02
CA SER C 260 28.95 22.41 30.13
C SER C 260 28.97 20.93 29.89
N VAL C 261 28.66 20.54 28.66
CA VAL C 261 28.62 19.13 28.33
C VAL C 261 29.99 18.50 28.48
N GLY C 262 30.04 17.41 29.23
CA GLY C 262 31.28 16.70 29.45
C GLY C 262 31.06 15.36 28.78
N ASN C 263 31.46 15.27 27.54
CA ASN C 263 31.27 14.04 26.80
C ASN C 263 31.89 12.83 27.46
N LEU C 264 31.08 11.81 27.75
CA LEU C 264 31.64 10.59 28.32
C LEU C 264 32.47 10.01 27.18
N ASN C 265 33.23 8.95 27.43
CA ASN C 265 34.06 8.43 26.35
C ASN C 265 33.94 6.97 26.00
N ASN C 266 33.89 6.74 24.70
CA ASN C 266 33.79 5.41 24.15
C ASN C 266 32.52 4.70 24.58
N MET C 267 31.66 5.40 25.31
CA MET C 267 30.36 4.84 25.75
C MET C 267 29.36 5.16 24.65
N ARG C 268 28.50 4.22 24.30
CA ARG C 268 27.53 4.49 23.25
C ARG C 268 26.19 3.83 23.49
N ALA C 269 25.14 4.62 23.33
CA ALA C 269 23.79 4.13 23.51
C ALA C 269 23.31 3.60 22.18
N THR C 270 22.87 2.35 22.17
CA THR C 270 22.39 1.72 20.95
C THR C 270 20.90 1.44 21.06
N TYR C 271 20.10 2.01 20.17
CA TYR C 271 18.67 1.78 20.21
C TYR C 271 18.30 0.49 19.48
N LEU C 272 17.45 -0.32 20.11
CA LEU C 272 17.05 -1.57 19.51
C LEU C 272 15.56 -1.72 19.36
N GLU C 273 15.16 -2.38 18.27
CA GLU C 273 13.76 -2.62 17.95
C GLU C 273 13.71 -4.03 17.38
N THR C 274 12.55 -4.66 17.44
CA THR C 274 12.43 -6.03 16.94
C THR C 274 11.19 -6.27 16.11
N LEU C 275 11.34 -7.08 15.07
CA LEU C 275 10.20 -7.42 14.24
C LEU C 275 9.75 -8.81 14.66
N SER C 276 8.49 -9.14 14.37
CA SER C 276 7.97 -10.47 14.70
C SER C 276 8.54 -11.43 13.65
N VAL C 277 9.70 -12.02 13.96
CA VAL C 277 10.30 -12.98 13.03
C VAL C 277 9.57 -14.28 13.26
N SER C 278 9.66 -15.19 12.31
CA SER C 278 9.02 -16.47 12.49
C SER C 278 10.06 -17.38 13.11
N THR C 279 10.96 -17.89 12.27
CA THR C 279 12.02 -18.76 12.75
C THR C 279 11.36 -19.85 13.60
N THR C 280 11.17 -19.52 14.87
CA THR C 280 10.53 -20.41 15.81
C THR C 280 9.15 -20.69 15.18
N LYS C 281 8.47 -19.59 14.88
CA LYS C 281 7.14 -19.62 14.30
C LYS C 281 6.73 -18.16 14.09
N GLY C 282 5.72 -17.94 13.24
CA GLY C 282 5.26 -16.58 13.02
C GLY C 282 4.58 -16.16 14.31
N PHE C 283 5.33 -16.26 15.40
CA PHE C 283 4.88 -15.90 16.74
C PHE C 283 6.10 -15.28 17.42
N ALA C 284 7.27 -15.64 16.91
CA ALA C 284 8.54 -15.17 17.45
C ALA C 284 8.64 -13.67 17.51
N SER C 285 9.36 -13.21 18.53
CA SER C 285 9.55 -11.79 18.76
C SER C 285 10.55 -11.64 19.89
N ALA C 286 11.84 -11.72 19.54
CA ALA C 286 12.94 -11.62 20.50
C ALA C 286 12.73 -10.65 21.67
N LEU C 287 13.39 -10.95 22.78
CA LEU C 287 13.27 -10.13 23.97
C LEU C 287 14.55 -9.35 24.30
N VAL C 288 14.55 -8.05 24.00
CA VAL C 288 15.72 -7.23 24.30
C VAL C 288 15.27 -5.84 24.71
N PRO C 289 16.12 -5.12 25.46
CA PRO C 289 15.75 -3.78 25.88
C PRO C 289 15.57 -2.89 24.67
N LYS C 290 15.14 -1.66 24.90
CA LYS C 290 14.97 -0.72 23.81
C LYS C 290 16.25 0.09 23.61
N VAL C 291 16.97 0.33 24.70
CA VAL C 291 18.22 1.07 24.63
C VAL C 291 19.27 0.49 25.59
N VAL C 292 20.44 0.16 25.05
CA VAL C 292 21.53 -0.39 25.87
C VAL C 292 22.77 0.43 25.59
N THR C 293 23.58 0.62 26.63
CA THR C 293 24.82 1.33 26.51
C THR C 293 25.88 0.28 26.72
N GLN C 294 27.13 0.60 26.39
CA GLN C 294 28.21 -0.38 26.55
C GLN C 294 29.60 0.22 26.44
N VAL C 295 30.40 -0.06 27.45
CA VAL C 295 31.79 0.41 27.51
C VAL C 295 32.69 -0.81 27.60
N GLY C 296 33.21 -1.25 26.44
CA GLY C 296 34.04 -2.43 26.41
C GLY C 296 33.12 -3.64 26.37
N SER C 297 33.37 -4.63 27.22
CA SER C 297 32.56 -5.85 27.26
C SER C 297 31.26 -5.70 28.06
N VAL C 298 31.14 -4.63 28.84
CA VAL C 298 29.94 -4.40 29.62
C VAL C 298 28.81 -3.91 28.72
N ILE C 299 27.60 -4.44 28.94
CA ILE C 299 26.45 -4.03 28.13
C ILE C 299 25.19 -4.08 28.94
N GLU C 300 24.88 -2.98 29.61
CA GLU C 300 23.69 -2.92 30.42
C GLU C 300 22.61 -2.09 29.73
N GLU C 301 21.40 -2.14 30.28
CA GLU C 301 20.26 -1.40 29.75
C GLU C 301 20.36 0.06 30.20
N LEU C 302 19.99 0.99 29.32
CA LEU C 302 20.07 2.40 29.66
C LEU C 302 18.70 2.97 29.99
N ASP C 303 18.64 3.78 31.04
CA ASP C 303 17.41 4.45 31.44
C ASP C 303 17.49 5.87 30.83
N THR C 304 17.22 5.99 29.53
CA THR C 304 17.25 7.27 28.80
C THR C 304 16.39 8.36 29.44
N SER C 305 15.63 7.97 30.45
CA SER C 305 14.76 8.88 31.13
C SER C 305 15.43 10.21 31.47
N TYR C 306 16.69 10.15 31.89
CA TYR C 306 17.42 11.37 32.27
C TYR C 306 18.22 12.02 31.12
N CYS C 307 17.73 11.95 29.89
CA CYS C 307 18.50 12.53 28.81
C CYS C 307 17.73 13.27 27.73
N ILE C 308 18.32 14.36 27.26
CA ILE C 308 17.73 15.09 26.15
C ILE C 308 18.25 14.18 25.05
N GLU C 309 17.46 13.96 24.02
CA GLU C 309 17.90 13.06 22.99
C GLU C 309 17.93 13.72 21.63
N THR C 310 19.12 14.04 21.18
CA THR C 310 19.33 14.65 19.89
C THR C 310 19.45 13.51 18.88
N ASP C 311 19.69 13.83 17.62
CA ASP C 311 19.83 12.78 16.64
C ASP C 311 21.17 12.11 16.85
N LEU C 312 22.22 12.92 16.92
CA LEU C 312 23.57 12.41 17.09
C LEU C 312 24.02 12.18 18.53
N ASP C 313 23.71 13.11 19.41
CA ASP C 313 24.16 12.97 20.78
C ASP C 313 23.02 12.81 21.75
N LEU C 314 23.35 12.32 22.95
CA LEU C 314 22.39 12.08 24.03
C LEU C 314 22.87 12.94 25.21
N TYR C 315 22.22 14.05 25.49
CA TYR C 315 22.65 14.89 26.61
C TYR C 315 21.97 14.54 27.94
N CYS C 316 22.57 13.64 28.69
CA CYS C 316 22.05 13.19 29.98
C CYS C 316 22.53 13.99 31.18
N THR C 317 21.78 13.84 32.28
CA THR C 317 22.08 14.51 33.53
C THR C 317 22.69 13.50 34.48
N ARG C 318 22.51 12.25 34.13
CA ARG C 318 22.96 11.14 34.93
C ARG C 318 22.96 9.90 34.01
N ILE C 319 23.50 8.79 34.49
CA ILE C 319 23.56 7.56 33.70
C ILE C 319 23.07 6.38 34.50
N VAL C 320 21.77 6.30 34.72
CA VAL C 320 21.21 5.18 35.44
C VAL C 320 21.12 4.03 34.47
N THR C 321 21.38 2.81 34.95
CA THR C 321 21.28 1.64 34.08
C THR C 321 20.91 0.42 34.90
N PHE C 322 20.68 -0.70 34.21
CA PHE C 322 20.31 -1.94 34.88
C PHE C 322 20.96 -3.10 34.16
N PRO C 323 21.29 -4.17 34.91
CA PRO C 323 21.92 -5.36 34.33
C PRO C 323 20.89 -6.17 33.58
N MET C 324 21.32 -7.09 32.75
CA MET C 324 20.36 -7.90 32.01
C MET C 324 20.68 -9.39 32.03
N SER C 325 19.66 -10.23 31.88
CA SER C 325 19.88 -11.68 31.90
C SER C 325 21.12 -12.01 31.08
N PRO C 326 21.83 -13.08 31.47
CA PRO C 326 23.05 -13.53 30.79
C PRO C 326 22.71 -14.03 29.39
N GLY C 327 21.45 -14.40 29.21
CA GLY C 327 20.99 -14.84 27.91
C GLY C 327 21.00 -13.62 27.01
N ILE C 328 20.40 -12.55 27.50
CA ILE C 328 20.35 -11.29 26.76
C ILE C 328 21.74 -10.92 26.27
N TYR C 329 22.65 -10.70 27.22
CA TYR C 329 24.03 -10.34 26.88
C TYR C 329 24.55 -11.24 25.79
N SER C 330 24.44 -12.54 26.02
CA SER C 330 24.93 -13.49 25.05
C SER C 330 24.38 -13.18 23.65
N CYS C 331 23.08 -12.95 23.58
CA CYS C 331 22.48 -12.65 22.29
C CYS C 331 23.02 -11.37 21.66
N LEU C 332 22.65 -10.24 22.26
CA LEU C 332 23.08 -8.93 21.77
C LEU C 332 24.54 -8.90 21.31
N SER C 333 25.42 -9.56 22.06
CA SER C 333 26.83 -9.61 21.71
C SER C 333 27.16 -10.78 20.79
N GLY C 334 26.87 -10.61 19.51
CA GLY C 334 27.18 -11.66 18.55
C GLY C 334 26.31 -12.90 18.48
N ASN C 335 26.20 -13.65 19.58
CA ASN C 335 25.39 -14.87 19.57
C ASN C 335 23.95 -14.59 19.17
N THR C 336 23.29 -15.58 18.57
CA THR C 336 21.90 -15.43 18.12
C THR C 336 20.97 -16.37 18.89
N SER C 337 21.49 -17.56 19.14
CA SER C 337 20.77 -18.62 19.83
C SER C 337 20.24 -18.19 21.21
N ALA C 338 21.15 -17.70 22.04
CA ALA C 338 20.80 -17.27 23.39
C ALA C 338 19.53 -16.45 23.46
N CYS C 339 19.20 -15.80 22.36
CA CYS C 339 18.02 -14.95 22.29
C CYS C 339 16.72 -15.66 22.64
N MET C 340 15.93 -15.06 23.52
CA MET C 340 14.66 -15.64 23.97
C MET C 340 13.44 -14.96 23.37
N TYR C 341 12.84 -15.59 22.38
CA TYR C 341 11.66 -15.05 21.72
C TYR C 341 10.41 -15.22 22.59
N SER C 342 9.25 -14.87 22.05
CA SER C 342 7.98 -15.00 22.77
C SER C 342 6.86 -14.46 21.88
N LYS C 343 5.66 -14.29 22.44
CA LYS C 343 4.57 -13.78 21.64
C LYS C 343 3.53 -12.97 22.42
N THR C 344 3.94 -11.78 22.86
CA THR C 344 3.07 -10.87 23.59
C THR C 344 2.32 -10.06 22.55
N GLU C 345 2.87 -10.05 21.34
CA GLU C 345 2.29 -9.32 20.20
C GLU C 345 0.81 -9.62 19.93
N GLY C 346 0.09 -8.60 19.48
CA GLY C 346 -1.32 -8.78 19.19
C GLY C 346 -1.58 -9.13 17.73
N ALA C 347 -2.83 -9.33 17.39
CA ALA C 347 -3.24 -9.67 16.03
C ALA C 347 -2.96 -8.52 15.07
N LEU C 348 -3.37 -7.33 15.47
CA LEU C 348 -3.18 -6.14 14.65
C LEU C 348 -1.77 -5.58 14.52
N THR C 349 -0.79 -6.13 15.22
CA THR C 349 0.56 -5.53 15.10
C THR C 349 1.16 -5.72 13.72
N THR C 350 1.68 -4.63 13.16
CA THR C 350 2.28 -4.63 11.83
C THR C 350 3.68 -5.28 11.78
N PRO C 351 3.91 -6.18 10.81
CA PRO C 351 5.17 -6.92 10.60
C PRO C 351 6.22 -6.14 9.84
N TYR C 352 6.30 -4.84 10.09
CA TYR C 352 7.28 -3.99 9.40
C TYR C 352 7.27 -2.63 10.05
N MET C 353 8.39 -1.93 10.00
CA MET C 353 8.46 -0.59 10.59
C MET C 353 9.04 0.41 9.61
N THR C 354 9.06 1.66 10.03
CA THR C 354 9.63 2.67 9.19
C THR C 354 10.93 3.09 9.84
N LEU C 355 11.81 3.73 9.07
CA LEU C 355 13.10 4.15 9.60
C LEU C 355 13.86 5.06 8.68
N LYS C 356 14.06 6.29 9.12
CA LYS C 356 14.82 7.25 8.33
C LYS C 356 14.54 7.19 6.82
N GLY C 357 13.28 7.29 6.45
CA GLY C 357 12.96 7.26 5.03
C GLY C 357 13.14 5.92 4.35
N SER C 358 13.01 4.84 5.11
CA SER C 358 13.12 3.49 4.55
C SER C 358 12.30 2.57 5.43
N VAL C 359 12.08 1.34 4.99
CA VAL C 359 11.27 0.46 5.81
C VAL C 359 11.82 -0.93 5.94
N ILE C 360 12.10 -1.30 7.18
CA ILE C 360 12.61 -2.63 7.52
C ILE C 360 11.33 -3.45 7.61
N ALA C 361 11.31 -4.62 6.96
CA ALA C 361 10.13 -5.45 7.00
C ALA C 361 10.40 -6.95 6.88
N ASN C 362 9.48 -7.72 7.43
CA ASN C 362 9.55 -9.18 7.40
C ASN C 362 8.83 -9.57 6.12
N CYS C 363 9.54 -9.46 5.01
CA CYS C 363 8.96 -9.79 3.73
C CYS C 363 8.48 -11.23 3.60
N LYS C 364 8.59 -11.99 4.68
CA LYS C 364 8.13 -13.37 4.67
C LYS C 364 6.73 -13.37 5.27
N MET C 365 6.54 -12.52 6.28
CA MET C 365 5.26 -12.39 6.97
C MET C 365 4.21 -11.73 6.07
N THR C 366 4.61 -10.73 5.29
CA THR C 366 3.68 -10.05 4.38
C THR C 366 4.28 -10.06 2.98
N THR C 367 3.45 -9.82 1.99
CA THR C 367 3.90 -9.81 0.61
C THR C 367 4.48 -8.45 0.25
N CYS C 368 5.81 -8.36 0.23
CA CYS C 368 6.51 -7.12 -0.13
C CYS C 368 6.57 -6.96 -1.65
N ARG C 369 5.81 -6.03 -2.20
CA ARG C 369 5.81 -5.84 -3.64
C ARG C 369 6.17 -4.40 -3.99
N CYS C 370 7.16 -4.25 -4.85
CA CYS C 370 7.58 -2.93 -5.27
C CYS C 370 6.83 -2.52 -6.53
N ALA C 371 5.87 -1.61 -6.35
CA ALA C 371 5.08 -1.13 -7.47
C ALA C 371 5.96 -0.58 -8.59
N ASP C 372 6.87 0.36 -8.26
CA ASP C 372 7.74 0.95 -9.28
C ASP C 372 8.65 -0.10 -9.89
N PRO C 373 9.93 -0.24 -9.44
CA PRO C 373 10.61 -1.31 -10.17
C PRO C 373 9.81 -2.53 -9.73
N PRO C 374 9.02 -3.12 -10.63
CA PRO C 374 8.21 -4.26 -10.24
C PRO C 374 9.08 -5.36 -9.69
N GLY C 375 8.51 -6.14 -8.78
CA GLY C 375 9.26 -7.23 -8.20
C GLY C 375 8.72 -7.52 -6.82
N ILE C 376 8.97 -8.72 -6.35
CA ILE C 376 8.51 -9.11 -5.02
C ILE C 376 9.67 -9.23 -4.07
N ILE C 377 10.14 -8.09 -3.56
CA ILE C 377 11.24 -8.08 -2.61
C ILE C 377 11.04 -9.23 -1.65
N SER C 378 12.02 -10.11 -1.58
CA SER C 378 11.92 -11.25 -0.69
C SER C 378 13.25 -11.70 -0.11
N GLN C 379 13.24 -11.90 1.20
CA GLN C 379 14.39 -12.30 1.97
C GLN C 379 14.51 -13.82 1.98
N ASN C 380 15.50 -14.32 2.70
CA ASN C 380 15.71 -15.76 2.78
C ASN C 380 16.50 -16.26 3.98
N TYR C 381 15.92 -17.31 4.57
CA TYR C 381 16.41 -18.04 5.74
C TYR C 381 17.77 -17.59 6.23
N GLY C 382 17.74 -16.83 7.33
CA GLY C 382 18.95 -16.30 7.88
C GLY C 382 18.85 -14.80 7.74
N GLU C 383 18.11 -14.35 6.74
CA GLU C 383 17.93 -12.92 6.53
C GLU C 383 17.03 -12.40 7.65
N ALA C 384 15.88 -13.07 7.84
CA ALA C 384 14.92 -12.71 8.88
C ALA C 384 14.19 -11.39 8.66
N VAL C 385 14.82 -10.44 7.99
CA VAL C 385 14.19 -9.15 7.71
C VAL C 385 14.78 -8.51 6.47
N SER C 386 14.11 -7.49 5.95
CA SER C 386 14.60 -6.80 4.77
C SER C 386 14.68 -5.28 4.99
N LEU C 387 15.44 -4.59 4.15
CA LEU C 387 15.59 -3.14 4.30
C LEU C 387 14.76 -2.26 3.35
N ILE C 388 14.73 -2.60 2.06
CA ILE C 388 13.96 -1.84 1.10
C ILE C 388 14.25 -0.33 1.13
N ASP C 389 15.34 0.03 0.44
CA ASP C 389 15.83 1.39 0.31
C ASP C 389 15.18 2.11 -0.85
N ARG C 390 15.72 3.28 -1.16
CA ARG C 390 15.25 4.07 -2.29
C ARG C 390 15.92 3.44 -3.50
N GLN C 391 17.17 3.03 -3.30
CA GLN C 391 17.96 2.39 -4.33
C GLN C 391 17.33 1.05 -4.66
N SER C 392 16.88 0.35 -3.63
CA SER C 392 16.24 -0.94 -3.83
C SER C 392 14.92 -0.82 -4.59
N CYS C 393 14.05 0.07 -4.12
CA CYS C 393 12.74 0.25 -4.72
C CYS C 393 12.25 1.70 -4.59
N ASN C 394 11.28 2.10 -5.40
CA ASN C 394 10.72 3.46 -5.34
C ASN C 394 9.37 3.55 -4.66
N ILE C 395 8.52 2.56 -4.90
CA ILE C 395 7.20 2.52 -4.30
C ILE C 395 6.92 1.15 -3.73
N LEU C 396 7.07 1.02 -2.41
CA LEU C 396 6.86 -0.23 -1.68
C LEU C 396 5.39 -0.44 -1.43
N SER C 397 4.99 -1.69 -1.22
CA SER C 397 3.60 -2.02 -0.96
C SER C 397 3.54 -3.17 0.03
N LEU C 398 3.12 -2.86 1.26
CA LEU C 398 3.04 -3.81 2.36
C LEU C 398 1.64 -4.30 2.77
N ASP C 399 0.94 -4.97 1.87
CA ASP C 399 -0.39 -5.49 2.19
C ASP C 399 -1.21 -4.50 3.01
N GLY C 400 -1.86 -3.56 2.33
CA GLY C 400 -2.66 -2.58 3.03
C GLY C 400 -2.21 -1.19 2.68
N ILE C 401 -0.91 -0.94 2.80
CA ILE C 401 -0.39 0.39 2.50
C ILE C 401 0.67 0.40 1.41
N THR C 402 0.84 1.59 0.83
CA THR C 402 1.82 1.81 -0.22
C THR C 402 2.57 3.07 0.15
N LEU C 403 3.89 2.97 0.31
CA LEU C 403 4.68 4.13 0.65
C LEU C 403 5.50 4.57 -0.56
N ARG C 404 5.93 5.83 -0.52
CA ARG C 404 6.71 6.44 -1.58
C ARG C 404 8.10 6.54 -1.02
N LEU C 405 8.88 5.48 -1.16
CA LEU C 405 10.25 5.49 -0.63
C LEU C 405 11.12 6.57 -1.27
N SER C 406 10.55 7.25 -2.27
CA SER C 406 11.31 8.28 -2.95
C SER C 406 10.45 9.34 -3.62
N GLY C 407 11.08 10.46 -3.95
CA GLY C 407 10.37 11.53 -4.61
C GLY C 407 10.93 12.86 -4.15
N GLU C 408 10.83 13.88 -5.00
CA GLU C 408 11.35 15.18 -4.65
C GLU C 408 10.52 16.36 -5.12
N PHE C 409 10.99 17.54 -4.74
CA PHE C 409 10.34 18.78 -5.10
C PHE C 409 11.43 19.85 -5.07
N ASP C 410 11.25 20.90 -5.86
CA ASP C 410 12.19 22.00 -5.87
C ASP C 410 11.40 23.19 -6.34
N ALA C 411 11.85 24.36 -5.91
CA ALA C 411 11.18 25.58 -6.28
C ALA C 411 12.15 26.66 -5.90
N THR C 412 11.74 27.89 -6.13
CA THR C 412 12.60 29.00 -5.82
C THR C 412 11.73 30.05 -5.20
N TYR C 413 12.33 30.90 -4.38
CA TYR C 413 11.57 31.97 -3.78
C TYR C 413 12.41 33.19 -4.12
N GLN C 414 11.79 34.21 -4.69
CA GLN C 414 12.52 35.40 -5.07
C GLN C 414 11.56 36.54 -5.41
N LYS C 415 12.04 37.78 -5.34
CA LYS C 415 11.17 38.92 -5.61
C LYS C 415 11.62 39.76 -6.79
N ASN C 416 10.62 40.29 -7.48
CA ASN C 416 10.83 41.15 -8.65
C ASN C 416 10.34 42.56 -8.36
N ILE C 417 11.27 43.48 -8.14
CA ILE C 417 10.93 44.86 -7.86
C ILE C 417 10.50 45.54 -9.15
N SER C 418 9.47 46.39 -9.05
CA SER C 418 8.92 47.11 -10.21
C SER C 418 8.71 48.58 -9.94
N ILE C 419 9.77 49.36 -10.15
CA ILE C 419 9.73 50.80 -9.94
C ILE C 419 8.70 51.50 -10.83
N GLN C 420 8.13 52.55 -10.29
CA GLN C 420 7.10 53.36 -10.95
C GLN C 420 7.70 54.73 -11.31
N ASP C 421 7.62 55.14 -12.58
CA ASP C 421 8.20 56.43 -12.99
C ASP C 421 7.40 57.64 -12.54
N SER C 422 8.05 58.80 -12.60
CA SER C 422 7.46 60.07 -12.19
C SER C 422 7.64 61.16 -13.27
N GLN C 423 7.36 62.42 -12.91
CA GLN C 423 7.49 63.55 -13.84
C GLN C 423 7.43 64.95 -13.20
N ASP D 2 -7.49 -36.38 15.41
CA ASP D 2 -6.78 -37.61 15.77
C ASP D 2 -5.39 -37.34 16.38
N GLY D 3 -4.75 -36.27 15.95
CA GLY D 3 -3.43 -35.95 16.46
C GLY D 3 -2.36 -36.83 15.83
N ARG D 4 -1.16 -36.85 16.42
CA ARG D 4 -0.10 -37.69 15.87
C ARG D 4 0.71 -38.54 16.84
N PRO D 5 0.04 -39.14 17.84
CA PRO D 5 0.79 -40.00 18.77
C PRO D 5 0.93 -41.29 17.98
N LEU D 6 -0.04 -41.51 17.08
CA LEU D 6 -0.05 -42.68 16.22
C LEU D 6 1.02 -42.59 15.14
N ALA D 7 1.67 -41.43 15.06
CA ALA D 7 2.75 -41.25 14.09
C ALA D 7 3.78 -42.31 14.47
N ALA D 8 4.01 -42.43 15.77
CA ALA D 8 4.95 -43.41 16.30
C ALA D 8 4.51 -44.83 15.95
N ALA D 9 3.25 -44.99 15.60
CA ALA D 9 2.76 -46.32 15.24
C ALA D 9 2.88 -46.56 13.74
N GLY D 10 3.46 -45.59 13.03
CA GLY D 10 3.61 -45.71 11.60
C GLY D 10 2.43 -45.12 10.82
N ILE D 11 1.44 -44.60 11.54
CA ILE D 11 0.27 -43.99 10.90
C ILE D 11 0.54 -42.51 10.69
N VAL D 12 0.65 -42.10 9.43
CA VAL D 12 0.88 -40.70 9.10
C VAL D 12 -0.42 -40.07 8.59
N VAL D 13 -0.73 -38.88 9.09
CA VAL D 13 -1.94 -38.18 8.67
C VAL D 13 -1.67 -37.24 7.48
N THR D 14 -2.02 -37.70 6.27
CA THR D 14 -1.81 -36.87 5.08
C THR D 14 -2.73 -35.67 5.05
N GLY D 15 -3.97 -35.84 5.44
CA GLY D 15 -4.87 -34.71 5.40
C GLY D 15 -6.16 -34.80 6.20
N ASP D 16 -6.67 -33.63 6.55
CA ASP D 16 -7.89 -33.52 7.32
C ASP D 16 -8.79 -32.55 6.56
N LYS D 17 -10.05 -32.93 6.35
CA LYS D 17 -10.94 -32.07 5.59
C LYS D 17 -12.38 -32.02 6.11
N ALA D 18 -13.10 -30.96 5.75
CA ALA D 18 -14.49 -30.83 6.17
C ALA D 18 -15.37 -31.62 5.20
N VAL D 19 -16.65 -31.81 5.55
CA VAL D 19 -17.57 -32.57 4.68
C VAL D 19 -18.88 -31.83 4.48
N ASN D 20 -19.41 -31.86 3.26
CA ASN D 20 -20.68 -31.18 2.96
C ASN D 20 -21.47 -31.94 1.90
N ILE D 21 -22.79 -31.84 1.98
CA ILE D 21 -23.64 -32.49 0.99
C ILE D 21 -24.00 -31.35 0.07
N TYR D 22 -24.25 -31.65 -1.19
CA TYR D 22 -24.57 -30.59 -2.15
C TYR D 22 -25.53 -31.11 -3.20
N THR D 23 -26.08 -30.17 -3.97
CA THR D 23 -27.01 -30.51 -5.03
C THR D 23 -26.97 -29.43 -6.09
N SER D 24 -26.84 -29.86 -7.34
CA SER D 24 -26.78 -28.93 -8.46
C SER D 24 -28.19 -28.58 -8.85
N SER D 25 -28.87 -27.93 -7.91
CA SER D 25 -30.25 -27.54 -8.09
C SER D 25 -30.44 -26.09 -8.57
N GLN D 26 -29.79 -25.13 -7.90
CA GLN D 26 -29.93 -23.73 -8.30
C GLN D 26 -29.54 -23.57 -9.76
N THR D 27 -29.82 -22.41 -10.33
CA THR D 27 -29.48 -22.16 -11.72
C THR D 27 -29.53 -20.66 -12.04
N GLY D 28 -29.04 -20.28 -13.21
CA GLY D 28 -29.05 -18.88 -13.58
C GLY D 28 -28.69 -18.69 -15.04
N SER D 29 -28.92 -17.50 -15.56
CA SER D 29 -28.60 -17.22 -16.95
C SER D 29 -27.93 -15.86 -17.13
N ILE D 30 -26.89 -15.87 -17.96
CA ILE D 30 -26.12 -14.69 -18.26
C ILE D 30 -26.32 -14.46 -19.75
N ILE D 31 -26.82 -13.27 -20.08
CA ILE D 31 -27.06 -12.92 -21.46
C ILE D 31 -26.12 -11.79 -21.84
N ILE D 32 -25.17 -12.16 -22.70
CA ILE D 32 -24.13 -11.25 -23.19
C ILE D 32 -24.60 -10.51 -24.43
N LYS D 33 -24.26 -9.23 -24.47
CA LYS D 33 -24.56 -8.34 -25.60
C LYS D 33 -23.24 -8.04 -26.33
N LEU D 34 -22.93 -8.87 -27.31
CA LEU D 34 -21.69 -8.76 -28.08
C LEU D 34 -21.34 -7.41 -28.70
N LEU D 35 -22.34 -6.68 -29.22
CA LEU D 35 -22.12 -5.36 -29.81
C LEU D 35 -22.37 -4.36 -28.69
N PRO D 36 -21.33 -3.62 -28.28
CA PRO D 36 -21.52 -2.65 -27.19
C PRO D 36 -22.55 -1.60 -27.55
N ASN D 37 -22.99 -0.86 -26.53
CA ASN D 37 -23.96 0.21 -26.73
C ASN D 37 -23.27 1.52 -27.19
N MET D 38 -23.40 1.80 -28.49
CA MET D 38 -22.82 2.98 -29.13
C MET D 38 -23.58 4.29 -28.89
N PRO D 39 -22.90 5.43 -29.06
CA PRO D 39 -23.52 6.76 -28.87
C PRO D 39 -24.42 7.05 -30.07
N LYS D 40 -25.35 7.99 -29.90
CA LYS D 40 -26.29 8.37 -30.97
C LYS D 40 -25.61 9.07 -32.14
N ASP D 41 -25.82 8.51 -33.33
CA ASP D 41 -25.24 9.02 -34.57
C ASP D 41 -23.73 9.20 -34.45
N LYS D 42 -23.04 10.19 -34.98
CA LYS D 42 -21.57 10.17 -34.80
C LYS D 42 -20.96 8.80 -35.22
N GLU D 43 -21.78 8.00 -35.88
CA GLU D 43 -21.42 6.66 -36.33
C GLU D 43 -20.78 6.62 -37.72
N ALA D 44 -21.08 7.60 -38.55
CA ALA D 44 -20.50 7.62 -39.90
C ALA D 44 -19.04 7.23 -39.77
N CYS D 45 -18.40 7.79 -38.75
CA CYS D 45 -16.99 7.53 -38.48
C CYS D 45 -16.77 6.12 -37.90
N ALA D 46 -17.53 5.80 -36.85
CA ALA D 46 -17.45 4.51 -36.16
C ALA D 46 -17.88 3.29 -36.98
N LYS D 47 -18.56 3.51 -38.09
CA LYS D 47 -19.02 2.42 -38.94
C LYS D 47 -17.86 1.54 -39.43
N ALA D 48 -16.72 2.18 -39.72
CA ALA D 48 -15.55 1.46 -40.23
C ALA D 48 -15.04 0.31 -39.35
N PRO D 49 -14.61 0.61 -38.11
CA PRO D 49 -14.10 -0.43 -37.19
C PRO D 49 -15.19 -1.40 -36.77
N LEU D 50 -16.36 -0.85 -36.47
CA LEU D 50 -17.50 -1.66 -36.06
C LEU D 50 -17.68 -2.80 -37.05
N GLU D 51 -17.61 -2.48 -38.34
CA GLU D 51 -17.76 -3.49 -39.37
C GLU D 51 -16.74 -4.61 -39.16
N ALA D 52 -15.47 -4.24 -39.08
CA ALA D 52 -14.41 -5.22 -38.88
C ALA D 52 -14.70 -6.09 -37.64
N TYR D 53 -15.07 -5.42 -36.55
CA TYR D 53 -15.40 -6.10 -35.29
C TYR D 53 -16.56 -7.06 -35.44
N ASN D 54 -17.72 -6.52 -35.80
CA ASN D 54 -18.92 -7.32 -35.98
C ASN D 54 -18.70 -8.44 -36.99
N ARG D 55 -17.60 -8.36 -37.73
CA ARG D 55 -17.29 -9.39 -38.72
C ARG D 55 -16.60 -10.54 -38.02
N THR D 56 -15.50 -10.24 -37.35
CA THR D 56 -14.76 -11.29 -36.63
C THR D 56 -15.72 -11.92 -35.64
N LEU D 57 -16.59 -11.09 -35.05
CA LEU D 57 -17.56 -11.60 -34.11
C LEU D 57 -18.28 -12.80 -34.71
N THR D 58 -18.89 -12.64 -35.87
CA THR D 58 -19.59 -13.79 -36.42
C THR D 58 -18.60 -14.83 -36.95
N THR D 59 -17.39 -14.40 -37.29
CA THR D 59 -16.40 -15.36 -37.78
C THR D 59 -16.09 -16.35 -36.66
N LEU D 60 -16.06 -15.81 -35.44
CA LEU D 60 -15.78 -16.55 -34.23
C LEU D 60 -16.96 -17.43 -33.76
N LEU D 61 -18.03 -16.78 -33.27
CA LEU D 61 -19.22 -17.46 -32.76
C LEU D 61 -20.06 -18.32 -33.69
N THR D 62 -19.96 -18.13 -35.00
CA THR D 62 -20.78 -18.93 -35.90
C THR D 62 -20.74 -20.44 -35.60
N PRO D 63 -19.53 -21.04 -35.55
CA PRO D 63 -19.48 -22.49 -35.27
C PRO D 63 -20.12 -22.86 -33.92
N LEU D 64 -19.78 -22.12 -32.87
CA LEU D 64 -20.33 -22.36 -31.54
C LEU D 64 -21.85 -22.33 -31.64
N GLY D 65 -22.36 -21.40 -32.44
CA GLY D 65 -23.79 -21.34 -32.62
C GLY D 65 -24.24 -22.65 -33.25
N ASP D 66 -23.76 -22.92 -34.47
CA ASP D 66 -24.13 -24.13 -35.18
C ASP D 66 -24.21 -25.33 -34.26
N SER D 67 -23.15 -25.59 -33.51
CA SER D 67 -23.13 -26.73 -32.59
C SER D 67 -24.33 -26.69 -31.65
N ILE D 68 -24.50 -25.56 -30.97
CA ILE D 68 -25.62 -25.40 -30.05
C ILE D 68 -26.91 -25.93 -30.71
N ARG D 69 -27.07 -25.61 -32.00
CA ARG D 69 -28.24 -26.06 -32.75
C ARG D 69 -28.27 -27.57 -32.80
N ARG D 70 -27.23 -28.14 -33.41
CA ARG D 70 -27.11 -29.58 -33.56
C ARG D 70 -27.42 -30.31 -32.25
N ILE D 71 -26.82 -29.85 -31.16
CA ILE D 71 -27.06 -30.49 -29.88
C ILE D 71 -28.52 -30.38 -29.48
N GLN D 72 -29.03 -29.16 -29.49
CA GLN D 72 -30.41 -28.91 -29.12
C GLN D 72 -31.44 -29.68 -29.97
N GLU D 73 -31.07 -30.02 -31.20
CA GLU D 73 -31.98 -30.76 -32.07
C GLU D 73 -32.29 -32.13 -31.47
N SER D 74 -31.32 -32.71 -30.77
CA SER D 74 -31.46 -34.03 -30.14
C SER D 74 -32.28 -34.08 -28.84
N GLY D 140 -3.50 44.16 -62.45
CA GLY D 140 -4.88 44.62 -62.34
C GLY D 140 -5.36 44.57 -60.90
N LEU D 141 -5.07 45.62 -60.13
CA LEU D 141 -5.45 45.66 -58.73
C LEU D 141 -6.90 45.23 -58.51
N SER D 142 -7.80 45.67 -59.39
CA SER D 142 -9.20 45.28 -59.27
C SER D 142 -9.35 43.79 -59.63
N GLN D 143 -8.74 43.42 -60.75
CA GLN D 143 -8.76 42.05 -61.24
C GLN D 143 -8.09 41.07 -60.26
N LEU D 144 -6.84 41.35 -59.91
CA LEU D 144 -6.08 40.51 -58.98
C LEU D 144 -6.70 40.47 -57.59
N ALA D 145 -7.36 41.55 -57.18
CA ALA D 145 -8.01 41.61 -55.88
C ALA D 145 -9.00 40.44 -55.79
N VAL D 146 -9.46 39.99 -56.94
CA VAL D 146 -10.38 38.85 -57.04
C VAL D 146 -9.67 37.59 -56.54
N ALA D 147 -8.36 37.52 -56.78
CA ALA D 147 -7.56 36.38 -56.33
C ALA D 147 -7.74 36.26 -54.83
N VAL D 148 -7.35 37.29 -54.08
CA VAL D 148 -7.49 37.28 -52.63
C VAL D 148 -8.91 36.92 -52.22
N GLY D 149 -9.88 37.27 -53.06
CA GLY D 149 -11.26 36.94 -52.76
C GLY D 149 -11.43 35.44 -52.75
N LYS D 150 -11.15 34.80 -53.90
CA LYS D 150 -11.27 33.36 -54.03
C LYS D 150 -10.28 32.62 -53.13
N MET D 151 -9.00 32.74 -53.45
CA MET D 151 -7.94 32.09 -52.68
C MET D 151 -8.29 32.09 -51.20
N GLN D 152 -8.65 33.26 -50.65
CA GLN D 152 -9.00 33.35 -49.23
C GLN D 152 -10.20 32.50 -48.85
N GLN D 153 -11.32 32.68 -49.55
CA GLN D 153 -12.52 31.90 -49.23
C GLN D 153 -12.20 30.41 -49.38
N PHE D 154 -11.42 30.10 -50.42
CA PHE D 154 -11.03 28.73 -50.71
C PHE D 154 -10.32 28.02 -49.57
N VAL D 155 -9.18 28.56 -49.14
CA VAL D 155 -8.46 27.92 -48.06
C VAL D 155 -9.39 27.73 -46.88
N ASN D 156 -10.28 28.69 -46.63
CA ASN D 156 -11.21 28.54 -45.51
C ASN D 156 -12.03 27.25 -45.66
N ASP D 157 -12.61 27.05 -46.84
CA ASP D 157 -13.39 25.86 -47.12
C ASP D 157 -12.50 24.61 -46.98
N GLN D 158 -11.33 24.64 -47.61
CA GLN D 158 -10.40 23.52 -47.55
C GLN D 158 -10.05 23.18 -46.10
N PHE D 159 -9.44 24.13 -45.40
CA PHE D 159 -9.06 23.93 -44.00
C PHE D 159 -10.23 23.40 -43.20
N ASN D 160 -11.45 23.82 -43.54
CA ASN D 160 -12.65 23.35 -42.83
C ASN D 160 -12.93 21.89 -43.12
N LYS D 161 -12.71 21.49 -44.37
CA LYS D 161 -12.90 20.09 -44.76
C LYS D 161 -11.91 19.33 -43.86
N THR D 162 -10.65 19.73 -43.95
CA THR D 162 -9.58 19.15 -43.16
C THR D 162 -9.91 19.26 -41.68
N ALA D 163 -10.58 20.34 -41.31
CA ALA D 163 -10.96 20.55 -39.92
C ALA D 163 -11.72 19.33 -39.38
N GLN D 164 -12.88 19.05 -39.96
CA GLN D 164 -13.66 17.91 -39.53
C GLN D 164 -13.12 16.57 -40.07
N GLU D 165 -12.32 16.63 -41.13
CA GLU D 165 -11.74 15.41 -41.68
C GLU D 165 -10.80 14.79 -40.65
N LEU D 166 -10.35 15.62 -39.72
CA LEU D 166 -9.46 15.22 -38.62
C LEU D 166 -10.27 14.74 -37.42
N ASP D 167 -11.56 15.06 -37.41
CA ASP D 167 -12.42 14.65 -36.31
C ASP D 167 -12.88 13.21 -36.47
N CYS D 168 -13.38 12.85 -37.65
CA CYS D 168 -13.83 11.49 -37.89
C CYS D 168 -12.68 10.56 -37.49
N ILE D 169 -11.50 10.81 -38.05
CA ILE D 169 -10.32 10.01 -37.74
C ILE D 169 -10.12 9.95 -36.22
N LYS D 170 -9.98 11.10 -35.60
CA LYS D 170 -9.81 11.17 -34.16
C LYS D 170 -10.88 10.36 -33.41
N ILE D 171 -12.08 10.30 -33.97
CA ILE D 171 -13.14 9.57 -33.30
C ILE D 171 -13.16 8.08 -33.60
N THR D 172 -12.87 7.67 -34.84
CA THR D 172 -12.83 6.24 -35.17
C THR D 172 -11.64 5.62 -34.43
N GLN D 173 -10.58 6.41 -34.30
CA GLN D 173 -9.35 5.99 -33.61
C GLN D 173 -9.69 5.42 -32.24
N GLN D 174 -10.54 6.13 -31.51
CA GLN D 174 -10.98 5.76 -30.17
C GLN D 174 -12.02 4.65 -30.13
N VAL D 175 -12.97 4.67 -31.07
CA VAL D 175 -14.02 3.65 -31.12
C VAL D 175 -13.41 2.26 -31.41
N GLY D 176 -12.43 2.22 -32.31
CA GLY D 176 -11.78 0.96 -32.64
C GLY D 176 -11.12 0.36 -31.42
N VAL D 177 -10.26 1.16 -30.79
CA VAL D 177 -9.56 0.72 -29.60
C VAL D 177 -10.51 0.19 -28.54
N GLU D 178 -11.54 0.99 -28.22
CA GLU D 178 -12.52 0.58 -27.23
C GLU D 178 -13.19 -0.69 -27.73
N LEU D 179 -13.51 -0.72 -29.02
CA LEU D 179 -14.15 -1.87 -29.60
C LEU D 179 -13.26 -3.09 -29.40
N ASN D 180 -11.97 -2.94 -29.72
CA ASN D 180 -10.99 -4.01 -29.57
C ASN D 180 -10.82 -4.52 -28.15
N LEU D 181 -10.68 -3.61 -27.20
CA LEU D 181 -10.54 -4.01 -25.81
C LEU D 181 -11.71 -4.92 -25.47
N TYR D 182 -12.93 -4.49 -25.80
CA TYR D 182 -14.08 -5.32 -25.50
C TYR D 182 -13.94 -6.79 -25.94
N LEU D 183 -13.55 -7.05 -27.20
CA LEU D 183 -13.44 -8.44 -27.64
C LEU D 183 -12.55 -9.30 -26.77
N THR D 184 -11.34 -8.81 -26.49
CA THR D 184 -10.44 -9.60 -25.66
C THR D 184 -11.03 -9.71 -24.25
N GLU D 185 -11.65 -8.65 -23.75
CA GLU D 185 -12.27 -8.68 -22.42
C GLU D 185 -13.29 -9.79 -22.45
N LEU D 186 -14.11 -9.75 -23.49
CA LEU D 186 -15.19 -10.71 -23.67
C LEU D 186 -14.67 -12.14 -23.73
N THR D 187 -13.68 -12.40 -24.60
CA THR D 187 -13.15 -13.74 -24.70
C THR D 187 -12.46 -14.15 -23.41
N THR D 188 -11.79 -13.22 -22.75
CA THR D 188 -11.14 -13.54 -21.48
C THR D 188 -12.18 -14.01 -20.46
N VAL D 189 -13.30 -13.29 -20.37
CA VAL D 189 -14.35 -13.62 -19.43
C VAL D 189 -15.23 -14.84 -19.76
N PHE D 190 -15.76 -14.94 -20.97
CA PHE D 190 -16.59 -16.10 -21.32
C PHE D 190 -15.89 -17.04 -22.29
N GLY D 191 -14.57 -17.14 -22.14
CA GLY D 191 -13.78 -17.98 -23.02
C GLY D 191 -14.28 -19.41 -23.11
N PRO D 192 -14.40 -20.09 -21.98
CA PRO D 192 -14.87 -21.49 -21.96
C PRO D 192 -16.14 -21.63 -22.77
N GLN D 193 -17.18 -20.90 -22.37
CA GLN D 193 -18.47 -20.94 -23.04
C GLN D 193 -18.39 -20.57 -24.53
N ILE D 194 -17.65 -19.53 -24.87
CA ILE D 194 -17.51 -19.14 -26.27
C ILE D 194 -16.87 -20.28 -27.06
N THR D 195 -15.98 -21.00 -26.39
CA THR D 195 -15.23 -22.07 -27.02
C THR D 195 -15.74 -23.54 -27.06
N SER D 196 -16.82 -23.84 -26.32
CA SER D 196 -17.41 -25.20 -26.33
C SER D 196 -18.83 -25.30 -25.79
N PRO D 197 -19.68 -26.08 -26.48
CA PRO D 197 -21.10 -26.34 -26.22
C PRO D 197 -21.41 -27.09 -24.94
N ALA D 198 -20.42 -27.78 -24.40
CA ALA D 198 -20.64 -28.53 -23.16
C ALA D 198 -20.55 -27.65 -21.94
N LEU D 199 -20.63 -28.27 -20.77
CA LEU D 199 -20.52 -27.52 -19.53
C LEU D 199 -19.06 -27.10 -19.40
N THR D 200 -18.78 -26.10 -18.58
CA THR D 200 -17.41 -25.63 -18.40
C THR D 200 -17.30 -24.79 -17.15
N GLN D 201 -16.13 -24.77 -16.55
CA GLN D 201 -15.95 -24.00 -15.32
C GLN D 201 -16.27 -22.55 -15.66
N LEU D 202 -16.78 -21.81 -14.69
CA LEU D 202 -17.10 -20.39 -14.91
C LEU D 202 -15.93 -19.52 -14.44
N THR D 203 -15.57 -18.50 -15.21
CA THR D 203 -14.45 -17.64 -14.80
C THR D 203 -14.89 -16.90 -13.56
N ILE D 204 -13.93 -16.48 -12.73
CA ILE D 204 -14.28 -15.76 -11.52
C ILE D 204 -15.02 -14.50 -11.88
N GLN D 205 -14.74 -13.93 -13.06
CA GLN D 205 -15.43 -12.72 -13.50
C GLN D 205 -16.92 -13.04 -13.75
N ALA D 206 -17.17 -14.06 -14.56
CA ALA D 206 -18.54 -14.45 -14.89
C ALA D 206 -19.40 -14.60 -13.64
N LEU D 207 -18.97 -15.42 -12.70
CA LEU D 207 -19.72 -15.61 -11.47
C LEU D 207 -20.04 -14.21 -10.92
N TYR D 208 -19.02 -13.45 -10.58
CA TYR D 208 -19.19 -12.11 -10.04
C TYR D 208 -20.30 -11.35 -10.75
N ASN D 209 -20.14 -11.15 -12.06
CA ASN D 209 -21.15 -10.45 -12.85
C ASN D 209 -22.54 -11.02 -12.54
N LEU D 210 -22.66 -12.34 -12.57
CA LEU D 210 -23.92 -13.00 -12.28
C LEU D 210 -24.43 -12.62 -10.89
N ALA D 211 -23.54 -12.44 -9.93
CA ALA D 211 -24.01 -12.06 -8.60
C ALA D 211 -24.01 -10.55 -8.49
N GLY D 212 -24.22 -9.88 -9.62
CA GLY D 212 -24.25 -8.44 -9.61
C GLY D 212 -23.29 -7.80 -8.63
N GLY D 213 -22.02 -8.20 -8.66
CA GLY D 213 -21.04 -7.62 -7.77
C GLY D 213 -21.24 -7.84 -6.27
N ASN D 214 -22.43 -8.27 -5.91
CA ASN D 214 -22.71 -8.52 -4.51
C ASN D 214 -22.45 -10.00 -4.21
N MET D 215 -21.18 -10.36 -4.11
CA MET D 215 -20.82 -11.74 -3.84
C MET D 215 -21.38 -12.26 -2.53
N ASP D 216 -21.35 -11.43 -1.48
CA ASP D 216 -21.86 -11.85 -0.19
C ASP D 216 -23.23 -12.48 -0.32
N TYR D 217 -24.06 -11.84 -1.14
CA TYR D 217 -25.41 -12.32 -1.36
C TYR D 217 -25.44 -13.73 -1.98
N LEU D 218 -24.75 -13.89 -3.11
CA LEU D 218 -24.70 -15.16 -3.82
C LEU D 218 -24.26 -16.38 -3.01
N LEU D 219 -23.07 -16.31 -2.41
CA LEU D 219 -22.57 -17.42 -1.60
C LEU D 219 -23.64 -17.80 -0.56
N THR D 220 -24.15 -16.79 0.13
CA THR D 220 -25.19 -17.01 1.13
C THR D 220 -26.31 -17.85 0.52
N LYS D 221 -26.64 -17.61 -0.74
CA LYS D 221 -27.66 -18.37 -1.44
C LYS D 221 -27.13 -19.76 -1.77
N LEU D 222 -25.83 -19.82 -2.09
CA LEU D 222 -25.17 -21.08 -2.43
C LEU D 222 -25.01 -22.00 -1.23
N GLY D 223 -24.72 -21.41 -0.07
CA GLY D 223 -24.59 -22.22 1.11
C GLY D 223 -23.27 -22.10 1.81
N VAL D 224 -22.23 -21.85 1.04
CA VAL D 224 -20.89 -21.72 1.60
C VAL D 224 -20.58 -20.31 2.08
N GLY D 225 -19.55 -20.19 2.90
CA GLY D 225 -19.13 -18.88 3.37
C GLY D 225 -17.87 -18.51 2.60
N ASN D 226 -17.28 -17.36 2.89
CA ASN D 226 -16.06 -16.95 2.19
C ASN D 226 -14.98 -18.03 2.28
N ASN D 227 -14.79 -18.58 3.48
CA ASN D 227 -13.78 -19.61 3.70
C ASN D 227 -14.06 -20.89 2.92
N GLN D 228 -14.80 -20.77 1.83
CA GLN D 228 -15.12 -21.94 1.02
C GLN D 228 -15.24 -21.53 -0.45
N LEU D 229 -14.91 -20.28 -0.73
CA LEU D 229 -14.99 -19.75 -2.09
C LEU D 229 -14.03 -20.45 -3.05
N SER D 230 -12.73 -20.36 -2.76
CA SER D 230 -11.74 -20.97 -3.62
C SER D 230 -12.08 -22.44 -3.75
N SER D 231 -12.28 -23.05 -2.58
CA SER D 231 -12.63 -24.45 -2.49
C SER D 231 -13.77 -24.74 -3.48
N LEU D 232 -14.89 -24.04 -3.31
CA LEU D 232 -16.03 -24.21 -4.19
C LEU D 232 -15.57 -24.12 -5.65
N ILE D 233 -14.89 -23.01 -5.97
CA ILE D 233 -14.39 -22.72 -7.33
C ILE D 233 -13.64 -23.90 -7.93
N SER D 234 -12.59 -24.33 -7.26
CA SER D 234 -11.79 -25.44 -7.74
C SER D 234 -12.58 -26.74 -7.80
N SER D 235 -13.62 -26.86 -6.98
CA SER D 235 -14.47 -28.06 -6.99
C SER D 235 -14.97 -28.35 -8.39
N GLY D 236 -15.18 -27.29 -9.17
CA GLY D 236 -15.66 -27.45 -10.53
C GLY D 236 -17.14 -27.75 -10.58
N LEU D 237 -17.87 -27.34 -9.55
CA LEU D 237 -19.32 -27.54 -9.45
C LEU D 237 -20.11 -26.45 -10.17
N ILE D 238 -19.63 -25.21 -10.10
CA ILE D 238 -20.29 -24.07 -10.75
C ILE D 238 -19.93 -24.01 -12.23
N THR D 239 -20.71 -24.65 -13.09
CA THR D 239 -20.40 -24.63 -14.52
C THR D 239 -21.46 -23.91 -15.37
N GLY D 240 -21.16 -23.68 -16.63
CA GLY D 240 -22.12 -23.02 -17.50
C GLY D 240 -21.94 -23.42 -18.94
N ASN D 241 -22.91 -23.10 -19.80
CA ASN D 241 -22.81 -23.44 -21.21
C ASN D 241 -23.70 -22.58 -22.11
N PRO D 242 -23.26 -22.34 -23.37
CA PRO D 242 -23.97 -21.54 -24.38
C PRO D 242 -25.18 -22.28 -24.93
N ILE D 243 -26.35 -21.67 -24.73
CA ILE D 243 -27.63 -22.25 -25.16
C ILE D 243 -28.31 -21.41 -26.22
N LEU D 244 -27.72 -20.27 -26.55
CA LEU D 244 -28.33 -19.39 -27.52
C LEU D 244 -27.38 -18.37 -28.14
N TYR D 245 -27.49 -18.22 -29.46
CA TYR D 245 -26.65 -17.25 -30.16
C TYR D 245 -27.44 -16.58 -31.27
N ASP D 246 -27.82 -15.32 -31.04
CA ASP D 246 -28.56 -14.54 -32.02
C ASP D 246 -27.56 -13.90 -32.99
N SER D 247 -27.26 -14.58 -34.10
CA SER D 247 -26.30 -14.06 -35.06
C SER D 247 -26.58 -12.63 -35.53
N GLN D 248 -27.84 -12.30 -35.75
CA GLN D 248 -28.23 -10.96 -36.22
C GLN D 248 -28.13 -9.86 -35.18
N THR D 249 -28.62 -10.13 -33.97
CA THR D 249 -28.56 -9.16 -32.90
C THR D 249 -27.22 -9.23 -32.19
N GLN D 250 -26.46 -10.30 -32.47
CA GLN D 250 -25.17 -10.51 -31.84
C GLN D 250 -25.40 -10.61 -30.33
N LEU D 251 -26.17 -11.63 -29.96
CA LEU D 251 -26.51 -11.89 -28.57
C LEU D 251 -26.09 -13.32 -28.21
N LEU D 252 -25.51 -13.48 -27.01
CA LEU D 252 -25.04 -14.79 -26.54
C LEU D 252 -25.71 -15.16 -25.22
N GLY D 253 -26.37 -16.32 -25.21
CA GLY D 253 -27.07 -16.78 -24.01
C GLY D 253 -26.39 -17.93 -23.29
N ILE D 254 -25.84 -17.63 -22.12
CA ILE D 254 -25.16 -18.63 -21.31
C ILE D 254 -26.08 -19.09 -20.19
N GLN D 255 -25.97 -20.37 -19.83
CA GLN D 255 -26.79 -20.92 -18.76
C GLN D 255 -25.96 -21.53 -17.64
N VAL D 256 -25.74 -20.74 -16.60
CA VAL D 256 -24.97 -21.17 -15.46
C VAL D 256 -25.74 -22.24 -14.69
N THR D 257 -25.03 -22.92 -13.78
CA THR D 257 -25.62 -23.95 -12.94
C THR D 257 -24.91 -23.93 -11.60
N LEU D 258 -25.56 -23.41 -10.56
CA LEU D 258 -24.93 -23.38 -9.26
C LEU D 258 -25.38 -24.50 -8.36
N PRO D 259 -24.56 -24.86 -7.38
CA PRO D 259 -24.90 -25.93 -6.46
C PRO D 259 -25.47 -25.29 -5.19
N SER D 260 -25.99 -26.15 -4.32
CA SER D 260 -26.54 -25.71 -3.05
C SER D 260 -25.85 -26.57 -2.04
N VAL D 261 -24.70 -26.12 -1.59
CA VAL D 261 -23.93 -26.88 -0.64
C VAL D 261 -24.51 -26.73 0.76
N GLY D 262 -24.59 -27.86 1.46
CA GLY D 262 -25.12 -27.89 2.80
C GLY D 262 -24.07 -28.57 3.65
N ASN D 263 -23.25 -27.74 4.28
CA ASN D 263 -22.16 -28.23 5.10
C ASN D 263 -22.64 -29.00 6.31
N LEU D 264 -22.21 -30.27 6.45
CA LEU D 264 -22.57 -31.09 7.61
C LEU D 264 -21.83 -30.42 8.73
N ASN D 265 -21.92 -30.95 9.94
CA ASN D 265 -21.22 -30.25 10.99
C ASN D 265 -20.39 -31.06 11.95
N ASN D 266 -19.29 -30.46 12.38
CA ASN D 266 -18.39 -31.11 13.33
C ASN D 266 -18.03 -32.51 12.85
N MET D 267 -18.14 -32.72 11.55
CA MET D 267 -17.77 -34.00 10.96
C MET D 267 -16.58 -33.68 10.07
N ARG D 268 -15.52 -34.46 10.20
CA ARG D 268 -14.34 -34.23 9.38
C ARG D 268 -13.77 -35.55 8.91
N ALA D 269 -13.48 -35.61 7.60
CA ALA D 269 -12.89 -36.80 7.01
C ALA D 269 -11.41 -36.63 7.24
N THR D 270 -10.73 -37.71 7.58
CA THR D 270 -9.29 -37.62 7.83
C THR D 270 -8.59 -38.67 6.97
N TYR D 271 -7.61 -38.23 6.21
CA TYR D 271 -6.87 -39.14 5.34
C TYR D 271 -5.70 -39.82 6.08
N LEU D 272 -5.56 -41.12 5.87
CA LEU D 272 -4.50 -41.85 6.54
C LEU D 272 -3.58 -42.60 5.59
N GLU D 273 -2.29 -42.59 5.93
CA GLU D 273 -1.26 -43.28 5.15
C GLU D 273 -0.30 -43.92 6.13
N THR D 274 0.31 -45.03 5.73
CA THR D 274 1.20 -45.77 6.62
C THR D 274 2.53 -46.24 6.04
N LEU D 275 3.61 -45.86 6.71
CA LEU D 275 4.95 -46.26 6.30
C LEU D 275 5.25 -47.64 6.88
N SER D 276 6.23 -48.33 6.33
CA SER D 276 6.60 -49.64 6.85
C SER D 276 7.51 -49.44 8.06
N VAL D 277 6.92 -49.45 9.25
CA VAL D 277 7.71 -49.27 10.46
C VAL D 277 8.27 -50.62 10.89
N SER D 278 9.29 -50.60 11.73
CA SER D 278 9.86 -51.85 12.21
C SER D 278 9.16 -52.18 13.51
N THR D 279 9.60 -51.53 14.58
CA THR D 279 9.01 -51.73 15.91
C THR D 279 8.71 -53.21 16.18
N THR D 280 7.65 -53.74 15.54
CA THR D 280 7.29 -55.15 15.68
C THR D 280 8.34 -55.91 14.89
N LYS D 281 8.74 -55.29 13.78
CA LYS D 281 9.75 -55.78 12.86
C LYS D 281 9.69 -54.93 11.59
N GLY D 282 10.82 -54.81 10.90
CA GLY D 282 10.85 -54.02 9.68
C GLY D 282 9.88 -54.57 8.67
N PHE D 283 9.13 -55.59 9.09
CA PHE D 283 8.12 -56.22 8.25
C PHE D 283 6.81 -55.54 8.56
N ALA D 284 6.83 -54.70 9.60
CA ALA D 284 5.63 -54.02 10.06
C ALA D 284 5.03 -52.95 9.14
N SER D 285 3.70 -52.88 9.18
CA SER D 285 2.92 -51.94 8.38
C SER D 285 1.47 -51.98 8.89
N ALA D 286 1.16 -51.07 9.82
CA ALA D 286 -0.16 -50.98 10.44
C ALA D 286 -1.36 -51.11 9.48
N LEU D 287 -2.46 -51.63 10.01
CA LEU D 287 -3.66 -51.80 9.22
C LEU D 287 -4.74 -50.82 9.65
N VAL D 288 -5.05 -49.88 8.77
CA VAL D 288 -6.08 -48.88 9.00
C VAL D 288 -6.65 -48.50 7.65
N PRO D 289 -7.79 -47.82 7.62
CA PRO D 289 -8.43 -47.40 6.37
C PRO D 289 -7.69 -46.21 5.72
N LYS D 290 -8.07 -45.88 4.49
CA LYS D 290 -7.43 -44.77 3.79
C LYS D 290 -7.99 -43.42 4.21
N VAL D 291 -9.30 -43.37 4.43
CA VAL D 291 -9.97 -42.15 4.87
C VAL D 291 -11.04 -42.53 5.87
N VAL D 292 -11.00 -41.91 7.05
CA VAL D 292 -11.99 -42.18 8.07
C VAL D 292 -12.66 -40.89 8.52
N THR D 293 -13.96 -40.93 8.71
CA THR D 293 -14.67 -39.75 9.17
C THR D 293 -15.08 -39.95 10.61
N GLN D 294 -15.43 -38.87 11.28
CA GLN D 294 -15.83 -38.98 12.66
C GLN D 294 -16.52 -37.74 13.19
N VAL D 295 -17.58 -37.97 13.97
CA VAL D 295 -18.37 -36.91 14.58
C VAL D 295 -18.49 -37.30 16.05
N GLY D 296 -17.64 -36.71 16.89
CA GLY D 296 -17.65 -37.05 18.30
C GLY D 296 -16.82 -38.30 18.52
N SER D 297 -17.38 -39.30 19.19
CA SER D 297 -16.65 -40.54 19.45
C SER D 297 -16.72 -41.50 18.27
N VAL D 298 -17.75 -41.36 17.45
CA VAL D 298 -17.91 -42.23 16.29
C VAL D 298 -16.72 -42.00 15.36
N ILE D 299 -16.27 -43.06 14.69
CA ILE D 299 -15.14 -42.96 13.76
C ILE D 299 -15.23 -44.10 12.77
N GLU D 300 -15.98 -43.93 11.70
CA GLU D 300 -16.12 -45.00 10.72
C GLU D 300 -15.37 -44.73 9.43
N GLU D 301 -15.20 -45.78 8.63
CA GLU D 301 -14.52 -45.66 7.35
C GLU D 301 -15.46 -44.97 6.35
N LEU D 302 -14.98 -43.91 5.72
CA LEU D 302 -15.76 -43.13 4.75
C LEU D 302 -15.50 -43.53 3.31
N ASP D 303 -16.56 -43.86 2.58
CA ASP D 303 -16.46 -44.22 1.16
C ASP D 303 -16.51 -42.98 0.28
N THR D 304 -15.36 -42.34 0.09
CA THR D 304 -15.25 -41.12 -0.70
C THR D 304 -15.66 -41.22 -2.16
N SER D 305 -15.94 -42.43 -2.63
CA SER D 305 -16.30 -42.57 -4.03
C SER D 305 -17.37 -41.57 -4.44
N TYR D 306 -18.19 -41.12 -3.50
CA TYR D 306 -19.28 -40.17 -3.77
C TYR D 306 -18.93 -38.71 -3.51
N CYS D 307 -17.68 -38.31 -3.70
CA CYS D 307 -17.37 -36.92 -3.43
C CYS D 307 -16.33 -36.27 -4.30
N ILE D 308 -16.57 -35.00 -4.60
CA ILE D 308 -15.60 -34.22 -5.32
C ILE D 308 -14.70 -33.87 -4.13
N GLU D 309 -13.40 -33.84 -4.32
CA GLU D 309 -12.58 -33.52 -3.18
C GLU D 309 -11.59 -32.42 -3.46
N THR D 310 -11.79 -31.32 -2.77
CA THR D 310 -10.94 -30.17 -2.90
C THR D 310 -9.90 -30.27 -1.81
N ASP D 311 -9.00 -29.31 -1.75
CA ASP D 311 -7.96 -29.35 -0.75
C ASP D 311 -8.57 -29.27 0.64
N LEU D 312 -9.36 -28.22 0.84
CA LEU D 312 -10.03 -27.94 2.12
C LEU D 312 -11.36 -28.63 2.39
N ASP D 313 -12.19 -28.77 1.37
CA ASP D 313 -13.50 -29.39 1.59
C ASP D 313 -13.77 -30.63 0.74
N LEU D 314 -14.79 -31.37 1.13
CA LEU D 314 -15.16 -32.57 0.44
C LEU D 314 -16.62 -32.43 0.04
N TYR D 315 -16.87 -32.10 -1.22
CA TYR D 315 -18.25 -31.94 -1.67
C TYR D 315 -18.88 -33.27 -2.07
N CYS D 316 -19.59 -33.89 -1.13
CA CYS D 316 -20.26 -35.18 -1.35
C CYS D 316 -21.76 -35.15 -1.67
N THR D 317 -22.17 -36.09 -2.52
CA THR D 317 -23.55 -36.24 -2.92
C THR D 317 -24.26 -37.14 -1.89
N ARG D 318 -23.48 -37.95 -1.17
CA ARG D 318 -24.01 -38.89 -0.20
C ARG D 318 -22.88 -39.17 0.79
N ILE D 319 -23.16 -39.94 1.84
CA ILE D 319 -22.13 -40.26 2.84
C ILE D 319 -22.22 -41.73 3.24
N VAL D 320 -21.80 -42.64 2.35
CA VAL D 320 -21.81 -44.07 2.66
C VAL D 320 -20.57 -44.36 3.47
N THR D 321 -20.69 -45.15 4.53
CA THR D 321 -19.53 -45.47 5.36
C THR D 321 -19.56 -46.90 5.85
N PHE D 322 -18.52 -47.29 6.59
CA PHE D 322 -18.44 -48.64 7.13
C PHE D 322 -17.85 -48.64 8.53
N PRO D 323 -18.30 -49.59 9.37
CA PRO D 323 -17.79 -49.68 10.74
C PRO D 323 -16.46 -50.42 10.64
N MET D 324 -15.58 -50.27 11.63
CA MET D 324 -14.29 -50.94 11.57
C MET D 324 -14.02 -51.79 12.80
N SER D 325 -13.04 -52.68 12.71
CA SER D 325 -12.68 -53.53 13.83
C SER D 325 -12.56 -52.67 15.09
N PRO D 326 -12.85 -53.25 16.27
CA PRO D 326 -12.78 -52.52 17.54
C PRO D 326 -11.34 -52.10 17.80
N GLY D 327 -10.41 -52.95 17.34
CA GLY D 327 -9.00 -52.66 17.50
C GLY D 327 -8.66 -51.39 16.75
N ILE D 328 -9.05 -51.37 15.47
CA ILE D 328 -8.82 -50.23 14.60
C ILE D 328 -9.25 -48.96 15.34
N TYR D 329 -10.49 -48.95 15.80
CA TYR D 329 -10.99 -47.78 16.53
C TYR D 329 -10.07 -47.51 17.70
N SER D 330 -9.87 -48.52 18.52
CA SER D 330 -9.01 -48.36 19.68
C SER D 330 -7.72 -47.66 19.27
N CYS D 331 -7.05 -48.19 18.24
CA CYS D 331 -5.82 -47.57 17.80
C CYS D 331 -6.00 -46.13 17.32
N LEU D 332 -6.66 -45.97 16.17
CA LEU D 332 -6.88 -44.66 15.59
C LEU D 332 -7.27 -43.62 16.63
N SER D 333 -7.86 -44.07 17.73
CA SER D 333 -8.26 -43.15 18.78
C SER D 333 -7.33 -43.23 19.99
N GLY D 334 -6.22 -42.51 19.93
CA GLY D 334 -5.30 -42.50 21.06
C GLY D 334 -4.38 -43.69 21.30
N ASN D 335 -4.95 -44.86 21.55
CA ASN D 335 -4.11 -46.05 21.80
C ASN D 335 -3.22 -46.35 20.61
N THR D 336 -2.14 -47.09 20.86
CA THR D 336 -1.22 -47.45 19.81
C THR D 336 -1.17 -48.96 19.67
N SER D 337 -1.17 -49.64 20.81
CA SER D 337 -1.10 -51.10 20.87
C SER D 337 -2.17 -51.81 20.04
N ALA D 338 -3.42 -51.37 20.18
CA ALA D 338 -4.56 -51.95 19.48
C ALA D 338 -4.22 -52.25 18.03
N CYS D 339 -3.46 -51.35 17.43
CA CYS D 339 -3.06 -51.47 16.04
C CYS D 339 -2.51 -52.84 15.69
N MET D 340 -2.75 -53.28 14.46
CA MET D 340 -2.28 -54.59 14.03
C MET D 340 -1.50 -54.47 12.73
N TYR D 341 -0.18 -54.57 12.81
CA TYR D 341 0.67 -54.48 11.64
C TYR D 341 0.60 -55.74 10.81
N SER D 342 1.38 -55.78 9.74
CA SER D 342 1.41 -56.95 8.88
C SER D 342 2.44 -56.70 7.79
N LYS D 343 2.52 -57.58 6.81
CA LYS D 343 3.50 -57.39 5.75
C LYS D 343 3.02 -57.83 4.39
N THR D 344 2.16 -57.01 3.78
CA THR D 344 1.65 -57.26 2.44
C THR D 344 2.63 -56.63 1.47
N GLU D 345 3.38 -55.65 1.98
CA GLU D 345 4.38 -54.92 1.19
C GLU D 345 5.41 -55.78 0.46
N GLY D 346 5.75 -55.34 -0.74
CA GLY D 346 6.72 -56.04 -1.55
C GLY D 346 8.11 -55.48 -1.34
N ALA D 347 9.09 -56.13 -1.94
CA ALA D 347 10.48 -55.72 -1.83
C ALA D 347 10.69 -54.28 -2.30
N LEU D 348 10.25 -53.99 -3.50
CA LEU D 348 10.41 -52.66 -4.08
C LEU D 348 9.69 -51.48 -3.44
N THR D 349 8.83 -51.70 -2.45
CA THR D 349 8.13 -50.55 -1.86
C THR D 349 9.07 -49.59 -1.12
N THR D 350 8.85 -48.30 -1.31
CA THR D 350 9.69 -47.28 -0.72
C THR D 350 9.37 -46.87 0.73
N PRO D 351 10.36 -46.96 1.64
CA PRO D 351 10.29 -46.62 3.06
C PRO D 351 10.23 -45.12 3.36
N TYR D 352 9.53 -44.37 2.52
CA TYR D 352 9.37 -42.93 2.73
C TYR D 352 8.26 -42.50 1.78
N MET D 353 7.74 -41.29 1.94
CA MET D 353 6.67 -40.83 1.08
C MET D 353 6.69 -39.33 1.04
N THR D 354 6.05 -38.76 0.02
CA THR D 354 6.02 -37.33 -0.13
C THR D 354 4.73 -36.73 0.39
N LEU D 355 4.80 -35.50 0.88
CA LEU D 355 3.62 -34.87 1.44
C LEU D 355 3.77 -33.37 1.66
N LYS D 356 3.02 -32.62 0.86
CA LYS D 356 3.00 -31.15 0.95
C LYS D 356 4.40 -30.55 0.98
N GLY D 357 5.17 -30.77 -0.09
CA GLY D 357 6.52 -30.23 -0.16
C GLY D 357 7.45 -30.70 0.93
N SER D 358 7.29 -31.94 1.37
CA SER D 358 8.14 -32.46 2.42
C SER D 358 8.23 -33.95 2.19
N VAL D 359 8.91 -34.65 3.09
CA VAL D 359 9.04 -36.10 2.95
C VAL D 359 8.97 -36.71 4.34
N ILE D 360 8.26 -37.83 4.43
CA ILE D 360 8.10 -38.56 5.70
C ILE D 360 8.75 -39.92 5.44
N ALA D 361 9.99 -40.04 5.91
CA ALA D 361 10.75 -41.26 5.71
C ALA D 361 11.02 -42.00 7.00
N ASN D 362 11.27 -43.29 6.86
CA ASN D 362 11.62 -44.10 8.01
C ASN D 362 13.13 -44.19 8.03
N CYS D 363 13.75 -43.11 8.47
CA CYS D 363 15.20 -43.00 8.56
C CYS D 363 15.88 -44.06 9.39
N LYS D 364 15.25 -45.21 9.52
CA LYS D 364 15.80 -46.31 10.29
C LYS D 364 15.82 -47.46 9.33
N MET D 365 14.91 -47.38 8.37
CA MET D 365 14.81 -48.39 7.36
C MET D 365 15.81 -48.06 6.25
N THR D 366 16.13 -46.77 6.09
CA THR D 366 17.12 -46.33 5.09
C THR D 366 17.91 -45.14 5.59
N THR D 367 18.91 -44.76 4.83
CA THR D 367 19.80 -43.66 5.20
C THR D 367 19.36 -42.27 4.74
N CYS D 368 18.71 -41.55 5.63
CA CYS D 368 18.24 -40.20 5.33
C CYS D 368 19.40 -39.23 5.37
N ARG D 369 20.13 -39.13 4.28
CA ARG D 369 21.27 -38.23 4.20
C ARG D 369 20.91 -36.83 3.75
N CYS D 370 21.21 -35.84 4.57
CA CYS D 370 20.93 -34.45 4.19
C CYS D 370 22.15 -33.80 3.57
N ALA D 371 22.05 -33.53 2.27
CA ALA D 371 23.12 -32.90 1.53
C ALA D 371 23.40 -31.45 1.90
N ASP D 372 22.36 -30.62 2.07
CA ASP D 372 22.67 -29.22 2.42
C ASP D 372 23.20 -29.16 3.82
N PRO D 373 22.38 -28.82 4.84
CA PRO D 373 23.09 -28.82 6.14
C PRO D 373 23.54 -30.29 6.26
N PRO D 374 24.86 -30.54 6.11
CA PRO D 374 25.44 -31.88 6.16
C PRO D 374 25.03 -32.73 7.33
N GLY D 375 24.83 -34.02 7.08
CA GLY D 375 24.47 -34.86 8.19
C GLY D 375 23.49 -35.93 7.85
N ILE D 376 23.37 -36.87 8.78
CA ILE D 376 22.44 -37.96 8.63
C ILE D 376 21.27 -37.65 9.53
N ILE D 377 20.06 -37.73 8.99
CA ILE D 377 18.85 -37.47 9.76
C ILE D 377 18.53 -38.80 10.43
N SER D 378 18.93 -38.91 11.68
CA SER D 378 18.71 -40.13 12.42
C SER D 378 17.52 -40.02 13.33
N GLN D 379 16.83 -41.13 13.52
CA GLN D 379 15.69 -41.14 14.42
C GLN D 379 15.91 -42.21 15.47
N ASN D 380 15.86 -41.78 16.73
CA ASN D 380 16.04 -42.68 17.85
C ASN D 380 14.70 -43.33 18.16
N TYR D 381 14.72 -44.30 19.07
CA TYR D 381 13.48 -45.00 19.43
C TYR D 381 12.36 -44.02 19.75
N GLY D 382 11.13 -44.49 19.58
CA GLY D 382 9.96 -43.67 19.85
C GLY D 382 9.49 -42.87 18.64
N GLU D 383 10.43 -42.56 17.76
CA GLU D 383 10.13 -41.80 16.56
C GLU D 383 9.29 -42.61 15.56
N ALA D 384 9.81 -43.75 15.11
CA ALA D 384 9.11 -44.61 14.15
C ALA D 384 9.16 -44.11 12.70
N VAL D 385 9.04 -42.81 12.53
CA VAL D 385 9.12 -42.20 11.21
C VAL D 385 9.50 -40.77 11.45
N SER D 386 10.36 -40.21 10.58
CA SER D 386 10.77 -38.82 10.73
C SER D 386 10.07 -37.91 9.74
N LEU D 387 10.03 -36.62 10.03
CA LEU D 387 9.36 -35.69 9.14
C LEU D 387 10.33 -34.71 8.55
N ILE D 388 11.24 -35.17 7.72
CA ILE D 388 12.20 -34.27 7.11
C ILE D 388 11.46 -33.20 6.26
N ASP D 389 11.76 -31.92 6.50
CA ASP D 389 11.14 -30.82 5.76
C ASP D 389 12.08 -29.65 5.70
N ARG D 390 11.72 -28.65 4.90
CA ARG D 390 12.52 -27.46 4.71
C ARG D 390 13.43 -26.98 5.83
N GLN D 391 12.85 -26.64 6.98
CA GLN D 391 13.66 -26.15 8.11
C GLN D 391 14.67 -27.14 8.68
N SER D 392 14.30 -28.41 8.67
CA SER D 392 15.18 -29.46 9.17
C SER D 392 16.36 -29.66 8.23
N CYS D 393 16.07 -29.78 6.94
CA CYS D 393 17.08 -30.02 5.92
C CYS D 393 16.69 -29.46 4.54
N ASN D 394 17.70 -29.00 3.80
CA ASN D 394 17.51 -28.40 2.49
C ASN D 394 17.62 -29.28 1.22
N ILE D 395 18.23 -30.46 1.36
CA ILE D 395 18.39 -31.39 0.24
C ILE D 395 18.48 -32.82 0.77
N LEU D 396 17.36 -33.56 0.68
CA LEU D 396 17.32 -34.93 1.17
C LEU D 396 17.89 -35.89 0.13
N SER D 397 18.26 -37.08 0.60
CA SER D 397 18.80 -38.15 -0.24
C SER D 397 18.34 -39.45 0.39
N LEU D 398 17.57 -40.23 -0.36
CA LEU D 398 17.06 -41.47 0.18
C LEU D 398 17.57 -42.67 -0.60
N ASP D 399 18.87 -42.88 -0.57
CA ASP D 399 19.47 -44.01 -1.28
C ASP D 399 18.91 -44.15 -2.70
N GLY D 400 19.31 -43.26 -3.60
CA GLY D 400 18.82 -43.37 -4.97
C GLY D 400 18.36 -42.06 -5.56
N ILE D 401 17.35 -41.45 -4.95
CA ILE D 401 16.85 -40.17 -5.45
C ILE D 401 17.34 -39.03 -4.56
N THR D 402 17.30 -37.83 -5.11
CA THR D 402 17.73 -36.67 -4.34
C THR D 402 16.62 -35.65 -4.46
N LEU D 403 15.80 -35.51 -3.43
CA LEU D 403 14.74 -34.51 -3.50
C LEU D 403 15.32 -33.21 -2.98
N ARG D 404 14.85 -32.11 -3.55
CA ARG D 404 15.29 -30.78 -3.16
C ARG D 404 14.12 -30.13 -2.43
N LEU D 405 14.21 -30.02 -1.11
CA LEU D 405 13.13 -29.40 -0.34
C LEU D 405 13.04 -27.87 -0.37
N SER D 406 13.95 -27.21 -1.08
CA SER D 406 13.89 -25.76 -1.11
C SER D 406 14.33 -25.15 -2.43
N GLY D 407 13.79 -23.98 -2.73
CA GLY D 407 14.16 -23.29 -3.96
C GLY D 407 13.19 -22.18 -4.30
N GLU D 408 13.66 -21.17 -5.00
CA GLU D 408 12.81 -20.06 -5.38
C GLU D 408 13.10 -19.57 -6.78
N PHE D 409 12.22 -18.72 -7.30
CA PHE D 409 12.37 -18.17 -8.62
C PHE D 409 11.57 -16.89 -8.64
N ASP D 410 12.13 -15.81 -9.19
CA ASP D 410 11.39 -14.58 -9.28
C ASP D 410 11.48 -14.17 -10.72
N ALA D 411 10.58 -13.28 -11.11
CA ALA D 411 10.56 -12.77 -12.46
C ALA D 411 9.52 -11.65 -12.58
N THR D 412 9.65 -10.87 -13.64
CA THR D 412 8.72 -9.80 -13.86
C THR D 412 8.30 -9.89 -15.31
N TYR D 413 7.06 -9.52 -15.57
CA TYR D 413 6.55 -9.56 -16.92
C TYR D 413 6.07 -8.14 -17.12
N GLN D 414 6.50 -7.51 -18.20
CA GLN D 414 6.08 -6.14 -18.47
C GLN D 414 6.41 -5.80 -19.90
N LYS D 415 5.95 -4.64 -20.36
CA LYS D 415 6.19 -4.22 -21.74
C LYS D 415 6.64 -2.78 -21.80
N ASN D 416 7.48 -2.49 -22.79
CA ASN D 416 7.99 -1.15 -23.00
C ASN D 416 7.52 -0.71 -24.37
N ILE D 417 6.56 0.22 -24.41
CA ILE D 417 6.04 0.69 -25.68
C ILE D 417 7.07 1.61 -26.32
N SER D 418 7.12 1.61 -27.64
CA SER D 418 8.06 2.45 -28.39
C SER D 418 7.40 3.18 -29.54
N ILE D 419 6.98 4.42 -29.27
CA ILE D 419 6.34 5.26 -30.27
C ILE D 419 7.36 5.76 -31.28
N GLN D 420 6.99 5.63 -32.55
CA GLN D 420 7.83 6.06 -33.65
C GLN D 420 7.32 7.39 -34.17
N ASP D 421 8.10 8.45 -34.05
CA ASP D 421 7.66 9.76 -34.52
C ASP D 421 7.46 9.75 -36.04
N SER D 422 6.76 10.76 -36.52
CA SER D 422 6.50 10.88 -37.94
C SER D 422 6.89 12.27 -38.39
N GLN D 423 6.96 12.41 -39.71
CA GLN D 423 7.33 13.66 -40.34
C GLN D 423 6.23 14.10 -41.30
N ASP E 2 -34.65 -50.66 -17.33
CA ASP E 2 -34.93 -51.34 -16.07
C ASP E 2 -36.20 -50.82 -15.36
N GLY E 3 -36.47 -49.53 -15.47
CA GLY E 3 -37.66 -48.98 -14.82
C GLY E 3 -37.44 -48.67 -13.35
N ARG E 4 -38.52 -48.47 -12.60
CA ARG E 4 -38.37 -48.17 -11.19
C ARG E 4 -39.26 -48.90 -10.18
N PRO E 5 -39.65 -50.15 -10.47
CA PRO E 5 -40.47 -50.85 -9.48
C PRO E 5 -39.50 -51.19 -8.34
N LEU E 6 -38.21 -51.28 -8.70
CA LEU E 6 -37.16 -51.58 -7.74
C LEU E 6 -36.86 -50.37 -6.87
N ALA E 7 -37.48 -49.25 -7.17
CA ALA E 7 -37.30 -48.06 -6.34
C ALA E 7 -37.94 -48.44 -5.01
N ALA E 8 -38.97 -49.28 -5.09
CA ALA E 8 -39.67 -49.76 -3.91
C ALA E 8 -38.74 -50.65 -3.09
N ALA E 9 -37.84 -51.35 -3.78
CA ALA E 9 -36.86 -52.23 -3.15
C ALA E 9 -35.70 -51.44 -2.53
N GLY E 10 -35.56 -50.17 -2.91
CA GLY E 10 -34.48 -49.37 -2.39
C GLY E 10 -33.36 -49.18 -3.39
N ILE E 11 -33.52 -49.74 -4.59
CA ILE E 11 -32.53 -49.60 -5.65
C ILE E 11 -32.89 -48.35 -6.45
N VAL E 12 -32.15 -47.27 -6.25
CA VAL E 12 -32.42 -46.03 -6.99
C VAL E 12 -31.56 -46.04 -8.27
N VAL E 13 -32.12 -45.64 -9.40
CA VAL E 13 -31.35 -45.62 -10.65
C VAL E 13 -30.78 -44.26 -10.94
N THR E 14 -29.50 -44.05 -10.66
CA THR E 14 -28.86 -42.76 -10.90
C THR E 14 -28.64 -42.39 -12.35
N GLY E 15 -28.50 -43.36 -13.25
CA GLY E 15 -28.32 -42.98 -14.64
C GLY E 15 -28.31 -44.07 -15.70
N ASP E 16 -28.61 -43.67 -16.93
CA ASP E 16 -28.64 -44.60 -18.06
C ASP E 16 -27.78 -43.98 -19.17
N LYS E 17 -26.97 -44.78 -19.86
CA LYS E 17 -26.12 -44.22 -20.91
C LYS E 17 -25.86 -45.25 -22.01
N ALA E 18 -25.53 -44.77 -23.20
CA ALA E 18 -25.24 -45.71 -24.29
C ALA E 18 -23.78 -46.09 -24.23
N VAL E 19 -23.37 -47.09 -25.00
CA VAL E 19 -21.98 -47.54 -24.99
C VAL E 19 -21.37 -47.64 -26.40
N ASN E 20 -20.10 -47.23 -26.55
CA ASN E 20 -19.42 -47.28 -27.85
C ASN E 20 -17.93 -47.58 -27.73
N ILE E 21 -17.40 -48.39 -28.66
CA ILE E 21 -15.98 -48.70 -28.66
C ILE E 21 -15.34 -47.57 -29.46
N TYR E 22 -14.08 -47.22 -29.20
CA TYR E 22 -13.46 -46.14 -29.97
C TYR E 22 -11.96 -46.35 -30.11
N THR E 23 -11.34 -45.62 -31.03
CA THR E 23 -9.91 -45.76 -31.24
C THR E 23 -9.31 -44.47 -31.72
N SER E 24 -8.29 -43.99 -31.03
CA SER E 24 -7.66 -42.75 -31.46
C SER E 24 -6.82 -43.01 -32.71
N SER E 25 -7.49 -43.44 -33.77
CA SER E 25 -6.83 -43.77 -35.04
C SER E 25 -6.75 -42.68 -36.08
N GLN E 26 -7.81 -41.91 -36.23
CA GLN E 26 -7.86 -40.82 -37.20
C GLN E 26 -6.90 -39.71 -36.76
N THR E 27 -6.52 -38.85 -37.70
CA THR E 27 -5.59 -37.76 -37.40
C THR E 27 -5.76 -36.62 -38.38
N GLY E 28 -5.25 -35.45 -38.02
CA GLY E 28 -5.38 -34.31 -38.91
C GLY E 28 -4.39 -33.22 -38.57
N SER E 29 -4.22 -32.24 -39.45
CA SER E 29 -3.27 -31.19 -39.16
C SER E 29 -3.77 -29.84 -39.61
N ILE E 30 -3.78 -28.90 -38.68
CA ILE E 30 -4.22 -27.55 -38.96
C ILE E 30 -2.95 -26.71 -39.07
N ILE E 31 -2.81 -25.95 -40.16
CA ILE E 31 -1.64 -25.10 -40.34
C ILE E 31 -2.09 -23.65 -40.41
N ILE E 32 -1.87 -22.96 -39.29
CA ILE E 32 -2.23 -21.57 -39.11
C ILE E 32 -1.23 -20.61 -39.77
N LYS E 33 -1.72 -19.46 -40.25
CA LYS E 33 -0.89 -18.45 -40.87
C LYS E 33 -1.07 -17.19 -40.04
N LEU E 34 -0.19 -17.01 -39.06
CA LEU E 34 -0.25 -15.88 -38.14
C LEU E 34 -0.26 -14.47 -38.75
N LEU E 35 0.41 -14.27 -39.88
CA LEU E 35 0.40 -12.96 -40.51
C LEU E 35 -0.71 -12.96 -41.56
N PRO E 36 -1.71 -12.08 -41.40
CA PRO E 36 -2.83 -12.03 -42.36
C PRO E 36 -2.38 -11.68 -43.75
N ASN E 37 -3.17 -12.10 -44.75
CA ASN E 37 -2.85 -11.81 -46.13
C ASN E 37 -3.21 -10.32 -46.39
N MET E 38 -2.15 -9.50 -46.46
CA MET E 38 -2.22 -8.07 -46.70
C MET E 38 -2.52 -7.69 -48.15
N PRO E 39 -3.14 -6.53 -48.36
CA PRO E 39 -3.42 -6.14 -49.74
C PRO E 39 -2.10 -5.73 -50.40
N LYS E 40 -1.99 -5.86 -51.72
CA LYS E 40 -0.76 -5.49 -52.40
C LYS E 40 -0.57 -3.99 -52.72
N ASP E 41 0.52 -3.50 -52.12
CA ASP E 41 1.04 -2.14 -52.16
C ASP E 41 0.52 -1.06 -51.18
N LYS E 42 -0.62 -1.22 -50.48
CA LYS E 42 -1.05 -0.18 -49.50
C LYS E 42 -0.19 -0.25 -48.18
N GLU E 43 0.97 -0.88 -48.25
CA GLU E 43 1.90 -1.11 -47.11
C GLU E 43 2.59 0.02 -46.33
N ALA E 44 3.22 0.95 -47.03
CA ALA E 44 3.92 2.05 -46.38
C ALA E 44 3.18 2.44 -45.12
N CYS E 45 1.87 2.62 -45.27
CA CYS E 45 1.01 2.98 -44.15
C CYS E 45 0.88 1.82 -43.16
N ALA E 46 0.61 0.63 -43.68
CA ALA E 46 0.43 -0.59 -42.88
C ALA E 46 1.65 -1.06 -42.06
N LYS E 47 2.86 -0.76 -42.54
CA LYS E 47 4.05 -1.19 -41.84
C LYS E 47 4.08 -0.89 -40.35
N ALA E 48 3.59 0.28 -39.95
CA ALA E 48 3.63 0.65 -38.54
C ALA E 48 2.97 -0.35 -37.58
N PRO E 49 1.67 -0.62 -37.74
CA PRO E 49 0.95 -1.56 -36.87
C PRO E 49 1.44 -3.00 -37.05
N LEU E 50 1.58 -3.43 -38.29
CA LEU E 50 2.05 -4.77 -38.58
C LEU E 50 3.28 -5.08 -37.73
N GLU E 51 4.30 -4.22 -37.83
CA GLU E 51 5.54 -4.37 -37.06
C GLU E 51 5.22 -4.73 -35.62
N ALA E 52 4.47 -3.87 -34.95
CA ALA E 52 4.09 -4.06 -33.55
C ALA E 52 3.46 -5.42 -33.32
N TYR E 53 2.51 -5.78 -34.19
CA TYR E 53 1.83 -7.07 -34.08
C TYR E 53 2.82 -8.20 -34.30
N ASN E 54 3.46 -8.22 -35.47
CA ASN E 54 4.44 -9.24 -35.79
C ASN E 54 5.42 -9.38 -34.63
N ARG E 55 5.65 -8.27 -33.94
CA ARG E 55 6.57 -8.28 -32.81
C ARG E 55 5.99 -9.09 -31.67
N THR E 56 4.81 -8.69 -31.17
CA THR E 56 4.18 -9.42 -30.08
C THR E 56 3.96 -10.88 -30.46
N LEU E 57 3.76 -11.13 -31.75
CA LEU E 57 3.55 -12.50 -32.22
C LEU E 57 4.73 -13.38 -31.79
N THR E 58 5.94 -12.94 -32.10
CA THR E 58 7.13 -13.69 -31.74
C THR E 58 7.40 -13.66 -30.25
N THR E 59 6.92 -12.62 -29.57
CA THR E 59 7.11 -12.51 -28.13
C THR E 59 6.28 -13.60 -27.43
N LEU E 60 5.12 -13.88 -28.02
CA LEU E 60 4.21 -14.89 -27.50
C LEU E 60 4.66 -16.29 -27.87
N LEU E 61 4.78 -16.56 -29.17
CA LEU E 61 5.16 -17.89 -29.67
C LEU E 61 6.60 -18.42 -29.49
N THR E 62 7.59 -17.54 -29.31
CA THR E 62 8.97 -18.02 -29.19
C THR E 62 9.09 -19.20 -28.22
N PRO E 63 8.67 -19.01 -26.97
CA PRO E 63 8.79 -20.13 -26.04
C PRO E 63 8.08 -21.39 -26.55
N LEU E 64 6.81 -21.26 -26.88
CA LEU E 64 6.07 -22.41 -27.39
C LEU E 64 6.93 -23.02 -28.50
N GLY E 65 7.50 -22.19 -29.37
CA GLY E 65 8.32 -22.72 -30.43
C GLY E 65 9.46 -23.55 -29.86
N ASP E 66 10.16 -22.94 -28.91
CA ASP E 66 11.29 -23.58 -28.23
C ASP E 66 10.98 -24.94 -27.63
N SER E 67 9.90 -25.06 -26.86
CA SER E 67 9.57 -26.34 -26.23
C SER E 67 9.30 -27.44 -27.25
N ILE E 68 8.62 -27.08 -28.34
CA ILE E 68 8.32 -28.05 -29.37
C ILE E 68 9.61 -28.73 -29.80
N ARG E 69 10.64 -27.92 -30.05
CA ARG E 69 11.96 -28.42 -30.45
C ARG E 69 12.46 -29.37 -29.36
N ARG E 70 12.65 -28.84 -28.16
CA ARG E 70 13.13 -29.60 -27.04
C ARG E 70 12.44 -30.93 -26.90
N ILE E 71 11.11 -30.92 -27.07
CA ILE E 71 10.32 -32.15 -26.94
C ILE E 71 10.60 -33.08 -28.09
N GLN E 72 10.67 -32.52 -29.29
CA GLN E 72 10.93 -33.31 -30.47
C GLN E 72 12.34 -33.88 -30.55
N GLU E 73 13.31 -33.17 -30.00
CA GLU E 73 14.68 -33.67 -30.00
C GLU E 73 14.65 -35.08 -29.43
N SER E 74 13.78 -35.27 -28.45
CA SER E 74 13.58 -36.55 -27.76
C SER E 74 12.48 -37.39 -28.43
N GLY E 140 3.34 47.35 -55.26
CA GLY E 140 3.87 46.78 -56.48
C GLY E 140 2.92 45.74 -57.05
N LEU E 141 1.99 46.18 -57.89
CA LEU E 141 1.02 45.26 -58.51
C LEU E 141 1.73 44.07 -59.15
N SER E 142 2.68 44.32 -60.04
CA SER E 142 3.42 43.25 -60.69
C SER E 142 4.19 42.43 -59.65
N GLN E 143 4.85 43.16 -58.74
CA GLN E 143 5.64 42.54 -57.68
C GLN E 143 4.76 41.72 -56.74
N LEU E 144 3.79 42.36 -56.10
CA LEU E 144 2.89 41.67 -55.17
C LEU E 144 2.08 40.56 -55.86
N ALA E 145 1.84 40.70 -57.16
CA ALA E 145 1.10 39.68 -57.88
C ALA E 145 1.84 38.35 -57.72
N VAL E 146 3.16 38.45 -57.55
CA VAL E 146 4.01 37.28 -57.35
C VAL E 146 3.55 36.51 -56.12
N ALA E 147 3.27 37.25 -55.04
CA ALA E 147 2.80 36.64 -53.80
C ALA E 147 1.67 35.68 -54.12
N VAL E 148 0.64 36.18 -54.80
CA VAL E 148 -0.48 35.35 -55.17
C VAL E 148 0.01 34.13 -55.96
N GLY E 149 0.97 34.33 -56.85
CA GLY E 149 1.49 33.21 -57.61
C GLY E 149 2.02 32.11 -56.71
N LYS E 150 2.95 32.48 -55.82
CA LYS E 150 3.57 31.55 -54.87
C LYS E 150 2.55 31.09 -53.84
N MET E 151 2.07 32.03 -53.03
CA MET E 151 1.10 31.73 -51.99
C MET E 151 0.08 30.71 -52.49
N GLN E 152 -0.56 31.01 -53.63
CA GLN E 152 -1.55 30.10 -54.18
C GLN E 152 -0.99 28.70 -54.45
N GLN E 153 0.05 28.60 -55.27
CA GLN E 153 0.65 27.30 -55.59
C GLN E 153 1.02 26.55 -54.31
N PHE E 154 1.56 27.28 -53.33
CA PHE E 154 1.97 26.71 -52.06
C PHE E 154 0.86 26.01 -51.30
N VAL E 155 -0.22 26.73 -51.00
CA VAL E 155 -1.31 26.11 -50.26
C VAL E 155 -1.80 24.86 -50.99
N ASN E 156 -1.70 24.87 -52.31
CA ASN E 156 -2.12 23.70 -53.07
C ASN E 156 -1.27 22.49 -52.69
N ASP E 157 0.05 22.63 -52.79
CA ASP E 157 0.98 21.54 -52.44
C ASP E 157 0.80 21.09 -50.99
N GLN E 158 0.73 22.06 -50.07
CA GLN E 158 0.56 21.75 -48.65
C GLN E 158 -0.74 20.98 -48.43
N PHE E 159 -1.85 21.53 -48.87
CA PHE E 159 -3.13 20.84 -48.71
C PHE E 159 -3.04 19.43 -49.29
N ASN E 160 -2.35 19.30 -50.42
CA ASN E 160 -2.19 17.98 -51.04
C ASN E 160 -1.40 17.04 -50.15
N LYS E 161 -0.37 17.56 -49.48
CA LYS E 161 0.40 16.75 -48.56
C LYS E 161 -0.65 16.32 -47.53
N THR E 162 -1.28 17.30 -46.88
CA THR E 162 -2.32 17.02 -45.90
C THR E 162 -3.41 16.14 -46.51
N ALA E 163 -3.53 16.22 -47.83
CA ALA E 163 -4.52 15.44 -48.54
C ALA E 163 -4.27 13.98 -48.27
N GLN E 164 -3.19 13.47 -48.84
CA GLN E 164 -2.83 12.07 -48.65
C GLN E 164 -2.38 11.74 -47.22
N GLU E 165 -1.78 12.71 -46.53
CA GLU E 165 -1.33 12.48 -45.15
C GLU E 165 -2.53 12.14 -44.28
N LEU E 166 -3.72 12.38 -44.81
CA LEU E 166 -4.95 12.07 -44.09
C LEU E 166 -5.43 10.70 -44.54
N ASP E 167 -4.82 10.19 -45.59
CA ASP E 167 -5.18 8.87 -46.12
C ASP E 167 -4.48 7.75 -45.36
N CYS E 168 -3.15 7.85 -45.21
CA CYS E 168 -2.37 6.84 -44.48
C CYS E 168 -3.06 6.68 -43.13
N ILE E 169 -3.11 7.77 -42.35
CA ILE E 169 -3.72 7.74 -41.05
C ILE E 169 -5.05 7.00 -41.09
N LYS E 170 -5.81 7.25 -42.14
CA LYS E 170 -7.09 6.59 -42.29
C LYS E 170 -6.92 5.10 -42.56
N ILE E 171 -6.02 4.76 -43.49
CA ILE E 171 -5.77 3.37 -43.86
C ILE E 171 -5.11 2.53 -42.74
N THR E 172 -4.08 3.06 -42.09
CA THR E 172 -3.44 2.33 -41.01
C THR E 172 -4.47 2.16 -39.87
N GLN E 173 -5.28 3.19 -39.64
CA GLN E 173 -6.32 3.18 -38.59
C GLN E 173 -7.16 1.91 -38.66
N GLN E 174 -7.41 1.48 -39.90
CA GLN E 174 -8.19 0.29 -40.20
C GLN E 174 -7.35 -0.98 -40.09
N VAL E 175 -6.19 -0.99 -40.75
CA VAL E 175 -5.29 -2.15 -40.71
C VAL E 175 -4.96 -2.55 -39.27
N GLY E 176 -4.70 -1.55 -38.43
CA GLY E 176 -4.37 -1.85 -37.04
C GLY E 176 -5.51 -2.61 -36.34
N VAL E 177 -6.72 -2.07 -36.42
CA VAL E 177 -7.88 -2.70 -35.79
C VAL E 177 -8.11 -4.12 -36.30
N GLU E 178 -8.05 -4.28 -37.62
CA GLU E 178 -8.23 -5.59 -38.22
C GLU E 178 -7.15 -6.51 -37.65
N LEU E 179 -5.89 -6.09 -37.74
CA LEU E 179 -4.77 -6.86 -37.24
C LEU E 179 -5.04 -7.23 -35.80
N ASN E 180 -5.26 -6.24 -34.95
CA ASN E 180 -5.53 -6.49 -33.54
C ASN E 180 -6.67 -7.48 -33.27
N LEU E 181 -7.73 -7.45 -34.08
CA LEU E 181 -8.84 -8.38 -33.91
C LEU E 181 -8.36 -9.82 -34.14
N TYR E 182 -7.63 -10.03 -35.24
CA TYR E 182 -7.11 -11.34 -35.61
C TYR E 182 -6.28 -12.03 -34.52
N LEU E 183 -5.49 -11.27 -33.77
CA LEU E 183 -4.71 -11.88 -32.72
C LEU E 183 -5.60 -12.41 -31.59
N THR E 184 -6.56 -11.61 -31.10
CA THR E 184 -7.43 -12.13 -30.04
C THR E 184 -8.36 -13.23 -30.56
N GLU E 185 -8.60 -13.22 -31.87
CA GLU E 185 -9.43 -14.26 -32.48
C GLU E 185 -8.61 -15.53 -32.36
N LEU E 186 -7.41 -15.42 -32.92
CA LEU E 186 -6.39 -16.46 -33.01
C LEU E 186 -6.06 -17.16 -31.70
N THR E 187 -5.89 -16.38 -30.62
CA THR E 187 -5.60 -16.94 -29.32
C THR E 187 -6.89 -17.51 -28.72
N THR E 188 -8.05 -16.97 -29.08
CA THR E 188 -9.30 -17.51 -28.57
C THR E 188 -9.49 -18.91 -29.14
N VAL E 189 -9.30 -19.02 -30.45
CA VAL E 189 -9.44 -20.28 -31.16
C VAL E 189 -8.40 -21.32 -30.81
N PHE E 190 -7.12 -21.00 -31.03
CA PHE E 190 -6.02 -21.92 -30.73
C PHE E 190 -5.35 -21.62 -29.39
N GLY E 191 -6.18 -21.29 -28.41
CA GLY E 191 -5.68 -20.93 -27.10
C GLY E 191 -4.85 -21.98 -26.43
N PRO E 192 -5.41 -23.19 -26.26
CA PRO E 192 -4.70 -24.31 -25.62
C PRO E 192 -3.40 -24.59 -26.32
N GLN E 193 -3.49 -24.83 -27.63
CA GLN E 193 -2.31 -25.12 -28.43
C GLN E 193 -1.23 -24.02 -28.36
N ILE E 194 -1.60 -22.78 -28.60
CA ILE E 194 -0.63 -21.68 -28.54
C ILE E 194 0.07 -21.66 -27.18
N THR E 195 -0.68 -22.07 -26.17
CA THR E 195 -0.21 -22.04 -24.80
C THR E 195 0.53 -23.24 -24.17
N SER E 196 0.54 -24.40 -24.82
CA SER E 196 1.23 -25.56 -24.26
C SER E 196 1.56 -26.66 -25.30
N PRO E 197 2.78 -27.22 -25.21
CA PRO E 197 3.28 -28.26 -26.12
C PRO E 197 2.61 -29.62 -25.98
N ALA E 198 1.88 -29.84 -24.90
CA ALA E 198 1.20 -31.13 -24.71
C ALA E 198 -0.13 -31.25 -25.44
N LEU E 199 -0.81 -32.38 -25.27
CA LEU E 199 -2.10 -32.56 -25.89
C LEU E 199 -3.11 -31.67 -25.17
N THR E 200 -4.06 -31.09 -25.91
CA THR E 200 -5.07 -30.22 -25.31
C THR E 200 -6.40 -30.34 -26.03
N GLN E 201 -7.49 -30.08 -25.31
CA GLN E 201 -8.82 -30.18 -25.87
C GLN E 201 -8.90 -29.20 -27.04
N LEU E 202 -9.66 -29.55 -28.06
CA LEU E 202 -9.80 -28.65 -29.21
C LEU E 202 -10.99 -27.71 -29.00
N THR E 203 -10.83 -26.44 -29.34
CA THR E 203 -11.94 -25.51 -29.19
C THR E 203 -12.93 -25.91 -30.25
N ILE E 204 -14.19 -25.56 -30.06
CA ILE E 204 -15.19 -25.94 -31.06
C ILE E 204 -14.84 -25.30 -32.40
N GLN E 205 -14.46 -24.03 -32.36
CA GLN E 205 -14.09 -23.30 -33.56
C GLN E 205 -13.05 -24.05 -34.36
N ALA E 206 -12.02 -24.56 -33.68
CA ALA E 206 -10.97 -25.30 -34.39
C ALA E 206 -11.47 -26.61 -35.03
N LEU E 207 -12.33 -27.35 -34.33
CA LEU E 207 -12.83 -28.60 -34.89
C LEU E 207 -13.53 -28.27 -36.20
N TYR E 208 -14.39 -27.26 -36.14
CA TYR E 208 -15.16 -26.78 -37.28
C TYR E 208 -14.22 -26.45 -38.45
N ASN E 209 -13.29 -25.53 -38.21
CA ASN E 209 -12.37 -25.14 -39.25
C ASN E 209 -11.79 -26.41 -39.88
N LEU E 210 -11.26 -27.28 -39.04
CA LEU E 210 -10.68 -28.50 -39.52
C LEU E 210 -11.64 -29.21 -40.45
N ALA E 211 -12.90 -29.33 -40.05
CA ALA E 211 -13.88 -30.00 -40.88
C ALA E 211 -14.36 -29.12 -42.04
N GLY E 212 -13.60 -28.05 -42.31
CA GLY E 212 -13.96 -27.13 -43.36
C GLY E 212 -15.42 -26.74 -43.32
N GLY E 213 -15.91 -26.29 -42.16
CA GLY E 213 -17.30 -25.88 -42.04
C GLY E 213 -18.34 -26.96 -42.29
N ASN E 214 -17.92 -28.06 -42.89
CA ASN E 214 -18.85 -29.15 -43.16
C ASN E 214 -18.84 -30.16 -42.02
N MET E 215 -19.46 -29.79 -40.91
CA MET E 215 -19.51 -30.66 -39.75
C MET E 215 -20.11 -32.03 -40.05
N ASP E 216 -21.24 -32.05 -40.75
CA ASP E 216 -21.90 -33.30 -41.08
C ASP E 216 -20.96 -34.31 -41.70
N TYR E 217 -20.06 -33.82 -42.52
CA TYR E 217 -19.10 -34.70 -43.15
C TYR E 217 -18.20 -35.35 -42.12
N LEU E 218 -17.56 -34.52 -41.30
CA LEU E 218 -16.63 -34.95 -40.25
C LEU E 218 -17.19 -36.04 -39.34
N LEU E 219 -18.23 -35.69 -38.57
CA LEU E 219 -18.86 -36.64 -37.66
C LEU E 219 -19.09 -37.97 -38.39
N THR E 220 -19.63 -37.88 -39.60
CA THR E 220 -19.87 -39.07 -40.39
C THR E 220 -18.64 -39.94 -40.44
N LYS E 221 -17.48 -39.32 -40.56
CA LYS E 221 -16.23 -40.05 -40.60
C LYS E 221 -15.86 -40.57 -39.22
N LEU E 222 -16.04 -39.73 -38.18
CA LEU E 222 -15.73 -40.13 -36.81
C LEU E 222 -16.56 -41.31 -36.34
N GLY E 223 -17.79 -41.40 -36.83
CA GLY E 223 -18.64 -42.51 -36.43
C GLY E 223 -19.90 -42.10 -35.69
N VAL E 224 -19.86 -40.92 -35.06
CA VAL E 224 -21.01 -40.43 -34.31
C VAL E 224 -21.99 -39.55 -35.08
N GLY E 225 -23.14 -39.34 -34.48
CA GLY E 225 -24.15 -38.50 -35.10
C GLY E 225 -24.27 -37.29 -34.21
N ASN E 226 -25.10 -36.33 -34.61
CA ASN E 226 -25.26 -35.11 -33.82
C ASN E 226 -25.59 -35.33 -32.37
N ASN E 227 -26.41 -36.35 -32.10
CA ASN E 227 -26.79 -36.68 -30.73
C ASN E 227 -25.60 -37.10 -29.88
N GLN E 228 -24.40 -37.08 -30.46
CA GLN E 228 -23.20 -37.47 -29.73
C GLN E 228 -22.14 -36.37 -29.79
N LEU E 229 -22.47 -35.27 -30.47
CA LEU E 229 -21.52 -34.17 -30.61
C LEU E 229 -21.10 -33.53 -29.28
N SER E 230 -22.08 -33.25 -28.43
CA SER E 230 -21.80 -32.66 -27.11
C SER E 230 -20.99 -33.68 -26.29
N SER E 231 -21.44 -34.93 -26.37
CA SER E 231 -20.83 -36.05 -25.67
C SER E 231 -19.36 -36.18 -26.06
N LEU E 232 -19.11 -36.27 -27.36
CA LEU E 232 -17.75 -36.39 -27.86
C LEU E 232 -16.87 -35.23 -27.35
N ILE E 233 -17.29 -34.00 -27.60
CA ILE E 233 -16.55 -32.81 -27.16
C ILE E 233 -16.18 -32.89 -25.68
N SER E 234 -17.13 -33.32 -24.85
CA SER E 234 -16.91 -33.45 -23.42
C SER E 234 -15.89 -34.54 -23.09
N SER E 235 -16.02 -35.66 -23.81
CA SER E 235 -15.14 -36.83 -23.66
C SER E 235 -13.67 -36.47 -23.53
N GLY E 236 -13.25 -35.50 -24.33
CA GLY E 236 -11.86 -35.05 -24.31
C GLY E 236 -11.06 -35.90 -25.26
N LEU E 237 -11.75 -36.69 -26.07
CA LEU E 237 -11.05 -37.53 -27.05
C LEU E 237 -10.42 -36.78 -28.23
N ILE E 238 -11.00 -35.65 -28.63
CA ILE E 238 -10.49 -34.85 -29.74
C ILE E 238 -9.51 -33.81 -29.24
N THR E 239 -8.22 -34.08 -29.42
CA THR E 239 -7.19 -33.16 -28.94
C THR E 239 -6.17 -32.78 -29.99
N GLY E 240 -5.34 -31.79 -29.67
CA GLY E 240 -4.31 -31.38 -30.60
C GLY E 240 -3.10 -30.82 -29.91
N ASN E 241 -2.00 -30.66 -30.63
CA ASN E 241 -0.77 -30.12 -30.07
C ASN E 241 0.11 -29.47 -31.14
N PRO E 242 0.85 -28.40 -30.76
CA PRO E 242 1.72 -27.73 -31.74
C PRO E 242 2.89 -28.63 -32.08
N ILE E 243 3.29 -28.63 -33.35
CA ILE E 243 4.40 -29.46 -33.80
C ILE E 243 5.23 -28.68 -34.81
N LEU E 244 5.02 -27.39 -34.89
CA LEU E 244 5.76 -26.61 -35.85
C LEU E 244 5.50 -25.14 -35.69
N TYR E 245 6.57 -24.36 -35.72
CA TYR E 245 6.45 -22.93 -35.59
C TYR E 245 7.54 -22.18 -36.32
N ASP E 246 7.28 -21.87 -37.58
CA ASP E 246 8.21 -21.14 -38.41
C ASP E 246 8.20 -19.70 -37.91
N SER E 247 9.23 -19.30 -37.17
CA SER E 247 9.28 -17.94 -36.63
C SER E 247 9.45 -16.88 -37.70
N GLN E 248 10.14 -17.21 -38.79
CA GLN E 248 10.35 -16.24 -39.87
C GLN E 248 9.09 -16.00 -40.71
N THR E 249 8.49 -17.08 -41.18
CA THR E 249 7.26 -17.01 -41.97
C THR E 249 6.04 -16.73 -41.09
N GLN E 250 6.18 -16.97 -39.79
CA GLN E 250 5.09 -16.80 -38.82
C GLN E 250 4.00 -17.81 -39.19
N LEU E 251 4.35 -19.08 -39.08
CA LEU E 251 3.46 -20.19 -39.42
C LEU E 251 3.37 -21.14 -38.21
N LEU E 252 2.16 -21.54 -37.83
CA LEU E 252 1.97 -22.44 -36.70
C LEU E 252 1.34 -23.74 -37.14
N GLY E 253 1.93 -24.86 -36.71
CA GLY E 253 1.43 -26.16 -37.12
C GLY E 253 0.90 -27.07 -36.02
N ILE E 254 -0.42 -27.13 -35.92
CA ILE E 254 -1.08 -27.96 -34.93
C ILE E 254 -1.37 -29.32 -35.53
N GLN E 255 -1.39 -30.35 -34.70
CA GLN E 255 -1.69 -31.70 -35.16
C GLN E 255 -2.87 -32.21 -34.37
N VAL E 256 -4.02 -32.31 -35.01
CA VAL E 256 -5.21 -32.80 -34.35
C VAL E 256 -5.21 -34.33 -34.32
N THR E 257 -5.95 -34.89 -33.37
CA THR E 257 -6.11 -36.34 -33.23
C THR E 257 -7.59 -36.66 -32.98
N LEU E 258 -8.26 -37.18 -34.01
CA LEU E 258 -9.66 -37.50 -33.84
C LEU E 258 -9.85 -38.98 -33.65
N PRO E 259 -10.85 -39.36 -32.84
CA PRO E 259 -11.19 -40.75 -32.53
C PRO E 259 -12.03 -41.40 -33.62
N SER E 260 -12.36 -42.67 -33.42
CA SER E 260 -13.18 -43.41 -34.36
C SER E 260 -14.13 -44.24 -33.51
N VAL E 261 -15.14 -43.57 -32.98
CA VAL E 261 -16.15 -44.20 -32.14
C VAL E 261 -17.11 -45.07 -32.97
N GLY E 262 -17.30 -46.29 -32.52
CA GLY E 262 -18.17 -47.27 -33.15
C GLY E 262 -19.16 -47.70 -32.10
N ASN E 263 -20.30 -47.02 -32.10
CA ASN E 263 -21.37 -47.26 -31.16
C ASN E 263 -21.92 -48.67 -31.17
N LEU E 264 -21.89 -49.31 -30.00
CA LEU E 264 -22.45 -50.65 -29.84
C LEU E 264 -23.96 -50.47 -29.93
N ASN E 265 -24.67 -51.48 -30.40
CA ASN E 265 -26.10 -51.32 -30.54
C ASN E 265 -27.04 -52.01 -29.54
N ASN E 266 -28.01 -51.23 -29.08
CA ASN E 266 -29.02 -51.70 -28.15
C ASN E 266 -28.40 -52.13 -26.84
N MET E 267 -27.18 -51.68 -26.56
CA MET E 267 -26.55 -52.00 -25.29
C MET E 267 -26.59 -50.73 -24.45
N ARG E 268 -26.90 -50.87 -23.17
CA ARG E 268 -26.95 -49.68 -22.33
C ARG E 268 -26.54 -49.99 -20.91
N ALA E 269 -25.59 -49.21 -20.42
CA ALA E 269 -25.10 -49.36 -19.06
C ALA E 269 -26.10 -48.60 -18.21
N THR E 270 -26.33 -49.08 -17.00
CA THR E 270 -27.26 -48.42 -16.09
C THR E 270 -26.63 -48.34 -14.71
N TYR E 271 -26.44 -47.12 -14.24
CA TYR E 271 -25.82 -46.90 -12.93
C TYR E 271 -26.81 -47.06 -11.78
N LEU E 272 -26.47 -47.90 -10.81
CA LEU E 272 -27.35 -48.15 -9.65
C LEU E 272 -26.78 -47.68 -8.32
N GLU E 273 -27.66 -47.22 -7.44
CA GLU E 273 -27.30 -46.73 -6.12
C GLU E 273 -28.36 -47.26 -5.18
N THR E 274 -28.09 -47.25 -3.88
CA THR E 274 -29.07 -47.80 -2.93
C THR E 274 -29.10 -47.14 -1.57
N LEU E 275 -30.29 -46.67 -1.18
CA LEU E 275 -30.45 -46.05 0.13
C LEU E 275 -30.74 -47.18 1.09
N SER E 276 -30.61 -46.90 2.38
CA SER E 276 -30.87 -47.87 3.42
C SER E 276 -32.37 -47.95 3.62
N VAL E 277 -33.00 -48.94 2.99
CA VAL E 277 -34.43 -49.16 3.12
C VAL E 277 -34.63 -49.95 4.39
N SER E 278 -35.84 -49.94 4.92
CA SER E 278 -36.11 -50.70 6.13
C SER E 278 -36.65 -52.04 5.70
N THR E 279 -37.91 -52.09 5.28
CA THR E 279 -38.52 -53.34 4.84
C THR E 279 -38.06 -54.51 5.71
N THR E 280 -36.94 -55.12 5.33
CA THR E 280 -36.36 -56.23 6.07
C THR E 280 -36.26 -55.83 7.54
N LYS E 281 -35.67 -54.66 7.75
CA LYS E 281 -35.46 -54.01 9.03
C LYS E 281 -34.69 -52.75 8.64
N GLY E 282 -34.85 -51.67 9.40
CA GLY E 282 -34.16 -50.43 9.08
C GLY E 282 -32.67 -50.66 9.16
N PHE E 283 -32.26 -51.84 8.72
CA PHE E 283 -30.88 -52.26 8.70
C PHE E 283 -30.68 -52.73 7.28
N ALA E 284 -31.78 -52.80 6.54
CA ALA E 284 -31.75 -53.26 5.16
C ALA E 284 -30.92 -52.36 4.25
N SER E 285 -30.58 -52.90 3.09
CA SER E 285 -29.80 -52.21 2.09
C SER E 285 -29.44 -53.23 1.02
N ALA E 286 -30.23 -53.26 -0.04
CA ALA E 286 -30.03 -54.21 -1.14
C ALA E 286 -28.57 -54.41 -1.57
N LEU E 287 -28.32 -55.50 -2.28
CA LEU E 287 -26.99 -55.80 -2.76
C LEU E 287 -27.07 -55.88 -4.27
N VAL E 288 -26.44 -54.92 -4.95
CA VAL E 288 -26.45 -54.91 -6.41
C VAL E 288 -25.22 -54.18 -6.90
N PRO E 289 -24.85 -54.41 -8.17
CA PRO E 289 -23.67 -53.75 -8.74
C PRO E 289 -23.88 -52.23 -8.82
N LYS E 290 -22.81 -51.52 -9.12
CA LYS E 290 -22.89 -50.06 -9.24
C LYS E 290 -23.23 -49.67 -10.66
N VAL E 291 -22.87 -50.53 -11.61
CA VAL E 291 -23.13 -50.28 -13.02
C VAL E 291 -23.36 -51.61 -13.69
N VAL E 292 -24.40 -51.69 -14.50
CA VAL E 292 -24.67 -52.94 -15.20
C VAL E 292 -25.05 -52.59 -16.62
N THR E 293 -24.63 -53.42 -17.56
CA THR E 293 -24.98 -53.18 -18.93
C THR E 293 -25.97 -54.30 -19.28
N GLN E 294 -26.59 -54.22 -20.44
CA GLN E 294 -27.53 -55.25 -20.84
C GLN E 294 -27.96 -55.15 -22.29
N VAL E 295 -28.02 -56.30 -22.95
CA VAL E 295 -28.43 -56.39 -24.33
C VAL E 295 -29.52 -57.43 -24.43
N GLY E 296 -30.76 -56.97 -24.34
CA GLY E 296 -31.86 -57.91 -24.38
C GLY E 296 -31.98 -58.52 -23.01
N SER E 297 -32.24 -59.82 -22.95
CA SER E 297 -32.39 -60.48 -21.66
C SER E 297 -31.10 -60.51 -20.82
N VAL E 298 -29.96 -60.45 -21.48
CA VAL E 298 -28.68 -60.51 -20.75
C VAL E 298 -28.49 -59.27 -19.88
N ILE E 299 -27.97 -59.47 -18.67
CA ILE E 299 -27.74 -58.35 -17.75
C ILE E 299 -26.56 -58.61 -16.83
N GLU E 300 -25.36 -58.28 -17.29
CA GLU E 300 -24.19 -58.49 -16.48
C GLU E 300 -23.64 -57.18 -15.87
N GLU E 301 -22.66 -57.33 -14.98
CA GLU E 301 -22.02 -56.18 -14.35
C GLU E 301 -20.97 -55.63 -15.32
N LEU E 302 -20.86 -54.31 -15.39
CA LEU E 302 -19.91 -53.68 -16.29
C LEU E 302 -18.70 -53.14 -15.55
N ASP E 303 -17.50 -53.43 -16.09
CA ASP E 303 -16.26 -52.95 -15.50
C ASP E 303 -15.94 -51.65 -16.23
N THR E 304 -16.52 -50.57 -15.73
CA THR E 304 -16.35 -49.25 -16.31
C THR E 304 -14.91 -48.76 -16.30
N SER E 305 -14.02 -49.49 -15.65
CA SER E 305 -12.62 -49.09 -15.58
C SER E 305 -12.03 -48.73 -16.95
N TYR E 306 -12.57 -49.29 -18.03
CA TYR E 306 -12.06 -49.01 -19.37
C TYR E 306 -12.88 -48.00 -20.21
N CYS E 307 -13.47 -46.98 -19.60
CA CYS E 307 -14.25 -46.04 -20.41
C CYS E 307 -14.23 -44.63 -19.91
N ILE E 308 -14.19 -43.70 -20.86
CA ILE E 308 -14.26 -42.29 -20.54
C ILE E 308 -15.76 -42.22 -20.27
N GLU E 309 -16.18 -41.50 -19.24
CA GLU E 309 -17.60 -41.46 -18.94
C GLU E 309 -18.23 -40.09 -19.12
N THR E 310 -18.96 -39.93 -20.22
CA THR E 310 -19.65 -38.69 -20.52
C THR E 310 -21.04 -38.76 -19.92
N ASP E 311 -21.71 -37.61 -19.82
CA ASP E 311 -23.06 -37.61 -19.28
C ASP E 311 -23.97 -38.56 -20.07
N LEU E 312 -24.13 -38.31 -21.36
CA LEU E 312 -24.97 -39.13 -22.25
C LEU E 312 -24.34 -40.40 -22.83
N ASP E 313 -23.02 -40.42 -22.98
CA ASP E 313 -22.38 -41.60 -23.53
C ASP E 313 -21.14 -42.10 -22.81
N LEU E 314 -20.86 -43.37 -23.04
CA LEU E 314 -19.73 -44.07 -22.45
C LEU E 314 -18.80 -44.41 -23.61
N TYR E 315 -17.59 -43.87 -23.57
CA TYR E 315 -16.62 -44.15 -24.61
C TYR E 315 -15.59 -45.17 -24.09
N CYS E 316 -15.83 -46.45 -24.39
CA CYS E 316 -14.96 -47.55 -23.96
C CYS E 316 -13.98 -48.09 -25.01
N THR E 317 -12.88 -48.61 -24.49
CA THR E 317 -11.83 -49.16 -25.32
C THR E 317 -12.05 -50.66 -25.40
N ARG E 318 -12.88 -51.16 -24.51
CA ARG E 318 -13.15 -52.59 -24.45
C ARG E 318 -14.45 -52.68 -23.67
N ILE E 319 -14.92 -53.90 -23.44
CA ILE E 319 -16.15 -54.12 -22.69
C ILE E 319 -15.90 -55.36 -21.83
N VAL E 320 -15.38 -55.16 -20.63
CA VAL E 320 -15.12 -56.26 -19.71
C VAL E 320 -16.32 -56.33 -18.75
N THR E 321 -16.92 -57.51 -18.62
CA THR E 321 -18.06 -57.67 -17.73
C THR E 321 -17.97 -58.96 -16.94
N PHE E 322 -18.85 -59.09 -15.95
CA PHE E 322 -18.89 -60.27 -15.09
C PHE E 322 -20.33 -60.71 -14.86
N PRO E 323 -20.57 -62.01 -14.65
CA PRO E 323 -21.93 -62.48 -14.41
C PRO E 323 -22.30 -62.17 -12.98
N MET E 324 -23.58 -62.19 -12.65
CA MET E 324 -23.99 -61.91 -11.29
C MET E 324 -24.92 -63.00 -10.75
N SER E 325 -25.13 -63.02 -9.44
CA SER E 325 -26.00 -64.02 -8.83
C SER E 325 -27.36 -64.12 -9.55
N PRO E 326 -27.91 -65.35 -9.64
CA PRO E 326 -29.21 -65.55 -10.31
C PRO E 326 -30.28 -64.81 -9.53
N GLY E 327 -29.97 -64.54 -8.27
CA GLY E 327 -30.87 -63.79 -7.41
C GLY E 327 -30.83 -62.34 -7.85
N ILE E 328 -29.61 -61.85 -8.07
CA ILE E 328 -29.41 -60.48 -8.52
C ILE E 328 -30.14 -60.25 -9.84
N TYR E 329 -29.86 -61.09 -10.85
CA TYR E 329 -30.52 -60.93 -12.14
C TYR E 329 -32.03 -60.91 -11.94
N SER E 330 -32.50 -61.80 -11.09
CA SER E 330 -33.92 -61.87 -10.79
C SER E 330 -34.43 -60.51 -10.33
N CYS E 331 -33.78 -59.95 -9.31
CA CYS E 331 -34.17 -58.66 -8.78
C CYS E 331 -34.18 -57.51 -9.79
N LEU E 332 -32.99 -57.13 -10.26
CA LEU E 332 -32.84 -56.03 -11.21
C LEU E 332 -33.80 -56.14 -12.38
N SER E 333 -34.18 -57.38 -12.73
CA SER E 333 -35.11 -57.62 -13.82
C SER E 333 -36.55 -57.82 -13.33
N GLY E 334 -37.17 -56.72 -12.90
CA GLY E 334 -38.55 -56.76 -12.44
C GLY E 334 -38.87 -57.27 -11.03
N ASN E 335 -38.63 -58.56 -10.79
CA ASN E 335 -38.92 -59.11 -9.47
C ASN E 335 -38.28 -58.21 -8.44
N THR E 336 -38.70 -58.32 -7.18
CA THR E 336 -38.12 -57.50 -6.12
C THR E 336 -37.71 -58.41 -4.98
N SER E 337 -38.44 -59.51 -4.84
CA SER E 337 -38.18 -60.47 -3.79
C SER E 337 -36.78 -61.02 -3.81
N ALA E 338 -36.34 -61.45 -5.00
CA ALA E 338 -35.01 -62.02 -5.19
C ALA E 338 -33.93 -61.20 -4.48
N CYS E 339 -34.14 -59.89 -4.46
CA CYS E 339 -33.21 -58.97 -3.85
C CYS E 339 -32.78 -59.37 -2.45
N MET E 340 -31.47 -59.34 -2.21
CA MET E 340 -30.92 -59.70 -0.92
C MET E 340 -30.31 -58.47 -0.28
N TYR E 341 -30.87 -58.06 0.85
CA TYR E 341 -30.37 -56.90 1.57
C TYR E 341 -29.31 -57.34 2.56
N SER E 342 -28.80 -56.40 3.35
CA SER E 342 -27.79 -56.68 4.36
C SER E 342 -27.55 -55.38 5.12
N LYS E 343 -26.55 -55.37 5.99
CA LYS E 343 -26.28 -54.14 6.73
C LYS E 343 -24.82 -53.89 6.99
N THR E 344 -24.09 -53.58 5.92
CA THR E 344 -22.67 -53.28 6.03
C THR E 344 -22.48 -51.81 6.40
N GLU E 345 -23.49 -51.00 6.10
CA GLU E 345 -23.46 -49.57 6.39
C GLU E 345 -23.12 -49.30 7.85
N GLY E 346 -22.67 -48.08 8.13
CA GLY E 346 -22.30 -47.71 9.48
C GLY E 346 -23.23 -46.66 10.05
N ALA E 347 -23.02 -46.34 11.31
CA ALA E 347 -23.83 -45.36 12.01
C ALA E 347 -23.99 -44.03 11.28
N LEU E 348 -22.86 -43.42 10.91
CA LEU E 348 -22.87 -42.12 10.24
C LEU E 348 -23.37 -42.07 8.79
N THR E 349 -23.66 -43.21 8.17
CA THR E 349 -24.10 -43.13 6.78
C THR E 349 -25.48 -42.47 6.66
N THR E 350 -25.55 -41.40 5.88
CA THR E 350 -26.77 -40.64 5.67
C THR E 350 -27.85 -41.38 4.85
N PRO E 351 -29.14 -41.27 5.29
CA PRO E 351 -30.38 -41.85 4.73
C PRO E 351 -30.80 -41.26 3.40
N TYR E 352 -30.36 -40.04 3.13
CA TYR E 352 -30.67 -39.36 1.87
C TYR E 352 -29.48 -39.36 0.95
N MET E 353 -29.76 -39.13 -0.32
CA MET E 353 -28.71 -39.05 -1.32
C MET E 353 -29.05 -37.87 -2.22
N THR E 354 -28.26 -37.63 -3.27
CA THR E 354 -28.54 -36.52 -4.15
C THR E 354 -28.48 -37.00 -5.59
N LEU E 355 -29.08 -36.22 -6.48
CA LEU E 355 -29.11 -36.60 -7.88
C LEU E 355 -29.70 -35.46 -8.67
N LYS E 356 -29.00 -35.05 -9.72
CA LYS E 356 -29.42 -33.97 -10.61
C LYS E 356 -30.34 -32.92 -9.99
N GLY E 357 -29.80 -32.12 -9.07
CA GLY E 357 -30.60 -31.08 -8.44
C GLY E 357 -31.85 -31.48 -7.67
N SER E 358 -31.83 -32.64 -7.03
CA SER E 358 -32.98 -33.10 -6.26
C SER E 358 -32.45 -34.02 -5.19
N VAL E 359 -33.31 -34.48 -4.29
CA VAL E 359 -32.82 -35.34 -3.23
C VAL E 359 -33.74 -36.50 -2.88
N ILE E 360 -33.36 -37.67 -3.35
CA ILE E 360 -34.09 -38.90 -3.09
C ILE E 360 -33.80 -39.18 -1.64
N ALA E 361 -34.79 -39.64 -0.89
CA ALA E 361 -34.59 -39.92 0.53
C ALA E 361 -35.58 -40.91 1.14
N ASN E 362 -35.21 -41.45 2.30
CA ASN E 362 -36.07 -42.36 3.05
C ASN E 362 -36.64 -41.54 4.20
N CYS E 363 -37.64 -40.74 3.88
CA CYS E 363 -38.25 -39.89 4.88
C CYS E 363 -38.77 -40.63 6.08
N LYS E 364 -38.91 -41.94 5.95
CA LYS E 364 -39.38 -42.77 7.06
C LYS E 364 -38.27 -42.82 8.09
N MET E 365 -37.03 -42.90 7.60
CA MET E 365 -35.83 -43.01 8.43
C MET E 365 -35.36 -41.72 9.11
N THR E 366 -35.86 -40.58 8.66
CA THR E 366 -35.52 -39.27 9.24
C THR E 366 -36.54 -38.25 8.79
N THR E 367 -36.71 -37.19 9.57
CA THR E 367 -37.67 -36.15 9.23
C THR E 367 -37.27 -35.33 8.00
N CYS E 368 -38.16 -35.33 7.00
CA CYS E 368 -37.94 -34.56 5.78
C CYS E 368 -38.73 -33.25 5.90
N ARG E 369 -38.32 -32.39 6.81
CA ARG E 369 -39.00 -31.13 7.02
C ARG E 369 -38.74 -30.19 5.84
N CYS E 370 -39.79 -29.59 5.30
CA CYS E 370 -39.66 -28.66 4.18
C CYS E 370 -39.94 -27.22 4.61
N ALA E 371 -38.88 -26.47 4.87
CA ALA E 371 -38.98 -25.07 5.30
C ALA E 371 -39.79 -24.17 4.41
N ASP E 372 -39.71 -24.29 3.08
CA ASP E 372 -40.57 -23.44 2.24
C ASP E 372 -41.98 -23.97 2.34
N PRO E 373 -42.63 -24.49 1.27
CA PRO E 373 -43.98 -24.92 1.62
C PRO E 373 -43.86 -25.80 2.85
N PRO E 374 -44.22 -25.25 4.04
CA PRO E 374 -44.10 -26.00 5.28
C PRO E 374 -44.84 -27.32 5.25
N GLY E 375 -44.36 -28.27 6.05
CA GLY E 375 -44.98 -29.56 6.14
C GLY E 375 -43.94 -30.66 6.09
N ILE E 376 -44.27 -31.79 6.70
CA ILE E 376 -43.37 -32.90 6.72
C ILE E 376 -43.65 -33.79 5.54
N ILE E 377 -42.67 -33.94 4.66
CA ILE E 377 -42.82 -34.81 3.51
C ILE E 377 -42.95 -36.17 4.15
N SER E 378 -43.91 -36.96 3.69
CA SER E 378 -44.06 -38.28 4.24
C SER E 378 -44.41 -39.26 3.14
N GLN E 379 -44.31 -40.53 3.46
CA GLN E 379 -44.58 -41.58 2.52
C GLN E 379 -44.76 -42.76 3.41
N ASN E 380 -45.37 -43.83 2.91
CA ASN E 380 -45.56 -44.98 3.76
C ASN E 380 -45.92 -46.27 3.07
N TYR E 381 -45.38 -47.34 3.63
CA TYR E 381 -45.61 -48.70 3.19
C TYR E 381 -45.59 -48.86 1.68
N GLY E 382 -44.55 -49.53 1.18
CA GLY E 382 -44.42 -49.76 -0.26
C GLY E 382 -43.75 -48.64 -1.05
N GLU E 383 -43.61 -47.47 -0.44
CA GLU E 383 -42.98 -46.32 -1.10
C GLU E 383 -41.46 -46.43 -1.06
N ALA E 384 -40.90 -46.86 0.07
CA ALA E 384 -39.45 -47.02 0.21
C ALA E 384 -38.64 -45.73 0.26
N VAL E 385 -38.84 -44.85 -0.71
CA VAL E 385 -38.08 -43.61 -0.72
C VAL E 385 -38.84 -42.46 -1.34
N SER E 386 -38.64 -41.30 -0.74
CA SER E 386 -39.23 -40.07 -1.22
C SER E 386 -38.34 -39.62 -2.34
N LEU E 387 -38.82 -38.65 -3.11
CA LEU E 387 -38.06 -38.11 -4.22
C LEU E 387 -38.27 -36.62 -4.23
N ILE E 388 -38.05 -36.00 -3.08
CA ILE E 388 -38.21 -34.56 -2.89
C ILE E 388 -37.63 -33.70 -4.02
N ASP E 389 -38.53 -33.22 -4.86
CA ASP E 389 -38.23 -32.41 -6.04
C ASP E 389 -38.38 -30.92 -5.81
N ARG E 390 -38.02 -30.12 -6.81
CA ARG E 390 -38.13 -28.67 -6.70
C ARG E 390 -39.59 -28.28 -6.67
N GLN E 391 -40.40 -29.04 -7.39
CA GLN E 391 -41.82 -28.80 -7.41
C GLN E 391 -42.31 -29.18 -6.02
N SER E 392 -42.07 -30.42 -5.66
CA SER E 392 -42.50 -30.92 -4.37
C SER E 392 -42.13 -29.99 -3.19
N CYS E 393 -40.98 -29.33 -3.25
CA CYS E 393 -40.56 -28.44 -2.16
C CYS E 393 -39.33 -27.60 -2.52
N ASN E 394 -39.28 -26.40 -1.97
CA ASN E 394 -38.17 -25.45 -2.20
C ASN E 394 -37.00 -25.50 -1.23
N ILE E 395 -37.22 -25.96 -0.01
CA ILE E 395 -36.14 -25.99 0.98
C ILE E 395 -36.19 -27.18 1.95
N LEU E 396 -35.65 -28.31 1.51
CA LEU E 396 -35.64 -29.53 2.30
C LEU E 396 -34.81 -29.35 3.55
N SER E 397 -34.93 -30.30 4.48
CA SER E 397 -34.21 -30.29 5.76
C SER E 397 -34.12 -31.66 6.42
N LEU E 398 -33.30 -32.53 5.87
CA LEU E 398 -33.13 -33.88 6.40
C LEU E 398 -32.24 -33.82 7.62
N ASP E 399 -32.80 -33.35 8.73
CA ASP E 399 -32.09 -33.22 10.00
C ASP E 399 -30.62 -32.76 9.90
N GLY E 400 -30.32 -31.60 10.48
CA GLY E 400 -28.97 -31.08 10.47
C GLY E 400 -28.58 -30.26 9.25
N ILE E 401 -28.95 -30.73 8.07
CA ILE E 401 -28.61 -30.00 6.87
C ILE E 401 -29.82 -29.63 6.04
N THR E 402 -29.88 -28.35 5.64
CA THR E 402 -30.96 -27.84 4.81
C THR E 402 -30.40 -27.51 3.45
N LEU E 403 -31.09 -27.97 2.41
CA LEU E 403 -30.63 -27.72 1.05
C LEU E 403 -31.69 -26.95 0.28
N ARG E 404 -31.23 -26.02 -0.54
CA ARG E 404 -32.12 -25.25 -1.38
C ARG E 404 -32.37 -26.19 -2.55
N LEU E 405 -33.62 -26.48 -2.89
CA LEU E 405 -33.86 -27.36 -4.02
C LEU E 405 -34.18 -26.56 -5.26
N SER E 406 -34.20 -25.24 -5.10
CA SER E 406 -34.52 -24.33 -6.20
C SER E 406 -33.88 -22.97 -6.00
N GLY E 407 -33.59 -22.30 -7.11
CA GLY E 407 -32.97 -20.99 -7.02
C GLY E 407 -32.84 -20.45 -8.42
N GLU E 408 -32.51 -19.17 -8.54
CA GLU E 408 -32.37 -18.53 -9.85
C GLU E 408 -31.58 -17.24 -9.75
N PHE E 409 -31.00 -16.84 -10.88
CA PHE E 409 -30.19 -15.63 -10.98
C PHE E 409 -30.15 -15.25 -12.45
N ASP E 410 -30.13 -13.96 -12.73
CA ASP E 410 -30.05 -13.51 -14.12
C ASP E 410 -29.18 -12.29 -14.08
N ALA E 411 -28.48 -12.05 -15.19
CA ALA E 411 -27.61 -10.90 -15.29
C ALA E 411 -27.34 -10.65 -16.75
N THR E 412 -26.73 -9.51 -17.05
CA THR E 412 -26.41 -9.15 -18.41
C THR E 412 -25.00 -8.63 -18.49
N TYR E 413 -24.31 -8.98 -19.57
CA TYR E 413 -22.97 -8.52 -19.77
C TYR E 413 -23.07 -7.71 -21.03
N GLN E 414 -22.61 -6.47 -20.96
CA GLN E 414 -22.65 -5.55 -22.09
C GLN E 414 -21.80 -4.32 -21.73
N LYS E 415 -21.26 -3.66 -22.75
CA LYS E 415 -20.42 -2.47 -22.53
C LYS E 415 -20.97 -1.23 -23.22
N ASN E 416 -20.74 -0.09 -22.59
CA ASN E 416 -21.19 1.19 -23.13
C ASN E 416 -20.00 2.03 -23.57
N ILE E 417 -19.72 2.09 -24.87
CA ILE E 417 -18.61 2.89 -25.34
C ILE E 417 -18.97 4.34 -25.02
N SER E 418 -17.96 5.20 -24.95
CA SER E 418 -18.19 6.62 -24.64
C SER E 418 -17.12 7.51 -25.27
N ILE E 419 -17.37 7.90 -26.51
CA ILE E 419 -16.45 8.74 -27.28
C ILE E 419 -16.21 10.12 -26.64
N GLN E 420 -15.12 10.74 -27.06
CA GLN E 420 -14.76 12.07 -26.59
C GLN E 420 -14.77 12.90 -27.86
N ASP E 421 -14.90 14.22 -27.74
CA ASP E 421 -14.90 15.08 -28.93
C ASP E 421 -13.61 15.88 -29.10
N SER E 422 -13.50 16.57 -30.23
CA SER E 422 -12.32 17.36 -30.57
C SER E 422 -12.65 18.72 -31.16
N GLN E 423 -11.68 19.29 -31.89
CA GLN E 423 -11.81 20.61 -32.53
C GLN E 423 -10.57 20.93 -33.39
N ASP F 2 9.57 -56.40 -20.92
CA ASP F 2 8.90 -57.70 -20.89
C ASP F 2 8.81 -58.37 -22.25
N GLY F 3 8.75 -57.59 -23.32
CA GLY F 3 8.65 -58.19 -24.64
C GLY F 3 7.26 -58.74 -24.94
N ARG F 4 7.14 -59.55 -26.00
CA ARG F 4 5.83 -60.09 -26.33
C ARG F 4 5.72 -61.55 -26.74
N PRO F 5 6.33 -62.47 -25.97
CA PRO F 5 6.25 -63.90 -26.25
C PRO F 5 4.98 -64.30 -25.51
N LEU F 6 4.63 -63.49 -24.51
CA LEU F 6 3.43 -63.70 -23.69
C LEU F 6 2.20 -63.17 -24.43
N ALA F 7 2.44 -62.56 -25.58
CA ALA F 7 1.37 -62.06 -26.42
C ALA F 7 0.66 -63.30 -26.95
N ALA F 8 1.42 -64.39 -27.03
CA ALA F 8 0.86 -65.65 -27.49
C ALA F 8 -0.01 -66.20 -26.36
N ALA F 9 0.28 -65.79 -25.13
CA ALA F 9 -0.49 -66.23 -23.97
C ALA F 9 -1.76 -65.41 -23.78
N GLY F 10 -1.88 -64.32 -24.54
CA GLY F 10 -3.05 -63.47 -24.41
C GLY F 10 -2.79 -62.23 -23.58
N ILE F 11 -1.56 -62.08 -23.11
CA ILE F 11 -1.18 -60.91 -22.31
C ILE F 11 -0.72 -59.81 -23.27
N VAL F 12 -1.52 -58.76 -23.42
CA VAL F 12 -1.15 -57.65 -24.29
C VAL F 12 -0.51 -56.56 -23.42
N VAL F 13 0.59 -55.98 -23.87
CA VAL F 13 1.23 -54.91 -23.09
C VAL F 13 0.74 -53.56 -23.59
N THR F 14 -0.18 -52.95 -22.86
CA THR F 14 -0.73 -51.65 -23.26
C THR F 14 0.26 -50.51 -23.22
N GLY F 15 1.19 -50.54 -22.26
CA GLY F 15 2.17 -49.47 -22.17
C GLY F 15 3.33 -49.64 -21.21
N ASP F 16 4.40 -48.88 -21.46
CA ASP F 16 5.59 -48.91 -20.63
C ASP F 16 5.92 -47.47 -20.26
N LYS F 17 6.31 -47.23 -19.02
CA LYS F 17 6.58 -45.88 -18.57
C LYS F 17 7.60 -45.81 -17.47
N ALA F 18 8.27 -44.67 -17.36
CA ALA F 18 9.28 -44.46 -16.32
C ALA F 18 8.58 -44.16 -14.99
N VAL F 19 9.34 -44.07 -13.90
CA VAL F 19 8.74 -43.77 -12.61
C VAL F 19 9.65 -42.80 -11.85
N ASN F 20 9.05 -41.86 -11.13
CA ASN F 20 9.86 -40.89 -10.38
C ASN F 20 9.12 -40.45 -9.14
N ILE F 21 9.87 -40.02 -8.14
CA ILE F 21 9.29 -39.55 -6.89
C ILE F 21 9.25 -38.04 -7.06
N TYR F 22 8.33 -37.34 -6.39
CA TYR F 22 8.29 -35.88 -6.52
C TYR F 22 7.75 -35.21 -5.27
N THR F 23 8.04 -33.93 -5.11
CA THR F 23 7.60 -33.18 -3.93
C THR F 23 7.42 -31.71 -4.26
N SER F 24 6.19 -31.22 -4.18
CA SER F 24 5.96 -29.82 -4.51
C SER F 24 6.59 -28.85 -3.51
N SER F 25 7.91 -28.93 -3.39
CA SER F 25 8.64 -28.09 -2.47
C SER F 25 9.12 -26.77 -3.06
N GLN F 26 9.58 -26.78 -4.30
CA GLN F 26 10.09 -25.56 -4.96
C GLN F 26 8.96 -24.56 -5.11
N THR F 27 9.31 -23.29 -5.12
CA THR F 27 8.30 -22.25 -5.25
C THR F 27 8.82 -20.96 -5.88
N GLY F 28 7.94 -20.26 -6.57
CA GLY F 28 8.35 -19.04 -7.24
C GLY F 28 7.20 -18.06 -7.41
N SER F 29 7.54 -16.81 -7.72
CA SER F 29 6.54 -15.77 -7.86
C SER F 29 6.79 -14.90 -9.07
N ILE F 30 5.73 -14.68 -9.85
CA ILE F 30 5.81 -13.84 -11.04
C ILE F 30 5.07 -12.58 -10.64
N ILE F 31 5.58 -11.41 -11.01
CA ILE F 31 4.88 -10.18 -10.67
C ILE F 31 4.75 -9.26 -11.90
N ILE F 32 3.60 -9.39 -12.54
CA ILE F 32 3.21 -8.67 -13.75
C ILE F 32 2.97 -7.17 -13.59
N LYS F 33 3.21 -6.42 -14.66
CA LYS F 33 2.98 -4.98 -14.69
C LYS F 33 2.02 -4.69 -15.84
N LEU F 34 0.72 -4.64 -15.49
CA LEU F 34 -0.38 -4.43 -16.43
C LEU F 34 -0.35 -3.14 -17.31
N LEU F 35 0.14 -2.03 -16.75
CA LEU F 35 0.27 -0.80 -17.54
C LEU F 35 1.67 -0.80 -18.12
N PRO F 36 1.80 -0.76 -19.46
CA PRO F 36 3.13 -0.78 -20.07
C PRO F 36 3.97 0.44 -19.73
N ASN F 37 5.29 0.29 -19.78
CA ASN F 37 6.21 1.38 -19.49
C ASN F 37 6.12 2.30 -20.72
N MET F 38 5.47 3.45 -20.52
CA MET F 38 5.29 4.45 -21.56
C MET F 38 6.52 5.36 -21.71
N PRO F 39 6.61 6.09 -22.84
CA PRO F 39 7.70 7.01 -23.11
C PRO F 39 7.44 8.31 -22.34
N LYS F 40 8.50 9.08 -22.05
CA LYS F 40 8.42 10.33 -21.30
C LYS F 40 7.71 11.50 -21.97
N ASP F 41 6.67 12.01 -21.32
CA ASP F 41 5.94 13.17 -21.80
C ASP F 41 5.48 13.24 -23.26
N LYS F 42 4.96 12.15 -23.80
CA LYS F 42 4.44 12.16 -25.15
C LYS F 42 3.09 11.51 -24.95
N GLU F 43 2.59 11.77 -23.75
CA GLU F 43 1.35 11.25 -23.23
C GLU F 43 0.09 12.00 -23.62
N ALA F 44 0.16 13.33 -23.65
CA ALA F 44 -1.01 14.12 -24.01
C ALA F 44 -1.80 13.33 -25.05
N CYS F 45 -1.08 12.82 -26.06
CA CYS F 45 -1.70 12.04 -27.12
C CYS F 45 -2.12 10.65 -26.66
N ALA F 46 -1.20 9.92 -26.03
CA ALA F 46 -1.48 8.57 -25.55
C ALA F 46 -2.51 8.45 -24.42
N LYS F 47 -2.76 9.57 -23.73
CA LYS F 47 -3.69 9.59 -22.61
C LYS F 47 -5.07 9.04 -22.96
N ALA F 48 -5.50 9.28 -24.19
CA ALA F 48 -6.80 8.82 -24.63
C ALA F 48 -7.00 7.29 -24.60
N PRO F 49 -6.17 6.55 -25.34
CA PRO F 49 -6.29 5.09 -25.37
C PRO F 49 -5.90 4.48 -24.05
N LEU F 50 -4.88 5.06 -23.43
CA LEU F 50 -4.43 4.57 -22.16
C LEU F 50 -5.63 4.47 -21.21
N GLU F 51 -6.39 5.56 -21.14
CA GLU F 51 -7.58 5.62 -20.30
C GLU F 51 -8.50 4.40 -20.53
N ALA F 52 -8.87 4.16 -21.80
CA ALA F 52 -9.74 3.04 -22.16
C ALA F 52 -9.17 1.73 -21.66
N TYR F 53 -7.90 1.53 -21.97
CA TYR F 53 -7.16 0.35 -21.56
C TYR F 53 -7.22 0.22 -20.03
N ASN F 54 -6.54 1.14 -19.34
CA ASN F 54 -6.51 1.14 -17.88
C ASN F 54 -7.90 0.98 -17.27
N ARG F 55 -8.94 1.15 -18.08
CA ARG F 55 -10.29 1.01 -17.59
C ARG F 55 -10.70 -0.46 -17.65
N THR F 56 -10.69 -1.02 -18.86
CA THR F 56 -11.07 -2.42 -19.01
C THR F 56 -10.19 -3.27 -18.12
N LEU F 57 -8.99 -2.78 -17.82
CA LEU F 57 -8.10 -3.52 -16.94
C LEU F 57 -8.80 -3.73 -15.61
N THR F 58 -9.22 -2.64 -14.98
CA THR F 58 -9.86 -2.78 -13.70
C THR F 58 -11.19 -3.47 -13.87
N THR F 59 -11.83 -3.26 -15.01
CA THR F 59 -13.12 -3.89 -15.26
C THR F 59 -12.95 -5.40 -15.10
N LEU F 60 -11.84 -5.88 -15.62
CA LEU F 60 -11.49 -7.30 -15.59
C LEU F 60 -10.96 -7.82 -14.24
N LEU F 61 -9.84 -7.27 -13.81
CA LEU F 61 -9.21 -7.72 -12.57
C LEU F 61 -9.90 -7.44 -11.24
N THR F 62 -10.90 -6.56 -11.22
CA THR F 62 -11.54 -6.26 -9.95
C THR F 62 -12.13 -7.48 -9.25
N PRO F 63 -12.90 -8.32 -9.98
CA PRO F 63 -13.45 -9.48 -9.30
C PRO F 63 -12.31 -10.35 -8.75
N LEU F 64 -11.42 -10.80 -9.63
CA LEU F 64 -10.29 -11.61 -9.23
C LEU F 64 -9.66 -10.99 -7.97
N GLY F 65 -9.46 -9.68 -8.00
CA GLY F 65 -8.90 -9.02 -6.84
C GLY F 65 -9.76 -9.26 -5.62
N ASP F 66 -11.07 -9.13 -5.78
CA ASP F 66 -12.01 -9.32 -4.68
C ASP F 66 -11.86 -10.72 -4.08
N SER F 67 -12.04 -11.74 -4.92
CA SER F 67 -11.94 -13.14 -4.47
C SER F 67 -10.65 -13.40 -3.71
N ILE F 68 -9.54 -12.89 -4.22
CA ILE F 68 -8.27 -13.08 -3.54
C ILE F 68 -8.40 -12.66 -2.08
N ARG F 69 -8.97 -11.48 -1.82
CA ARG F 69 -9.13 -11.00 -0.45
C ARG F 69 -9.96 -11.96 0.37
N ARG F 70 -11.15 -12.23 -0.11
CA ARG F 70 -12.05 -13.14 0.59
C ARG F 70 -11.34 -14.40 1.04
N ILE F 71 -10.61 -15.03 0.13
CA ILE F 71 -9.89 -16.25 0.44
C ILE F 71 -8.82 -16.02 1.49
N GLN F 72 -8.00 -15.01 1.29
CA GLN F 72 -6.94 -14.70 2.22
C GLN F 72 -7.43 -14.32 3.61
N GLU F 73 -8.67 -13.87 3.72
CA GLU F 73 -9.23 -13.49 5.02
C GLU F 73 -9.40 -14.68 5.95
N SER F 74 -9.65 -15.85 5.37
CA SER F 74 -9.83 -17.09 6.14
C SER F 74 -8.52 -17.61 6.72
N GLY F 140 -6.68 48.74 -53.73
CA GLY F 140 -5.68 49.45 -52.95
C GLY F 140 -4.42 48.63 -52.79
N LEU F 141 -3.47 48.82 -53.70
CA LEU F 141 -2.21 48.09 -53.67
C LEU F 141 -1.63 48.06 -52.25
N SER F 142 -1.49 49.22 -51.62
CA SER F 142 -0.97 49.28 -50.27
C SER F 142 -1.91 48.58 -49.31
N GLN F 143 -3.20 48.86 -49.44
CA GLN F 143 -4.23 48.27 -48.59
C GLN F 143 -4.34 46.74 -48.74
N LEU F 144 -4.60 46.29 -49.97
CA LEU F 144 -4.73 44.85 -50.27
C LEU F 144 -3.43 44.07 -49.97
N ALA F 145 -2.29 44.74 -50.07
CA ALA F 145 -1.01 44.11 -49.79
C ALA F 145 -1.09 43.54 -48.39
N VAL F 146 -1.88 44.19 -47.55
CA VAL F 146 -2.09 43.76 -46.18
C VAL F 146 -2.75 42.39 -46.15
N ALA F 147 -3.62 42.13 -47.13
CA ALA F 147 -4.31 40.85 -47.24
C ALA F 147 -3.26 39.75 -47.33
N VAL F 148 -2.44 39.81 -48.36
CA VAL F 148 -1.39 38.83 -48.54
C VAL F 148 -0.62 38.68 -47.22
N GLY F 149 -0.47 39.80 -46.49
CA GLY F 149 0.24 39.78 -45.22
C GLY F 149 -0.39 38.84 -44.21
N LYS F 150 -1.67 39.06 -43.89
CA LYS F 150 -2.38 38.21 -42.94
C LYS F 150 -2.66 36.82 -43.54
N MET F 151 -3.31 36.79 -44.70
CA MET F 151 -3.62 35.54 -45.38
C MET F 151 -2.41 34.62 -45.29
N GLN F 152 -1.29 35.06 -45.85
CA GLN F 152 -0.08 34.26 -45.84
C GLN F 152 0.25 33.79 -44.43
N GLN F 153 0.52 34.71 -43.52
CA GLN F 153 0.86 34.35 -42.15
C GLN F 153 -0.16 33.37 -41.57
N PHE F 154 -1.42 33.59 -41.93
CA PHE F 154 -2.51 32.75 -41.46
C PHE F 154 -2.36 31.29 -41.89
N VAL F 155 -2.40 31.04 -43.19
CA VAL F 155 -2.30 29.67 -43.64
C VAL F 155 -1.10 28.99 -42.98
N ASN F 156 -0.04 29.75 -42.73
CA ASN F 156 1.13 29.19 -42.06
C ASN F 156 0.70 28.63 -40.71
N ASP F 157 0.28 29.51 -39.81
CA ASP F 157 -0.15 29.09 -38.50
C ASP F 157 -1.17 27.94 -38.58
N GLN F 158 -2.17 28.08 -39.43
CA GLN F 158 -3.18 27.05 -39.57
C GLN F 158 -2.58 25.71 -39.99
N PHE F 159 -1.89 25.68 -41.11
CA PHE F 159 -1.29 24.43 -41.56
C PHE F 159 -0.45 23.81 -40.45
N ASN F 160 0.33 24.62 -39.75
CA ASN F 160 1.16 24.12 -38.65
C ASN F 160 0.34 23.41 -37.56
N LYS F 161 -0.84 23.93 -37.27
CA LYS F 161 -1.70 23.28 -36.29
C LYS F 161 -1.95 21.91 -36.93
N THR F 162 -2.55 21.92 -38.11
CA THR F 162 -2.84 20.70 -38.87
C THR F 162 -1.59 19.86 -38.93
N ALA F 163 -0.44 20.51 -38.96
CA ALA F 163 0.81 19.80 -39.01
C ALA F 163 0.85 18.89 -37.80
N GLN F 164 1.06 19.46 -36.62
CA GLN F 164 1.13 18.66 -35.40
C GLN F 164 -0.18 18.00 -35.00
N GLU F 165 -1.28 18.45 -35.57
CA GLU F 165 -2.57 17.83 -35.28
C GLU F 165 -2.62 16.49 -35.98
N LEU F 166 -1.72 16.33 -36.95
CA LEU F 166 -1.61 15.10 -37.71
C LEU F 166 -0.63 14.17 -37.00
N ASP F 167 0.10 14.69 -36.00
CA ASP F 167 1.06 13.89 -35.27
C ASP F 167 0.42 13.13 -34.12
N CYS F 168 -0.28 13.84 -33.23
CA CYS F 168 -0.95 13.21 -32.11
C CYS F 168 -1.72 12.03 -32.65
N ILE F 169 -2.50 12.26 -33.71
CA ILE F 169 -3.29 11.21 -34.35
C ILE F 169 -2.40 10.07 -34.77
N LYS F 170 -1.21 10.41 -35.27
CA LYS F 170 -0.25 9.40 -35.70
C LYS F 170 0.32 8.61 -34.52
N ILE F 171 0.63 9.30 -33.44
CA ILE F 171 1.18 8.67 -32.25
C ILE F 171 0.16 7.85 -31.46
N THR F 172 -1.03 8.39 -31.21
CA THR F 172 -2.03 7.64 -30.48
C THR F 172 -2.52 6.46 -31.36
N GLN F 173 -2.39 6.59 -32.67
CA GLN F 173 -2.78 5.52 -33.58
C GLN F 173 -1.95 4.30 -33.24
N GLN F 174 -0.69 4.53 -32.89
CA GLN F 174 0.28 3.51 -32.51
C GLN F 174 0.07 3.05 -31.06
N VAL F 175 0.24 3.96 -30.10
CA VAL F 175 0.08 3.63 -28.68
C VAL F 175 -1.17 2.79 -28.44
N GLY F 176 -2.17 2.98 -29.30
CA GLY F 176 -3.40 2.22 -29.16
C GLY F 176 -3.18 0.76 -29.51
N VAL F 177 -2.79 0.50 -30.75
CA VAL F 177 -2.56 -0.86 -31.18
C VAL F 177 -1.63 -1.58 -30.21
N GLU F 178 -0.51 -0.95 -29.86
CA GLU F 178 0.45 -1.54 -28.93
C GLU F 178 -0.31 -1.87 -27.64
N LEU F 179 -1.00 -0.88 -27.07
CA LEU F 179 -1.76 -1.08 -25.85
C LEU F 179 -2.77 -2.22 -25.95
N ASN F 180 -3.37 -2.35 -27.14
CA ASN F 180 -4.36 -3.39 -27.37
C ASN F 180 -3.77 -4.78 -27.44
N LEU F 181 -2.60 -4.91 -28.09
CA LEU F 181 -1.91 -6.19 -28.20
C LEU F 181 -1.52 -6.70 -26.80
N TYR F 182 -0.83 -5.86 -26.03
CA TYR F 182 -0.40 -6.25 -24.69
C TYR F 182 -1.53 -6.80 -23.80
N LEU F 183 -2.78 -6.42 -24.04
CA LEU F 183 -3.84 -6.98 -23.22
C LEU F 183 -4.16 -8.39 -23.69
N THR F 184 -4.20 -8.63 -25.00
CA THR F 184 -4.50 -9.98 -25.49
C THR F 184 -3.30 -10.89 -25.24
N GLU F 185 -2.09 -10.32 -25.25
CA GLU F 185 -0.88 -11.11 -24.96
C GLU F 185 -1.03 -11.58 -23.50
N LEU F 186 -1.11 -10.60 -22.61
CA LEU F 186 -1.28 -10.76 -21.19
C LEU F 186 -2.33 -11.80 -20.85
N THR F 187 -3.55 -11.63 -21.35
CA THR F 187 -4.58 -12.60 -21.06
C THR F 187 -4.23 -13.95 -21.70
N THR F 188 -3.54 -13.94 -22.84
CA THR F 188 -3.15 -15.20 -23.45
C THR F 188 -2.19 -15.93 -22.53
N VAL F 189 -1.20 -15.21 -22.01
CA VAL F 189 -0.19 -15.77 -21.12
C VAL F 189 -0.66 -16.13 -19.73
N PHE F 190 -1.18 -15.15 -19.00
CA PHE F 190 -1.64 -15.44 -17.66
C PHE F 190 -3.16 -15.63 -17.58
N GLY F 191 -3.72 -16.27 -18.61
CA GLY F 191 -5.15 -16.48 -18.65
C GLY F 191 -5.71 -17.19 -17.42
N PRO F 192 -5.28 -18.41 -17.16
CA PRO F 192 -5.79 -19.11 -16.00
C PRO F 192 -5.70 -18.27 -14.75
N GLN F 193 -4.51 -17.74 -14.47
CA GLN F 193 -4.32 -16.96 -13.26
C GLN F 193 -5.29 -15.77 -13.12
N ILE F 194 -5.48 -15.03 -14.22
CA ILE F 194 -6.37 -13.88 -14.22
C ILE F 194 -7.78 -14.36 -13.96
N THR F 195 -8.12 -15.46 -14.61
CA THR F 195 -9.43 -16.05 -14.54
C THR F 195 -9.92 -16.82 -13.29
N SER F 196 -9.08 -17.11 -12.31
CA SER F 196 -9.53 -17.86 -11.12
C SER F 196 -8.54 -17.75 -9.97
N PRO F 197 -9.05 -17.68 -8.74
CA PRO F 197 -8.20 -17.55 -7.54
C PRO F 197 -7.51 -18.85 -7.09
N ALA F 198 -7.94 -19.97 -7.65
CA ALA F 198 -7.37 -21.26 -7.28
C ALA F 198 -6.14 -21.64 -8.12
N LEU F 199 -5.56 -22.81 -7.81
CA LEU F 199 -4.39 -23.32 -8.52
C LEU F 199 -4.74 -23.68 -9.96
N THR F 200 -3.94 -23.21 -10.91
CA THR F 200 -4.18 -23.48 -12.32
C THR F 200 -2.92 -23.80 -13.07
N GLN F 201 -3.08 -24.58 -14.15
CA GLN F 201 -1.93 -24.98 -14.96
C GLN F 201 -1.20 -23.71 -15.41
N LEU F 202 0.12 -23.76 -15.48
CA LEU F 202 0.86 -22.59 -15.94
C LEU F 202 0.99 -22.67 -17.45
N THR F 203 0.86 -21.55 -18.14
CA THR F 203 1.02 -21.58 -19.58
C THR F 203 2.49 -21.79 -19.84
N ILE F 204 2.84 -22.31 -21.01
CA ILE F 204 4.25 -22.53 -21.30
C ILE F 204 5.00 -21.20 -21.24
N GLN F 205 4.40 -20.15 -21.79
CA GLN F 205 4.99 -18.82 -21.79
C GLN F 205 5.32 -18.32 -20.39
N ALA F 206 4.51 -18.68 -19.41
CA ALA F 206 4.76 -18.26 -18.03
C ALA F 206 6.04 -18.89 -17.46
N LEU F 207 6.13 -20.22 -17.57
CA LEU F 207 7.28 -20.98 -17.09
C LEU F 207 8.51 -20.33 -17.65
N TYR F 208 8.57 -20.30 -18.97
CA TYR F 208 9.69 -19.71 -19.70
C TYR F 208 10.13 -18.38 -19.09
N ASN F 209 9.18 -17.44 -19.01
CA ASN F 209 9.43 -16.12 -18.42
C ASN F 209 10.01 -16.29 -17.01
N LEU F 210 9.40 -17.17 -16.22
CA LEU F 210 9.83 -17.44 -14.84
C LEU F 210 11.28 -17.89 -14.80
N ALA F 211 11.66 -18.77 -15.71
CA ALA F 211 13.02 -19.24 -15.77
C ALA F 211 13.90 -18.28 -16.58
N GLY F 212 13.54 -17.02 -16.62
CA GLY F 212 14.33 -16.05 -17.35
C GLY F 212 14.85 -16.50 -18.71
N GLY F 213 14.01 -17.16 -19.49
CA GLY F 213 14.43 -17.61 -20.81
C GLY F 213 15.41 -18.78 -20.78
N ASN F 214 15.96 -19.01 -19.60
CA ASN F 214 16.91 -20.08 -19.40
C ASN F 214 16.25 -21.38 -19.02
N MET F 215 15.57 -22.02 -19.98
CA MET F 215 14.89 -23.27 -19.71
C MET F 215 15.79 -24.36 -19.19
N ASP F 216 16.98 -24.48 -19.76
CA ASP F 216 17.90 -25.52 -19.32
C ASP F 216 18.17 -25.44 -17.81
N TYR F 217 18.55 -24.28 -17.33
CA TYR F 217 18.84 -24.14 -15.92
C TYR F 217 17.67 -24.55 -15.03
N LEU F 218 16.45 -24.16 -15.40
CA LEU F 218 15.28 -24.52 -14.62
C LEU F 218 15.14 -26.02 -14.50
N LEU F 219 14.92 -26.69 -15.63
CA LEU F 219 14.77 -28.14 -15.61
C LEU F 219 15.82 -28.79 -14.69
N THR F 220 17.06 -28.32 -14.80
CA THR F 220 18.14 -28.84 -13.97
C THR F 220 17.77 -28.73 -12.50
N LYS F 221 17.22 -27.59 -12.10
CA LYS F 221 16.81 -27.40 -10.71
C LYS F 221 15.61 -28.26 -10.37
N LEU F 222 14.67 -28.39 -11.31
CA LEU F 222 13.50 -29.20 -11.08
C LEU F 222 13.84 -30.68 -10.98
N GLY F 223 14.80 -31.13 -11.77
CA GLY F 223 15.17 -32.53 -11.71
C GLY F 223 15.10 -33.28 -13.02
N VAL F 224 14.03 -33.08 -13.79
CA VAL F 224 13.91 -33.74 -15.07
C VAL F 224 14.83 -33.19 -16.17
N GLY F 225 14.92 -33.93 -17.27
CA GLY F 225 15.73 -33.50 -18.39
C GLY F 225 14.78 -33.10 -19.52
N ASN F 226 15.31 -32.66 -20.67
CA ASN F 226 14.41 -32.28 -21.73
C ASN F 226 13.41 -33.35 -22.05
N ASN F 227 13.86 -34.58 -22.19
CA ASN F 227 12.93 -35.67 -22.49
C ASN F 227 11.80 -35.85 -21.46
N GLN F 228 11.67 -34.90 -20.53
CA GLN F 228 10.63 -34.98 -19.51
C GLN F 228 9.85 -33.66 -19.42
N LEU F 229 10.11 -32.75 -20.34
CA LEU F 229 9.43 -31.46 -20.33
C LEU F 229 7.97 -31.58 -20.72
N SER F 230 7.73 -32.29 -21.82
CA SER F 230 6.38 -32.50 -22.30
C SER F 230 5.61 -33.17 -21.17
N SER F 231 6.18 -34.27 -20.71
CA SER F 231 5.61 -35.07 -19.63
C SER F 231 5.29 -34.21 -18.39
N LEU F 232 6.28 -33.45 -17.94
CA LEU F 232 6.11 -32.59 -16.78
C LEU F 232 4.92 -31.62 -16.92
N ILE F 233 4.84 -30.93 -18.07
CA ILE F 233 3.74 -29.98 -18.33
C ILE F 233 2.39 -30.68 -18.23
N SER F 234 2.29 -31.78 -18.96
CA SER F 234 1.08 -32.59 -18.96
C SER F 234 0.73 -33.04 -17.53
N SER F 235 1.74 -33.41 -16.75
CA SER F 235 1.52 -33.84 -15.37
C SER F 235 0.58 -32.88 -14.66
N GLY F 236 0.84 -31.60 -14.81
CA GLY F 236 0.00 -30.61 -14.16
C GLY F 236 0.50 -30.33 -12.77
N LEU F 237 1.76 -30.67 -12.55
CA LEU F 237 2.37 -30.44 -11.26
C LEU F 237 2.87 -29.02 -11.14
N ILE F 238 3.12 -28.35 -12.27
CA ILE F 238 3.58 -26.97 -12.22
C ILE F 238 2.33 -26.12 -12.22
N THR F 239 2.07 -25.39 -11.14
CA THR F 239 0.86 -24.58 -11.09
C THR F 239 1.09 -23.25 -10.40
N GLY F 240 0.18 -22.31 -10.65
CA GLY F 240 0.29 -21.00 -10.02
C GLY F 240 -1.07 -20.46 -9.62
N ASN F 241 -1.09 -19.32 -8.92
CA ASN F 241 -2.36 -18.73 -8.51
C ASN F 241 -2.15 -17.28 -8.08
N PRO F 242 -3.10 -16.38 -8.42
CA PRO F 242 -2.97 -14.97 -8.06
C PRO F 242 -2.99 -14.84 -6.55
N ILE F 243 -2.25 -13.88 -6.03
CA ILE F 243 -2.19 -13.68 -4.59
C ILE F 243 -2.13 -12.20 -4.29
N LEU F 244 -2.35 -11.38 -5.30
CA LEU F 244 -2.25 -9.96 -5.07
C LEU F 244 -2.60 -9.17 -6.30
N TYR F 245 -3.44 -8.16 -6.10
CA TYR F 245 -3.85 -7.29 -7.20
C TYR F 245 -3.95 -5.86 -6.73
N ASP F 246 -2.87 -5.12 -6.93
CA ASP F 246 -2.76 -3.72 -6.57
C ASP F 246 -3.49 -2.92 -7.65
N SER F 247 -4.77 -2.63 -7.42
CA SER F 247 -5.58 -1.90 -8.39
C SER F 247 -5.03 -0.54 -8.76
N GLN F 248 -4.55 0.18 -7.76
CA GLN F 248 -3.99 1.51 -7.98
C GLN F 248 -2.78 1.55 -8.91
N THR F 249 -1.82 0.68 -8.64
CA THR F 249 -0.62 0.59 -9.45
C THR F 249 -0.81 -0.32 -10.68
N GLN F 250 -1.88 -1.11 -10.65
CA GLN F 250 -2.20 -2.05 -11.72
C GLN F 250 -1.11 -3.12 -11.81
N LEU F 251 -0.91 -3.81 -10.70
CA LEU F 251 0.13 -4.83 -10.54
C LEU F 251 -0.47 -6.18 -10.09
N LEU F 252 -0.19 -7.24 -10.83
CA LEU F 252 -0.69 -8.58 -10.49
C LEU F 252 0.41 -9.47 -9.87
N GLY F 253 0.03 -10.25 -8.87
CA GLY F 253 0.98 -11.12 -8.19
C GLY F 253 0.69 -12.61 -8.22
N ILE F 254 1.36 -13.30 -9.14
CA ILE F 254 1.21 -14.74 -9.32
C ILE F 254 2.27 -15.49 -8.51
N GLN F 255 1.87 -16.62 -7.92
CA GLN F 255 2.77 -17.46 -7.14
C GLN F 255 2.81 -18.85 -7.73
N VAL F 256 3.91 -19.16 -8.41
CA VAL F 256 4.08 -20.44 -9.04
C VAL F 256 4.59 -21.47 -8.07
N THR F 257 4.29 -22.74 -8.34
CA THR F 257 4.71 -23.88 -7.53
C THR F 257 5.31 -24.98 -8.44
N LEU F 258 6.62 -25.21 -8.34
CA LEU F 258 7.25 -26.22 -9.16
C LEU F 258 7.64 -27.43 -8.33
N PRO F 259 7.69 -28.63 -8.95
CA PRO F 259 8.05 -29.87 -8.26
C PRO F 259 9.55 -30.07 -8.25
N SER F 260 9.94 -31.17 -7.64
CA SER F 260 11.33 -31.51 -7.57
C SER F 260 11.29 -32.99 -7.83
N VAL F 261 10.93 -33.37 -9.05
CA VAL F 261 10.86 -34.77 -9.40
C VAL F 261 12.25 -35.40 -9.27
N GLY F 262 12.31 -36.55 -8.63
CA GLY F 262 13.58 -37.24 -8.45
C GLY F 262 13.41 -38.57 -9.16
N ASN F 263 13.76 -38.57 -10.44
CA ASN F 263 13.60 -39.75 -11.24
C ASN F 263 14.24 -40.97 -10.63
N LEU F 264 13.43 -41.99 -10.30
CA LEU F 264 13.96 -43.24 -9.78
C LEU F 264 14.82 -43.78 -10.94
N ASN F 265 15.52 -44.90 -10.78
CA ASN F 265 16.34 -45.34 -11.90
C ASN F 265 16.17 -46.77 -12.37
N ASN F 266 16.09 -46.92 -13.69
CA ASN F 266 15.95 -48.21 -14.33
C ASN F 266 14.72 -48.97 -13.87
N MET F 267 13.86 -48.29 -13.12
CA MET F 267 12.62 -48.90 -12.66
C MET F 267 11.60 -48.52 -13.70
N ARG F 268 10.72 -49.45 -14.06
CA ARG F 268 9.72 -49.14 -15.07
C ARG F 268 8.40 -49.82 -14.78
N ALA F 269 7.32 -49.05 -14.90
CA ALA F 269 5.98 -49.57 -14.69
C ALA F 269 5.45 -50.06 -16.04
N THR F 270 5.03 -51.31 -16.10
CA THR F 270 4.52 -51.89 -17.34
C THR F 270 3.04 -52.19 -17.24
N TYR F 271 2.24 -51.56 -18.09
CA TYR F 271 0.80 -51.80 -18.03
C TYR F 271 0.39 -53.03 -18.80
N LEU F 272 -0.41 -53.86 -18.16
CA LEU F 272 -0.87 -55.12 -18.76
C LEU F 272 -2.38 -55.32 -18.90
N GLU F 273 -2.76 -55.88 -20.04
CA GLU F 273 -4.16 -56.16 -20.35
C GLU F 273 -4.19 -57.54 -20.97
N THR F 274 -5.36 -58.18 -20.96
CA THR F 274 -5.46 -59.51 -21.50
C THR F 274 -6.74 -59.76 -22.25
N LEU F 275 -6.62 -60.48 -23.36
CA LEU F 275 -7.79 -60.83 -24.17
C LEU F 275 -8.23 -62.22 -23.80
N SER F 276 -9.47 -62.55 -24.12
CA SER F 276 -10.01 -63.88 -23.84
C SER F 276 -9.46 -64.82 -24.89
N VAL F 277 -8.26 -65.35 -24.67
CA VAL F 277 -7.69 -66.29 -25.62
C VAL F 277 -8.38 -67.62 -25.42
N SER F 278 -8.33 -68.48 -26.43
CA SER F 278 -8.96 -69.78 -26.26
C SER F 278 -7.90 -70.66 -25.64
N THR F 279 -6.91 -71.07 -26.43
CA THR F 279 -5.88 -71.90 -25.85
C THR F 279 -6.59 -72.96 -25.03
N THR F 280 -6.56 -72.75 -23.71
CA THR F 280 -7.17 -73.59 -22.69
C THR F 280 -8.54 -74.12 -23.13
N LYS F 281 -9.34 -73.20 -23.63
CA LYS F 281 -10.69 -73.43 -24.15
C LYS F 281 -11.21 -72.00 -24.36
N GLY F 282 -12.14 -71.82 -25.29
CA GLY F 282 -12.67 -70.49 -25.53
C GLY F 282 -13.31 -70.01 -24.24
N PHE F 283 -12.52 -70.01 -23.18
CA PHE F 283 -12.95 -69.60 -21.85
C PHE F 283 -11.71 -69.06 -21.16
N ALA F 284 -10.58 -69.12 -21.85
CA ALA F 284 -9.32 -68.66 -21.28
C ALA F 284 -9.22 -67.15 -21.13
N SER F 285 -8.47 -66.74 -20.11
CA SER F 285 -8.27 -65.33 -19.80
C SER F 285 -7.23 -65.25 -18.69
N ALA F 286 -5.95 -65.26 -19.07
CA ALA F 286 -4.84 -65.21 -18.13
C ALA F 286 -5.05 -64.30 -16.91
N LEU F 287 -4.39 -64.64 -15.81
CA LEU F 287 -4.50 -63.88 -14.57
C LEU F 287 -3.26 -63.08 -14.21
N VAL F 288 -3.20 -61.81 -14.62
CA VAL F 288 -2.05 -60.99 -14.31
C VAL F 288 -2.48 -59.63 -13.81
N PRO F 289 -1.60 -58.95 -13.07
CA PRO F 289 -1.96 -57.63 -12.57
C PRO F 289 -2.15 -56.66 -13.73
N LYS F 290 -2.61 -55.46 -13.41
CA LYS F 290 -2.80 -54.45 -14.43
C LYS F 290 -1.52 -53.66 -14.61
N VAL F 291 -0.78 -53.47 -13.53
CA VAL F 291 0.48 -52.73 -13.62
C VAL F 291 1.51 -53.34 -12.70
N VAL F 292 2.70 -53.60 -13.25
CA VAL F 292 3.80 -54.19 -12.49
C VAL F 292 5.03 -53.35 -12.73
N THR F 293 5.85 -53.19 -11.70
CA THR F 293 7.09 -52.44 -11.83
C THR F 293 8.17 -53.50 -11.74
N GLN F 294 9.40 -53.16 -12.08
CA GLN F 294 10.48 -54.14 -12.02
C GLN F 294 11.88 -53.53 -12.12
N VAL F 295 12.72 -53.87 -11.14
CA VAL F 295 14.10 -53.38 -11.10
C VAL F 295 15.03 -54.60 -11.10
N GLY F 296 15.43 -55.02 -12.29
CA GLY F 296 16.28 -56.20 -12.39
C GLY F 296 15.39 -57.42 -12.45
N SER F 297 15.69 -58.43 -11.62
CA SER F 297 14.90 -59.66 -11.59
C SER F 297 13.60 -59.55 -10.78
N VAL F 298 13.51 -58.53 -9.93
CA VAL F 298 12.32 -58.33 -9.12
C VAL F 298 11.16 -57.82 -9.99
N ILE F 299 9.96 -58.33 -9.76
CA ILE F 299 8.79 -57.92 -10.54
C ILE F 299 7.53 -57.99 -9.69
N GLU F 300 7.24 -56.95 -8.94
CA GLU F 300 6.05 -56.93 -8.10
C GLU F 300 4.95 -56.06 -8.72
N GLU F 301 3.76 -56.16 -8.17
CA GLU F 301 2.63 -55.37 -8.66
C GLU F 301 2.74 -53.94 -8.14
N LEU F 302 2.35 -52.97 -8.96
CA LEU F 302 2.45 -51.58 -8.55
C LEU F 302 1.08 -51.01 -8.18
N ASP F 303 1.02 -50.25 -7.09
CA ASP F 303 -0.20 -49.60 -6.65
C ASP F 303 -0.09 -48.18 -7.21
N THR F 304 -0.48 -48.01 -8.47
CA THR F 304 -0.44 -46.71 -9.17
C THR F 304 -1.26 -45.64 -8.47
N SER F 305 -2.01 -46.06 -7.46
CA SER F 305 -2.84 -45.16 -6.68
C SER F 305 -2.17 -43.85 -6.32
N TYR F 306 -0.89 -43.91 -5.95
CA TYR F 306 -0.18 -42.69 -5.55
C TYR F 306 0.58 -41.97 -6.69
N CYS F 307 0.10 -42.06 -7.92
CA CYS F 307 0.83 -41.41 -9.00
C CYS F 307 0.03 -40.64 -10.04
N ILE F 308 0.60 -39.51 -10.48
CA ILE F 308 0.01 -38.74 -11.55
C ILE F 308 0.50 -39.55 -12.72
N GLU F 309 -0.37 -39.81 -13.68
CA GLU F 309 0.00 -40.65 -14.80
C GLU F 309 0.02 -39.94 -16.14
N THR F 310 1.21 -39.53 -16.55
CA THR F 310 1.42 -38.90 -17.84
C THR F 310 1.57 -40.02 -18.87
N ASP F 311 1.75 -39.67 -20.13
CA ASP F 311 1.89 -40.70 -21.14
C ASP F 311 3.26 -41.38 -21.02
N LEU F 312 4.31 -40.57 -20.95
CA LEU F 312 5.68 -41.08 -20.84
C LEU F 312 6.18 -41.35 -19.44
N ASP F 313 5.83 -40.50 -18.49
CA ASP F 313 6.28 -40.69 -17.12
C ASP F 313 5.16 -40.90 -16.12
N LEU F 314 5.53 -41.33 -14.91
CA LEU F 314 4.60 -41.62 -13.85
C LEU F 314 5.12 -40.87 -12.64
N TYR F 315 4.51 -39.73 -12.31
CA TYR F 315 4.96 -38.95 -11.16
C TYR F 315 4.27 -39.37 -9.88
N CYS F 316 4.89 -40.29 -9.15
CA CYS F 316 4.35 -40.81 -7.89
C CYS F 316 4.83 -40.04 -6.68
N THR F 317 4.12 -40.23 -5.58
CA THR F 317 4.46 -39.60 -4.29
C THR F 317 5.10 -40.64 -3.39
N ARG F 318 4.95 -41.89 -3.78
CA ARG F 318 5.44 -43.02 -3.02
C ARG F 318 5.43 -44.22 -3.97
N ILE F 319 5.97 -45.35 -3.54
CA ILE F 319 6.01 -46.53 -4.40
C ILE F 319 5.52 -47.74 -3.66
N VAL F 320 4.22 -47.85 -3.41
CA VAL F 320 3.71 -49.01 -2.70
C VAL F 320 3.60 -50.14 -3.72
N THR F 321 3.82 -51.38 -3.27
CA THR F 321 3.74 -52.52 -4.17
C THR F 321 3.39 -53.78 -3.38
N PHE F 322 3.13 -54.84 -4.12
CA PHE F 322 2.78 -56.13 -3.55
C PHE F 322 3.43 -57.25 -4.31
N PRO F 323 3.79 -58.34 -3.62
CA PRO F 323 4.42 -59.49 -4.27
C PRO F 323 3.37 -60.26 -5.05
N MET F 324 3.78 -61.21 -5.87
CA MET F 324 2.81 -61.99 -6.62
C MET F 324 3.14 -63.48 -6.67
N SER F 325 2.12 -64.30 -6.93
CA SER F 325 2.31 -65.74 -7.00
C SER F 325 3.56 -66.04 -7.82
N PRO F 326 4.28 -67.10 -7.46
CA PRO F 326 5.51 -67.49 -8.18
C PRO F 326 5.12 -67.92 -9.59
N GLY F 327 3.85 -68.29 -9.75
CA GLY F 327 3.35 -68.69 -11.05
C GLY F 327 3.33 -67.46 -11.94
N ILE F 328 2.77 -66.40 -11.39
CA ILE F 328 2.69 -65.13 -12.10
C ILE F 328 4.09 -64.74 -12.57
N TYR F 329 4.99 -64.52 -11.61
CA TYR F 329 6.35 -64.13 -11.95
C TYR F 329 6.85 -64.99 -13.11
N SER F 330 6.80 -66.30 -12.91
CA SER F 330 7.25 -67.21 -13.93
C SER F 330 6.65 -66.81 -15.27
N CYS F 331 5.34 -66.61 -15.31
CA CYS F 331 4.71 -66.26 -16.57
C CYS F 331 5.22 -64.96 -17.18
N LEU F 332 4.83 -63.86 -16.56
CA LEU F 332 5.23 -62.55 -17.04
C LEU F 332 6.68 -62.52 -17.53
N SER F 333 7.57 -63.18 -16.81
CA SER F 333 8.98 -63.23 -17.18
C SER F 333 9.32 -64.36 -18.15
N GLY F 334 9.08 -64.13 -19.42
CA GLY F 334 9.39 -65.14 -20.43
C GLY F 334 8.51 -66.38 -20.54
N ASN F 335 8.40 -67.18 -19.48
CA ASN F 335 7.58 -68.40 -19.52
C ASN F 335 6.14 -68.09 -19.88
N THR F 336 5.45 -69.05 -20.49
CA THR F 336 4.06 -68.87 -20.87
C THR F 336 3.17 -69.86 -20.12
N SER F 337 3.69 -71.07 -19.97
CA SER F 337 2.99 -72.14 -19.29
C SER F 337 2.51 -71.79 -17.90
N ALA F 338 3.42 -71.31 -17.06
CA ALA F 338 3.11 -70.95 -15.69
C ALA F 338 1.82 -70.17 -15.56
N CYS F 339 1.45 -69.46 -16.61
CA CYS F 339 0.26 -68.64 -16.62
C CYS F 339 -1.05 -69.37 -16.30
N MET F 340 -1.79 -68.85 -15.32
CA MET F 340 -3.05 -69.45 -14.88
C MET F 340 -4.26 -68.73 -15.43
N TYR F 341 -4.91 -69.32 -16.42
CA TYR F 341 -6.10 -68.74 -17.03
C TYR F 341 -7.33 -68.95 -16.14
N SER F 342 -8.50 -68.53 -16.63
CA SER F 342 -9.76 -68.68 -15.88
C SER F 342 -10.89 -68.12 -16.74
N LYS F 343 -12.06 -67.98 -16.15
CA LYS F 343 -13.18 -67.44 -16.92
C LYS F 343 -14.21 -66.67 -16.09
N THR F 344 -13.78 -65.54 -15.56
CA THR F 344 -14.66 -64.67 -14.76
C THR F 344 -15.47 -63.84 -15.76
N GLU F 345 -14.94 -63.72 -16.97
CA GLU F 345 -15.53 -62.97 -18.06
C GLU F 345 -17.01 -63.28 -18.32
N GLY F 346 -17.76 -62.26 -18.73
CA GLY F 346 -19.18 -62.42 -19.00
C GLY F 346 -19.49 -62.69 -20.46
N ALA F 347 -20.77 -62.89 -20.76
CA ALA F 347 -21.19 -63.16 -22.12
C ALA F 347 -20.93 -61.98 -23.05
N LEU F 348 -21.30 -60.81 -22.57
CA LEU F 348 -21.15 -59.59 -23.36
C LEU F 348 -19.76 -59.01 -23.49
N THR F 349 -18.75 -59.60 -22.82
CA THR F 349 -17.43 -59.01 -22.95
C THR F 349 -16.87 -59.16 -24.36
N THR F 350 -16.38 -58.03 -24.89
CA THR F 350 -15.83 -57.98 -26.23
C THR F 350 -14.49 -58.69 -26.37
N PRO F 351 -14.40 -59.61 -27.34
CA PRO F 351 -13.23 -60.42 -27.67
C PRO F 351 -12.21 -59.57 -28.43
N TYR F 352 -12.07 -58.32 -28.03
CA TYR F 352 -11.11 -57.46 -28.70
C TYR F 352 -11.01 -56.15 -27.97
N MET F 353 -9.85 -55.52 -28.11
CA MET F 353 -9.62 -54.26 -27.46
C MET F 353 -8.98 -53.28 -28.41
N THR F 354 -9.07 -52.02 -28.04
CA THR F 354 -8.53 -50.93 -28.81
C THR F 354 -7.18 -50.56 -28.22
N LEU F 355 -6.31 -49.97 -29.03
CA LEU F 355 -5.00 -49.60 -28.52
C LEU F 355 -4.20 -48.73 -29.49
N LYS F 356 -3.97 -47.48 -29.09
CA LYS F 356 -3.20 -46.54 -29.89
C LYS F 356 -3.59 -46.50 -31.37
N GLY F 357 -4.88 -46.39 -31.63
CA GLY F 357 -5.34 -46.36 -33.00
C GLY F 357 -5.16 -47.71 -33.67
N SER F 358 -5.39 -48.77 -32.89
CA SER F 358 -5.25 -50.13 -33.37
C SER F 358 -6.10 -51.01 -32.51
N VAL F 359 -6.41 -52.20 -32.99
CA VAL F 359 -7.24 -53.10 -32.20
C VAL F 359 -6.69 -54.52 -32.15
N ILE F 360 -6.28 -54.94 -30.95
CA ILE F 360 -5.79 -56.30 -30.73
C ILE F 360 -7.09 -57.12 -30.60
N ALA F 361 -7.21 -58.18 -31.41
CA ALA F 361 -8.43 -58.99 -31.37
C ALA F 361 -8.19 -60.46 -31.66
N ASN F 362 -9.02 -61.28 -31.05
CA ASN F 362 -8.98 -62.72 -31.21
C ASN F 362 -9.83 -63.07 -32.43
N CYS F 363 -9.26 -62.87 -33.62
CA CYS F 363 -9.98 -63.11 -34.85
C CYS F 363 -10.54 -64.50 -35.11
N LYS F 364 -10.65 -65.29 -34.05
CA LYS F 364 -11.19 -66.63 -34.17
C LYS F 364 -12.48 -66.64 -33.36
N MET F 365 -12.45 -65.95 -32.22
CA MET F 365 -13.60 -65.83 -31.36
C MET F 365 -14.67 -65.04 -32.10
N THR F 366 -14.25 -63.97 -32.77
CA THR F 366 -15.17 -63.13 -33.54
C THR F 366 -14.71 -63.12 -34.98
N THR F 367 -15.58 -62.71 -35.88
CA THR F 367 -15.23 -62.69 -37.29
C THR F 367 -14.72 -61.32 -37.75
N CYS F 368 -13.40 -61.15 -37.66
CA CYS F 368 -12.71 -59.91 -38.05
C CYS F 368 -12.81 -59.66 -39.55
N ARG F 369 -13.81 -58.88 -39.95
CA ARG F 369 -13.98 -58.59 -41.36
C ARG F 369 -13.36 -57.23 -41.69
N CYS F 370 -12.65 -57.13 -42.80
CA CYS F 370 -12.07 -55.85 -43.17
C CYS F 370 -12.78 -55.23 -44.36
N ALA F 371 -13.55 -54.20 -44.07
CA ALA F 371 -14.32 -53.49 -45.08
C ALA F 371 -13.47 -52.98 -46.24
N ASP F 372 -12.53 -52.08 -45.95
CA ASP F 372 -11.72 -51.54 -47.04
C ASP F 372 -11.01 -52.69 -47.74
N PRO F 373 -9.77 -53.05 -47.34
CA PRO F 373 -9.22 -54.19 -48.11
C PRO F 373 -10.14 -55.39 -47.80
N PRO F 374 -11.02 -55.74 -48.74
CA PRO F 374 -11.92 -56.86 -48.48
C PRO F 374 -11.14 -58.12 -48.13
N GLY F 375 -11.66 -58.88 -47.19
CA GLY F 375 -10.99 -60.10 -46.81
C GLY F 375 -11.20 -60.36 -45.34
N ILE F 376 -11.03 -61.60 -44.92
CA ILE F 376 -11.23 -61.95 -43.53
C ILE F 376 -9.95 -62.20 -42.75
N ILE F 377 -9.55 -61.22 -41.96
CA ILE F 377 -8.36 -61.35 -41.15
C ILE F 377 -8.48 -62.56 -40.25
N SER F 378 -7.42 -63.36 -40.20
CA SER F 378 -7.42 -64.54 -39.36
C SER F 378 -6.02 -64.84 -38.84
N GLN F 379 -5.98 -65.58 -37.74
CA GLN F 379 -4.72 -65.90 -37.10
C GLN F 379 -4.33 -67.37 -37.22
N ASN F 380 -3.07 -67.65 -36.95
CA ASN F 380 -2.58 -69.01 -37.03
C ASN F 380 -1.14 -69.14 -36.51
N TYR F 381 -0.85 -70.31 -35.94
CA TYR F 381 0.46 -70.62 -35.36
C TYR F 381 1.11 -69.49 -34.56
N GLY F 382 1.07 -69.63 -33.24
CA GLY F 382 1.68 -68.66 -32.34
C GLY F 382 1.13 -67.25 -32.45
N GLU F 383 -0.19 -67.14 -32.61
CA GLU F 383 -0.83 -65.84 -32.72
C GLU F 383 -1.83 -65.60 -31.59
N ALA F 384 -2.85 -66.46 -31.49
CA ALA F 384 -3.85 -66.32 -30.42
C ALA F 384 -4.69 -65.04 -30.53
N VAL F 385 -4.03 -63.92 -30.77
CA VAL F 385 -4.74 -62.66 -30.92
C VAL F 385 -4.12 -61.91 -32.08
N SER F 386 -4.98 -61.28 -32.86
CA SER F 386 -4.56 -60.54 -34.05
C SER F 386 -4.39 -59.03 -33.78
N LEU F 387 -3.36 -58.45 -34.36
CA LEU F 387 -3.09 -57.02 -34.21
C LEU F 387 -3.42 -56.41 -35.54
N ILE F 388 -4.51 -55.66 -35.60
CA ILE F 388 -4.92 -55.05 -36.85
C ILE F 388 -4.56 -53.56 -36.97
N ASP F 389 -3.50 -53.32 -37.73
CA ASP F 389 -2.91 -52.00 -38.00
C ASP F 389 -3.67 -51.30 -39.10
N ARG F 390 -3.29 -50.05 -39.37
CA ARG F 390 -3.87 -49.28 -40.45
C ARG F 390 -3.30 -49.98 -41.67
N GLN F 391 -2.03 -50.35 -41.56
CA GLN F 391 -1.32 -51.03 -42.64
C GLN F 391 -2.08 -52.31 -43.00
N SER F 392 -2.22 -53.18 -42.02
CA SER F 392 -2.92 -54.44 -42.20
C SER F 392 -4.28 -54.26 -42.86
N CYS F 393 -5.06 -53.30 -42.36
CA CYS F 393 -6.39 -53.04 -42.89
C CYS F 393 -6.89 -51.66 -42.47
N ASN F 394 -7.54 -50.94 -43.37
CA ASN F 394 -8.05 -49.61 -43.07
C ASN F 394 -9.36 -49.60 -42.27
N ILE F 395 -10.30 -50.46 -42.65
CA ILE F 395 -11.60 -50.51 -41.98
C ILE F 395 -11.91 -51.90 -41.46
N LEU F 396 -11.98 -52.02 -40.14
CA LEU F 396 -12.27 -53.28 -39.47
C LEU F 396 -13.74 -53.32 -39.11
N SER F 397 -14.20 -54.50 -38.71
CA SER F 397 -15.58 -54.68 -38.26
C SER F 397 -15.62 -55.91 -37.35
N LEU F 398 -15.76 -55.66 -36.06
CA LEU F 398 -15.78 -56.71 -35.07
C LEU F 398 -17.14 -57.26 -34.66
N ASP F 399 -17.85 -57.84 -35.64
CA ASP F 399 -19.15 -58.43 -35.38
C ASP F 399 -20.02 -57.52 -34.50
N GLY F 400 -20.61 -56.51 -35.14
CA GLY F 400 -21.45 -55.56 -34.45
C GLY F 400 -21.06 -54.14 -34.80
N ILE F 401 -19.78 -53.81 -34.58
CA ILE F 401 -19.27 -52.48 -34.85
C ILE F 401 -18.34 -52.42 -36.06
N THR F 402 -17.93 -51.20 -36.44
CA THR F 402 -17.08 -50.98 -37.61
C THR F 402 -16.14 -49.81 -37.43
N LEU F 403 -14.91 -50.08 -36.99
CA LEU F 403 -13.93 -49.02 -36.78
C LEU F 403 -13.18 -48.56 -38.02
N ARG F 404 -12.79 -47.30 -37.99
CA ARG F 404 -12.04 -46.68 -39.06
C ARG F 404 -10.61 -46.71 -38.58
N LEU F 405 -9.80 -47.62 -39.09
CA LEU F 405 -8.44 -47.69 -38.63
C LEU F 405 -7.47 -46.61 -39.11
N SER F 406 -7.82 -45.88 -40.17
CA SER F 406 -6.98 -44.82 -40.75
C SER F 406 -7.80 -43.68 -41.34
N GLY F 407 -7.16 -42.55 -41.59
CA GLY F 407 -7.87 -41.41 -42.17
C GLY F 407 -7.27 -40.08 -41.75
N GLU F 408 -7.38 -39.06 -42.59
CA GLU F 408 -6.80 -37.78 -42.25
C GLU F 408 -7.60 -36.57 -42.68
N PHE F 409 -7.16 -35.42 -42.21
CA PHE F 409 -7.80 -34.15 -42.48
C PHE F 409 -6.73 -33.07 -42.45
N ASP F 410 -6.92 -32.04 -43.26
CA ASP F 410 -5.99 -30.92 -43.27
C ASP F 410 -6.84 -29.73 -43.65
N ALA F 411 -6.36 -28.56 -43.28
CA ALA F 411 -7.04 -27.31 -43.55
C ALA F 411 -6.03 -26.23 -43.23
N THR F 412 -6.47 -24.98 -43.31
CA THR F 412 -5.60 -23.88 -43.01
C THR F 412 -6.47 -22.86 -42.37
N TYR F 413 -5.86 -21.98 -41.61
CA TYR F 413 -6.60 -20.94 -40.96
C TYR F 413 -5.74 -19.73 -41.21
N GLN F 414 -6.34 -18.68 -41.77
CA GLN F 414 -5.63 -17.44 -42.05
C GLN F 414 -6.62 -16.34 -42.29
N LYS F 415 -6.16 -15.11 -42.19
CA LYS F 415 -7.05 -13.98 -42.42
C LYS F 415 -6.64 -13.12 -43.59
N ASN F 416 -7.65 -12.60 -44.30
CA ASN F 416 -7.44 -11.74 -45.45
C ASN F 416 -7.95 -10.37 -45.08
N ILE F 417 -7.03 -9.43 -44.90
CA ILE F 417 -7.41 -8.07 -44.55
C ILE F 417 -7.88 -7.35 -45.81
N SER F 418 -8.84 -6.45 -45.65
CA SER F 418 -9.39 -5.72 -46.79
C SER F 418 -9.59 -4.25 -46.48
N ILE F 419 -8.55 -3.47 -46.74
CA ILE F 419 -8.60 -2.04 -46.48
C ILE F 419 -9.65 -1.33 -47.33
N GLN F 420 -10.21 -0.27 -46.74
CA GLN F 420 -11.23 0.55 -47.37
C GLN F 420 -10.64 1.92 -47.68
N ASP F 421 -10.79 2.38 -48.92
CA ASP F 421 -10.24 3.68 -49.31
C ASP F 421 -11.10 4.86 -48.86
N SER F 422 -10.49 6.05 -48.87
CA SER F 422 -11.17 7.27 -48.46
C SER F 422 -11.07 8.37 -49.50
N GLN F 423 -10.94 9.62 -49.03
CA GLN F 423 -10.84 10.79 -49.91
C GLN F 423 -10.64 12.10 -49.14
C1 NAG G . -5.05 45.33 -1.32
C2 NAG G . -6.22 46.22 -1.77
C3 NAG G . -7.50 45.39 -1.78
C4 NAG G . -7.31 44.13 -2.66
C5 NAG G . -6.06 43.35 -2.18
C6 NAG G . -5.69 42.13 -3.01
C7 NAG G . -5.89 48.53 -1.17
C8 NAG G . -6.10 49.66 -0.18
N2 NAG G . -6.38 47.33 -0.86
O3 NAG G . -8.56 46.17 -2.30
O4 NAG G . -8.49 43.30 -2.57
O5 NAG G . -4.91 44.22 -2.20
O6 NAG G . -6.82 41.56 -3.65
O7 NAG G . -5.29 48.74 -2.22
C1 NAG G . -9.21 43.17 -3.76
C2 NAG G . -10.25 42.07 -3.64
C3 NAG G . -10.99 41.98 -4.98
C4 NAG G . -11.61 43.33 -5.33
C5 NAG G . -10.55 44.43 -5.31
C6 NAG G . -11.13 45.81 -5.48
C7 NAG G . -8.94 40.11 -4.19
C8 NAG G . -8.36 38.77 -3.75
N2 NAG G . -9.64 40.79 -3.30
O3 NAG G . -11.99 40.98 -4.90
O4 NAG G . -12.22 43.26 -6.63
O5 NAG G . -9.86 44.43 -4.03
O6 NAG G . -11.49 46.37 -4.23
O7 NAG G . -8.76 40.51 -5.35
C1 NAG H . 29.22 49.97 15.41
C2 NAG H . 29.37 49.35 14.00
C3 NAG H . 29.53 47.82 14.11
C4 NAG H . 30.66 47.45 15.07
C5 NAG H . 30.42 48.15 16.42
C6 NAG H . 31.50 47.89 17.45
C7 NAG H . 28.32 49.67 11.86
C8 NAG H . 27.04 49.94 11.07
N2 NAG H . 28.21 49.63 13.18
O3 NAG H . 29.77 47.29 12.82
O4 NAG H . 30.68 46.02 15.25
O5 NAG H . 30.34 49.58 16.23
O6 NAG H . 31.08 46.91 18.39
O7 NAG H . 29.39 49.54 11.26
C1 NAG H . 31.52 45.26 14.46
C2 NAG H . 31.71 43.86 15.16
C3 NAG H . 31.41 42.58 14.33
C4 NAG H . 30.59 42.87 13.09
C5 NAG H . 31.25 44.02 12.37
C6 NAG H . 30.74 44.24 10.96
C7 NAG H . 33.47 44.47 16.71
C8 NAG H . 34.92 44.32 17.14
N2 NAG H . 33.08 43.77 15.64
O3 NAG H . 30.72 41.67 15.16
O4 NAG H . 30.45 41.69 12.24
O5 NAG H . 30.96 45.21 13.12
O6 NAG H . 29.32 44.22 10.90
O7 NAG H . 32.71 45.20 17.35
C1 BMA H . 31.54 41.03 11.68
C2 BMA H . 32.17 40.09 12.72
C3 BMA H . 33.28 39.24 12.08
C4 BMA H . 32.71 38.49 10.86
C5 BMA H . 32.03 39.47 9.89
C6 BMA H . 31.29 38.70 8.80
O2 BMA H . 31.17 39.25 13.27
O3 BMA H . 33.77 38.30 13.04
O4 BMA H . 33.76 37.81 10.19
O5 BMA H . 31.03 40.26 10.58
O6 BMA H . 31.87 38.93 7.52
C1 NAG I . 26.54 42.19 -1.10
C2 NAG I . 27.23 42.42 -2.44
C3 NAG I . 28.22 41.29 -2.71
C4 NAG I . 29.23 41.20 -1.56
C5 NAG I . 28.46 41.02 -0.25
C6 NAG I . 29.37 40.97 0.96
C7 NAG I . 25.79 43.66 -3.90
C8 NAG I . 24.78 43.65 -5.04
N2 NAG I . 26.26 42.47 -3.51
O3 NAG I . 28.90 41.54 -3.93
O4 NAG I . 30.11 40.08 -1.77
O5 NAG I . 27.54 42.11 -0.06
O6 NAG I . 30.25 42.10 0.97
O7 NAG I . 26.13 44.73 -3.39
C1 NAG I . 31.38 40.33 -2.28
C2 NAG I . 32.27 39.12 -1.99
C3 NAG I . 33.63 39.29 -2.67
C4 NAG I . 33.43 39.54 -4.17
C5 NAG I . 32.49 40.73 -4.38
C6 NAG I . 32.14 40.84 -5.84
C7 NAG I . 31.72 38.05 0.10
C8 NAG I . 31.93 37.93 1.60
N2 NAG I . 32.43 38.97 -0.56
O3 NAG I . 34.39 38.11 -2.49
O4 NAG I . 34.70 39.81 -4.80
O5 NAG I . 31.24 40.51 -3.70
O6 NAG I . 31.33 39.74 -6.24
O7 NAG I . 30.93 37.30 -0.47
C1 NAG J . 15.94 71.28 -20.01
C2 NAG J . 16.93 71.00 -21.16
C3 NAG J . 16.24 70.28 -22.32
C4 NAG J . 15.34 69.19 -21.71
C5 NAG J . 14.16 69.87 -20.99
C6 NAG J . 13.48 69.06 -19.90
C7 NAG J . 18.50 72.80 -20.88
C8 NAG J . 19.11 74.09 -21.40
N2 NAG J . 17.55 72.23 -21.61
O3 NAG J . 17.20 69.68 -23.17
O4 NAG J . 14.86 68.30 -22.74
O5 NAG J . 14.55 71.16 -20.42
O6 NAG J . 14.35 68.12 -19.27
O7 NAG J . 18.92 72.32 -19.83
C1 NAG J . 14.74 66.93 -22.46
C2 NAG J . 15.64 66.50 -21.28
C3 NAG J . 15.47 64.99 -21.04
C4 NAG J . 13.98 64.63 -20.87
C5 NAG J . 13.11 65.23 -22.01
C6 NAG J . 11.62 65.09 -21.72
C7 NAG J . 17.77 67.39 -20.56
C8 NAG J . 19.22 67.70 -20.90
N2 NAG J . 17.04 66.83 -21.52
O3 NAG J . 16.17 64.60 -19.86
O4 NAG J . 13.83 63.19 -20.86
O5 NAG J . 13.37 66.64 -22.16
O6 NAG J . 11.29 65.59 -20.44
O7 NAG J . 17.33 67.66 -19.44
C1 NAG K . 11.93 56.90 22.72
C2 NAG K . 12.57 58.22 23.17
C3 NAG K . 12.62 58.32 24.68
C4 NAG K . 11.25 58.06 25.31
C5 NAG K . 10.72 56.72 24.80
C6 NAG K . 9.30 56.48 25.29
C7 NAG K . 14.22 59.14 21.67
C8 NAG K . 15.67 59.19 21.23
N2 NAG K . 13.93 58.32 22.67
O3 NAG K . 13.06 59.62 25.02
O4 NAG K . 11.38 58.01 26.76
O5 NAG K . 10.65 56.72 23.36
O6 NAG K . 8.36 57.09 24.41
O7 NAG K . 13.37 59.83 21.08
C1 NAG K . 11.20 59.18 27.49
C2 NAG K . 10.78 58.84 28.91
C3 NAG K . 10.65 60.10 29.75
C4 NAG K . 11.95 60.90 29.69
C5 NAG K . 12.37 61.14 28.24
C6 NAG K . 13.74 61.77 28.15
C7 NAG K . 9.47 56.84 28.98
C8 NAG K . 8.10 56.16 28.92
N2 NAG K . 9.50 58.16 28.87
O3 NAG K . 10.39 59.73 31.08
O4 NAG K . 11.77 62.16 30.36
O5 NAG K . 12.45 59.88 27.53
O6 NAG K . 14.19 61.83 26.81
O7 NAG K . 10.49 56.15 29.10
C1 NAG L . -23.31 -7.78 -37.75
C2 NAG L . -24.47 -6.84 -38.11
C3 NAG L . -25.75 -7.64 -38.27
C4 NAG L . -25.55 -8.74 -39.32
C5 NAG L . -24.35 -9.61 -38.92
C6 NAG L . -24.03 -10.66 -39.96
C7 NAG L . -24.37 -4.59 -37.29
C8 NAG L . -24.64 -3.60 -36.16
N2 NAG L . -24.68 -5.86 -37.07
O3 NAG L . -26.80 -6.77 -38.69
O4 NAG L . -26.75 -9.56 -39.41
O5 NAG L . -23.16 -8.79 -38.77
O6 NAG L . -24.91 -11.76 -39.88
O7 NAG L . -23.84 -4.20 -38.33
C1 NAG L . -27.51 -9.42 -40.57
C2 NAG L . -28.43 -10.65 -40.74
C3 NAG L . -29.33 -10.45 -41.96
C4 NAG L . -30.10 -9.14 -41.82
C5 NAG L . -29.13 -7.96 -41.58
C6 NAG L . -29.85 -6.65 -41.31
C7 NAG L . -27.65 -12.81 -39.97
C8 NAG L . -26.79 -14.04 -40.22
N2 NAG L . -27.64 -11.87 -40.90
O3 NAG L . -30.24 -11.53 -42.06
O4 NAG L . -30.89 -8.90 -43.01
O5 NAG L . -28.31 -8.23 -40.43
O6 NAG L . -30.26 -6.58 -39.95
O7 NAG L . -28.32 -12.73 -38.93
C1 NAG M . 8.22 -10.83 -38.22
C2 NAG M . 8.82 -10.56 -39.62
C3 NAG M . 9.83 -11.65 -40.01
C4 NAG M . 10.84 -11.91 -38.87
C5 NAG M . 10.10 -12.14 -37.55
C6 NAG M . 11.06 -12.30 -36.40
C7 NAG M . 7.43 -9.36 -41.20
C8 NAG M . 6.30 -9.40 -42.24
N2 NAG M . 7.76 -10.51 -40.61
O3 NAG M . 10.52 -11.25 -41.17
O4 NAG M . 11.66 -13.06 -39.18
O5 NAG M . 9.27 -11.00 -37.26
O6 NAG M . 12.21 -11.50 -36.58
O7 NAG M . 7.99 -8.29 -40.95
C1 NAG M . 12.92 -12.78 -39.70
C2 NAG M . 13.91 -13.89 -39.35
C3 NAG M . 15.25 -13.66 -40.04
C4 NAG M . 15.06 -13.45 -41.54
C5 NAG M . 14.05 -12.33 -41.76
C6 NAG M . 13.75 -12.06 -43.23
C7 NAG M . 13.40 -14.77 -37.17
C8 NAG M . 13.67 -14.78 -35.67
N2 NAG M . 14.12 -13.94 -37.92
O3 NAG M . 16.11 -14.76 -39.83
O4 NAG M . 16.33 -13.14 -42.15
O5 NAG M . 12.80 -12.66 -41.12
O6 NAG M . 13.21 -13.22 -43.86
O7 NAG M . 12.51 -15.49 -37.63
C1 NAG N . -6.16 3.16 -13.68
C2 NAG N . -5.71 4.49 -13.06
C3 NAG N . -5.80 4.43 -11.52
C4 NAG N . -7.14 3.88 -11.05
C5 NAG N . -7.48 2.58 -11.79
C6 NAG N . -8.87 2.03 -11.44
C7 NAG N . -4.09 5.50 -14.53
C8 NAG N . -2.63 5.74 -14.89
N2 NAG N . -4.34 4.76 -13.45
O3 NAG N . -5.64 5.73 -10.98
O4 NAG N . -7.03 3.60 -9.62
O5 NAG N . -7.46 2.80 -13.21
O6 NAG N . -9.90 2.97 -11.72
O7 NAG N . -4.98 5.97 -15.24
C1 NAG N . -7.50 4.58 -8.76
C2 NAG N . -8.20 3.91 -7.58
C3 NAG N . -8.52 4.92 -6.48
C4 NAG N . -7.34 5.84 -6.16
C5 NAG N . -6.75 6.41 -7.44
C6 NAG N . -5.53 7.27 -7.22
C7 NAG N . -9.59 1.97 -8.00
C8 NAG N . -10.92 1.41 -8.51
N2 NAG N . -9.43 3.29 -8.05
O3 NAG N . -8.90 4.22 -5.31
O4 NAG N . -7.79 6.92 -5.30
O5 NAG N . -6.36 5.33 -8.32
O6 NAG N . -5.26 8.04 -8.37
O7 NAG N . -8.74 1.20 -7.55
C1 NAG O . 9.08 37.44 -10.45
C2 NAG O . 7.79 38.01 -9.86
C3 NAG O . 6.88 36.89 -9.34
C4 NAG O . 6.69 35.79 -10.39
C5 NAG O . 8.06 35.32 -10.92
C6 NAG O . 7.93 34.31 -12.05
C7 NAG O . 7.23 39.83 -8.39
C8 NAG O . 7.65 40.72 -7.24
N2 NAG O . 8.11 38.90 -8.77
O3 NAG O . 5.62 37.44 -9.00
O4 NAG O . 5.97 34.69 -9.81
O5 NAG O . 8.80 36.45 -11.44
O6 NAG O . 8.17 32.99 -11.60
O7 NAG O . 6.13 39.97 -8.93
C1 NAG P . -15.52 27.17 -41.74
C2 NAG P . -16.94 27.50 -42.22
C3 NAG P . -17.76 28.21 -41.13
C4 NAG P . -17.63 27.51 -39.76
C5 NAG P . -16.16 27.26 -39.43
C6 NAG P . -15.95 26.52 -38.12
C7 NAG P . -16.59 27.85 -44.58
C8 NAG P . -16.50 28.83 -45.75
N2 NAG P . -16.85 28.37 -43.38
O3 NAG P . -19.12 28.23 -41.53
O4 NAG P . -18.22 28.33 -38.74
O5 NAG P . -15.56 26.47 -40.48
O6 NAG P . -15.57 25.16 -38.34
O7 NAG P . -16.43 26.65 -44.79
C1 NAG Q . -23.58 0.55 -19.42
C2 NAG Q . -22.26 0.88 -18.67
C3 NAG Q . -22.16 0.12 -17.33
C4 NAG Q . -23.44 0.25 -16.53
C5 NAG Q . -24.58 -0.26 -17.39
C6 NAG Q . -25.91 -0.29 -16.68
C7 NAG Q . -20.18 1.45 -19.74
C8 NAG Q . -19.00 1.00 -20.62
N2 NAG Q . -21.12 0.55 -19.49
O3 NAG Q . -21.07 0.62 -16.57
O4 NAG Q . -23.35 -0.50 -15.30
O5 NAG Q . -24.72 0.59 -18.55
O6 NAG Q . -26.46 -1.60 -16.69
O7 NAG Q . -20.22 2.61 -19.31
C1 NAG R . 5.30 26.84 -38.62
C2 NAG R . 5.84 27.90 -37.63
C3 NAG R . 7.39 27.88 -37.53
C4 NAG R . 7.96 26.45 -37.46
C5 NAG R . 7.35 25.61 -38.58
C6 NAG R . 7.86 24.17 -38.59
C7 NAG R . 4.17 29.65 -37.91
C8 NAG R . 3.87 31.06 -38.40
N2 NAG R . 5.43 29.22 -38.05
O3 NAG R . 7.78 28.62 -36.39
O4 NAG R . 9.39 26.49 -37.59
O5 NAG R . 5.92 25.56 -38.43
O6 NAG R . 6.82 23.25 -38.28
O7 NAG R . 3.28 28.96 -37.42
#